data_6VTG
#
_entry.id   6VTG
#
_cell.length_a   124.101
_cell.length_b   104.037
_cell.length_c   119.974
_cell.angle_alpha   90.000
_cell.angle_beta   90.000
_cell.angle_gamma   90.000
#
_symmetry.space_group_name_H-M   'P 21 21 2'
#
loop_
_entity.id
_entity.type
_entity.pdbx_description
1 polymer 'RNA ligase'
2 water water
#
_entity_poly.entity_id   1
_entity_poly.type   'polypeptide(L)'
_entity_poly.pdbx_seq_one_letter_code
;SMGVRKLATIRTAGEITPIAGAEAIECCHVDGWTCVIKKGEFKQGDRGVYFEIDSFIKEDNDRYPMLSKQVIDYEGQRGT
RLRTARLRGQLSQGLFLPMDRFPELASNQVGDDVTEILGITKWEPPISTNLSGEILGEFPTFISKTDQERVQNLIPQIEE
NKGQKFEVTVKLDGSSMTVYRKDDHIGVCGRNWELRETATNAQWHAARRNKMIEGLQFLNRNLALQGAIIGESIQGNLEK
LKGQDFYLFDIYDIDKAQYLTPIERQSLVKQLNDNGFTVKHVPILDDLELNHTAEQILAMADGPSLNKNVKREGLVFKRL
DGKFSFKAISNAYLEKHKDR
;
_entity_poly.pdbx_strand_id   A,B,C,D
#
# COMPACT_ATOMS: atom_id res chain seq x y z
N SER A 1 13.10 -17.98 0.18
CA SER A 1 12.72 -17.72 -1.20
C SER A 1 13.61 -16.65 -1.87
N MET A 2 13.06 -15.46 -2.08
CA MET A 2 13.68 -14.44 -2.91
C MET A 2 12.94 -13.12 -2.67
N GLY A 3 13.39 -12.07 -3.35
CA GLY A 3 12.74 -10.76 -3.28
C GLY A 3 12.24 -10.28 -4.63
N VAL A 4 12.93 -9.32 -5.23
CA VAL A 4 12.69 -8.90 -6.60
C VAL A 4 13.98 -8.77 -7.37
N ARG A 5 13.85 -8.89 -8.68
CA ARG A 5 14.98 -9.19 -9.53
C ARG A 5 15.84 -7.97 -9.82
N LYS A 6 17.09 -8.25 -10.11
CA LYS A 6 18.13 -7.27 -10.43
C LYS A 6 18.49 -7.55 -11.87
N LEU A 7 17.71 -6.93 -12.78
CA LEU A 7 17.80 -7.26 -14.18
C LEU A 7 19.10 -6.76 -14.80
N ALA A 8 19.57 -5.61 -14.35
CA ALA A 8 20.79 -5.00 -14.88
C ALA A 8 21.77 -4.80 -13.74
N THR A 9 22.89 -5.53 -13.79
CA THR A 9 23.87 -5.51 -12.73
C THR A 9 25.27 -5.33 -13.30
N ILE A 10 26.14 -4.73 -12.49
CA ILE A 10 27.55 -4.61 -12.83
C ILE A 10 28.27 -5.85 -12.32
N ARG A 11 28.82 -6.63 -13.23
CA ARG A 11 29.51 -7.87 -12.90
C ARG A 11 30.89 -7.90 -13.58
N THR A 12 31.58 -9.03 -13.43
CA THR A 12 32.90 -9.21 -14.02
C THR A 12 32.90 -10.42 -14.95
N ALA A 13 33.53 -10.25 -16.11
CA ALA A 13 33.64 -11.32 -17.08
C ALA A 13 34.38 -12.51 -16.47
N GLY A 14 33.77 -13.68 -16.59
CA GLY A 14 34.47 -14.89 -16.20
C GLY A 14 35.38 -15.38 -17.31
N GLU A 15 35.44 -16.69 -17.50
CA GLU A 15 36.34 -17.27 -18.49
C GLU A 15 35.79 -16.99 -19.88
N ILE A 16 36.67 -16.58 -20.81
CA ILE A 16 36.29 -16.22 -22.17
C ILE A 16 36.87 -17.25 -23.14
N THR A 17 36.00 -17.86 -23.94
CA THR A 17 36.29 -18.97 -24.83
C THR A 17 35.92 -18.64 -26.27
N PRO A 18 36.58 -19.26 -27.25
CA PRO A 18 36.21 -19.05 -28.65
C PRO A 18 34.89 -19.70 -29.03
N ILE A 19 34.32 -19.23 -30.13
CA ILE A 19 33.13 -19.79 -30.77
C ILE A 19 33.53 -20.27 -32.16
N ALA A 20 33.53 -21.59 -32.37
CA ALA A 20 34.05 -22.16 -33.60
C ALA A 20 33.40 -21.56 -34.84
N GLY A 21 34.22 -21.33 -35.86
CA GLY A 21 33.76 -20.86 -37.15
C GLY A 21 33.16 -19.47 -37.15
N ALA A 22 32.81 -18.99 -35.98
CA ALA A 22 32.33 -17.63 -35.82
C ALA A 22 33.40 -16.95 -34.99
N GLU A 23 34.32 -16.26 -35.66
CA GLU A 23 35.46 -15.67 -34.97
C GLU A 23 35.42 -14.14 -35.02
N ALA A 24 34.22 -13.57 -35.12
CA ALA A 24 34.00 -12.17 -34.84
C ALA A 24 33.30 -11.99 -33.50
N ILE A 25 32.88 -13.10 -32.89
CA ILE A 25 32.30 -13.13 -31.55
C ILE A 25 33.10 -14.14 -30.76
N GLU A 26 32.93 -14.09 -29.44
CA GLU A 26 33.49 -15.12 -28.59
C GLU A 26 32.51 -15.34 -27.44
N CYS A 27 32.70 -16.45 -26.76
CA CYS A 27 31.82 -16.87 -25.68
C CYS A 27 32.36 -16.30 -24.36
N CYS A 28 31.50 -15.61 -23.62
CA CYS A 28 31.90 -15.05 -22.33
C CYS A 28 31.03 -15.63 -21.24
N HIS A 29 31.69 -16.11 -20.20
CA HIS A 29 31.02 -16.59 -19.01
C HIS A 29 30.84 -15.44 -18.06
N VAL A 30 29.60 -15.23 -17.65
CA VAL A 30 29.26 -14.27 -16.61
C VAL A 30 28.53 -15.11 -15.59
N ASP A 31 28.80 -14.86 -14.31
CA ASP A 31 29.22 -15.93 -13.42
C ASP A 31 28.69 -17.31 -13.78
N GLY A 32 27.39 -17.53 -13.70
CA GLY A 32 26.83 -18.81 -14.10
C GLY A 32 26.25 -18.84 -15.50
N TRP A 33 26.22 -17.71 -16.19
CA TRP A 33 25.66 -17.59 -17.52
C TRP A 33 26.76 -17.70 -18.56
N THR A 34 26.37 -18.07 -19.76
CA THR A 34 27.24 -17.94 -20.91
C THR A 34 26.59 -16.93 -21.83
N CYS A 35 27.40 -15.99 -22.33
CA CYS A 35 26.84 -14.83 -23.00
C CYS A 35 27.81 -14.40 -24.10
N VAL A 36 27.30 -14.24 -25.33
CA VAL A 36 28.14 -13.99 -26.50
C VAL A 36 28.55 -12.51 -26.55
N ILE A 37 29.84 -12.26 -26.73
CA ILE A 37 30.37 -10.92 -26.84
C ILE A 37 31.15 -10.80 -28.13
N LYS A 38 31.33 -9.56 -28.56
CA LYS A 38 32.21 -9.27 -29.69
C LYS A 38 33.67 -9.46 -29.30
N LYS A 39 34.47 -9.88 -30.26
CA LYS A 39 35.87 -10.23 -30.04
C LYS A 39 36.59 -9.12 -29.29
N GLY A 40 37.37 -9.49 -28.26
CA GLY A 40 38.12 -8.44 -27.60
C GLY A 40 37.32 -7.40 -26.86
N GLU A 41 35.99 -7.52 -26.82
CA GLU A 41 35.21 -6.51 -26.10
C GLU A 41 35.57 -6.52 -24.63
N PHE A 42 35.79 -7.70 -24.07
CA PHE A 42 36.22 -7.83 -22.68
C PHE A 42 37.42 -8.76 -22.59
N LYS A 43 38.13 -8.66 -21.47
CA LYS A 43 39.05 -9.68 -21.02
C LYS A 43 38.63 -10.04 -19.59
N GLN A 44 38.97 -11.27 -19.19
CA GLN A 44 38.52 -11.79 -17.91
C GLN A 44 38.94 -10.85 -16.79
N GLY A 45 37.97 -10.42 -15.99
CA GLY A 45 38.20 -9.46 -14.91
C GLY A 45 37.69 -8.06 -15.20
N ASP A 46 37.52 -7.70 -16.47
CA ASP A 46 36.99 -6.37 -16.78
C ASP A 46 35.53 -6.28 -16.40
N ARG A 47 35.10 -5.07 -16.04
CA ARG A 47 33.75 -4.83 -15.56
C ARG A 47 32.82 -4.44 -16.70
N GLY A 48 31.56 -4.83 -16.56
CA GLY A 48 30.52 -4.53 -17.54
C GLY A 48 29.15 -4.63 -16.91
N VAL A 49 28.14 -4.20 -17.67
CA VAL A 49 26.75 -4.28 -17.24
C VAL A 49 26.14 -5.56 -17.78
N TYR A 50 25.65 -6.41 -16.89
CA TYR A 50 25.01 -7.66 -17.30
C TYR A 50 23.50 -7.52 -17.18
N PHE A 51 22.81 -7.72 -18.30
CA PHE A 51 21.37 -7.75 -18.34
C PHE A 51 20.94 -9.21 -18.49
N GLU A 52 20.18 -9.71 -17.53
CA GLU A 52 19.71 -11.08 -17.60
C GLU A 52 18.61 -11.21 -18.65
N ILE A 53 18.38 -12.44 -19.10
CA ILE A 53 17.18 -12.74 -19.88
C ILE A 53 15.93 -12.25 -19.16
N ASP A 54 14.90 -11.88 -19.94
CA ASP A 54 13.62 -11.30 -19.54
C ASP A 54 13.78 -9.81 -19.28
N SER A 55 14.98 -9.25 -19.40
CA SER A 55 15.07 -7.81 -19.34
C SER A 55 14.38 -7.23 -20.56
N PHE A 56 13.78 -6.06 -20.39
CA PHE A 56 13.23 -5.33 -21.51
C PHE A 56 14.03 -4.05 -21.69
N ILE A 57 14.62 -3.88 -22.87
CA ILE A 57 15.55 -2.78 -23.10
C ILE A 57 14.97 -1.95 -24.23
N LYS A 58 14.58 -0.72 -23.89
CA LYS A 58 13.98 0.18 -24.88
C LYS A 58 14.98 0.47 -25.97
N GLU A 59 14.42 0.79 -27.14
CA GLU A 59 15.21 0.94 -28.37
C GLU A 59 16.16 2.11 -28.24
N ASP A 60 17.46 1.86 -28.51
CA ASP A 60 18.48 2.90 -28.35
C ASP A 60 19.70 2.53 -29.20
N ASN A 61 19.87 3.22 -30.33
CA ASN A 61 20.94 2.89 -31.26
C ASN A 61 22.27 3.49 -30.83
N ASP A 62 22.31 4.15 -29.69
CA ASP A 62 23.56 4.67 -29.15
C ASP A 62 24.20 3.69 -28.18
N ARG A 63 23.40 3.12 -27.29
CA ARG A 63 23.87 2.12 -26.33
C ARG A 63 23.63 0.70 -26.80
N TYR A 64 22.57 0.45 -27.53
CA TYR A 64 22.20 -0.92 -27.88
C TYR A 64 21.96 -1.10 -29.38
N PRO A 65 22.85 -0.60 -30.23
CA PRO A 65 22.64 -0.80 -31.67
C PRO A 65 22.67 -2.25 -32.04
N MET A 66 23.33 -3.09 -31.23
CA MET A 66 23.35 -4.52 -31.47
C MET A 66 22.04 -5.20 -31.11
N LEU A 67 21.10 -4.46 -30.52
CA LEU A 67 19.76 -4.95 -30.26
C LEU A 67 18.78 -4.52 -31.35
N SER A 68 19.27 -3.77 -32.34
CA SER A 68 18.40 -3.12 -33.30
C SER A 68 17.60 -4.13 -34.10
N LYS A 69 18.10 -5.36 -34.23
CA LYS A 69 17.45 -6.37 -35.05
C LYS A 69 16.58 -7.34 -34.25
N GLN A 70 16.30 -7.07 -32.98
CA GLN A 70 15.29 -7.86 -32.27
C GLN A 70 14.24 -6.95 -31.64
N VAL A 71 14.01 -5.77 -32.23
CA VAL A 71 13.06 -4.83 -31.65
C VAL A 71 11.66 -5.40 -31.79
N ILE A 72 10.94 -5.45 -30.68
CA ILE A 72 9.54 -5.85 -30.65
C ILE A 72 8.73 -4.70 -30.05
N ASP A 73 7.41 -4.83 -30.11
CA ASP A 73 6.57 -3.88 -29.43
C ASP A 73 6.08 -4.66 -28.20
N TYR A 74 6.24 -4.10 -27.01
CA TYR A 74 5.82 -4.76 -25.77
C TYR A 74 4.98 -3.81 -24.94
N GLU A 75 3.72 -4.18 -24.72
CA GLU A 75 2.83 -3.41 -23.86
C GLU A 75 2.69 -2.00 -24.41
N GLY A 76 2.71 -1.92 -25.72
CA GLY A 76 2.59 -0.65 -26.39
C GLY A 76 3.90 0.07 -26.55
N GLN A 77 5.01 -0.41 -25.94
CA GLN A 77 6.32 0.23 -26.03
C GLN A 77 7.31 -0.57 -26.86
N ARG A 78 8.08 0.13 -27.69
CA ARG A 78 9.06 -0.55 -28.52
C ARG A 78 10.43 -0.76 -27.85
N GLY A 79 10.88 -2.01 -27.86
CA GLY A 79 12.19 -2.34 -27.34
C GLY A 79 12.55 -3.79 -27.64
N THR A 80 13.64 -4.23 -27.02
CA THR A 80 14.15 -5.57 -27.22
C THR A 80 14.10 -6.31 -25.90
N ARG A 81 13.51 -7.49 -25.95
CA ARG A 81 13.45 -8.41 -24.83
C ARG A 81 14.60 -9.39 -24.95
N LEU A 82 15.38 -9.53 -23.88
CA LEU A 82 16.49 -10.50 -23.90
C LEU A 82 15.94 -11.87 -23.58
N ARG A 83 16.19 -12.83 -24.46
CA ARG A 83 15.68 -14.17 -24.26
C ARG A 83 16.77 -15.16 -24.65
N THR A 84 16.62 -16.39 -24.14
CA THR A 84 17.62 -17.40 -24.42
C THR A 84 17.68 -17.64 -25.92
N ALA A 85 18.90 -17.72 -26.44
CA ALA A 85 19.07 -17.81 -27.89
C ALA A 85 20.31 -18.61 -28.19
N ARG A 86 20.41 -19.04 -29.43
CA ARG A 86 21.54 -19.82 -29.91
C ARG A 86 22.08 -19.08 -31.11
N LEU A 87 23.30 -18.59 -30.98
CA LEU A 87 23.90 -17.77 -32.02
C LEU A 87 25.20 -18.42 -32.45
N ARG A 88 25.28 -18.76 -33.73
CA ARG A 88 26.38 -19.53 -34.29
C ARG A 88 26.61 -20.80 -33.49
N GLY A 89 25.50 -21.44 -33.11
CA GLY A 89 25.49 -22.68 -32.37
C GLY A 89 25.71 -22.54 -30.88
N GLN A 90 26.05 -21.35 -30.38
CA GLN A 90 26.37 -21.13 -28.97
C GLN A 90 25.15 -20.64 -28.20
N LEU A 91 24.76 -21.37 -27.16
CA LEU A 91 23.68 -20.91 -26.31
C LEU A 91 24.06 -19.57 -25.69
N SER A 92 23.16 -18.59 -25.76
CA SER A 92 23.50 -17.29 -25.23
C SER A 92 22.33 -16.72 -24.48
N GLN A 93 22.58 -16.28 -23.24
CA GLN A 93 21.54 -15.79 -22.37
C GLN A 93 22.03 -14.46 -21.80
N GLY A 94 21.29 -13.40 -22.09
CA GLY A 94 21.61 -12.09 -21.56
C GLY A 94 22.44 -11.26 -22.53
N LEU A 95 22.80 -10.07 -22.04
CA LEU A 95 23.62 -9.11 -22.76
C LEU A 95 24.68 -8.54 -21.81
N PHE A 96 25.93 -8.52 -22.26
CA PHE A 96 27.06 -8.03 -21.47
C PHE A 96 27.73 -6.91 -22.24
N LEU A 97 27.63 -5.68 -21.74
CA LEU A 97 28.16 -4.50 -22.41
C LEU A 97 29.19 -3.81 -21.55
N PRO A 98 30.24 -3.26 -22.16
CA PRO A 98 31.34 -2.67 -21.38
C PRO A 98 30.94 -1.42 -20.62
N MET A 99 31.71 -1.15 -19.56
CA MET A 99 31.47 0.01 -18.71
C MET A 99 31.64 1.33 -19.46
N ASP A 100 32.54 1.38 -20.44
CA ASP A 100 32.86 2.65 -21.10
C ASP A 100 31.71 3.19 -21.97
N ARG A 101 30.60 2.45 -22.10
CA ARG A 101 29.40 2.92 -22.80
C ARG A 101 28.36 3.46 -21.86
N PHE A 102 28.62 3.45 -20.56
CA PHE A 102 27.67 3.91 -19.55
C PHE A 102 28.42 4.83 -18.59
N PRO A 103 28.71 6.05 -19.02
CA PRO A 103 29.40 6.99 -18.13
C PRO A 103 28.71 7.19 -16.79
N GLU A 104 27.39 7.07 -16.73
CA GLU A 104 26.68 7.33 -15.48
C GLU A 104 26.92 6.27 -14.43
N LEU A 105 27.56 5.15 -14.77
CA LEU A 105 27.87 4.09 -13.82
C LEU A 105 29.33 4.08 -13.35
N ALA A 106 30.13 5.09 -13.72
CA ALA A 106 31.53 5.06 -13.32
C ALA A 106 31.69 5.01 -11.80
N SER A 107 30.87 5.77 -11.07
CA SER A 107 30.85 5.74 -9.61
C SER A 107 30.34 4.43 -9.04
N ASN A 108 29.84 3.53 -9.87
CA ASN A 108 29.02 2.43 -9.39
C ASN A 108 29.81 1.17 -9.02
N GLN A 109 29.14 0.36 -8.22
CA GLN A 109 29.50 -0.87 -7.54
C GLN A 109 29.63 -2.02 -8.54
N VAL A 110 30.40 -3.02 -8.16
CA VAL A 110 30.19 -4.35 -8.72
C VAL A 110 29.14 -5.02 -7.84
N GLY A 111 28.09 -5.54 -8.45
CA GLY A 111 26.93 -5.97 -7.71
C GLY A 111 25.80 -4.96 -7.69
N ASP A 112 26.07 -3.73 -8.14
CA ASP A 112 25.03 -2.71 -8.18
C ASP A 112 23.88 -3.15 -9.06
N ASP A 113 22.67 -2.98 -8.56
CA ASP A 113 21.48 -3.04 -9.39
C ASP A 113 21.29 -1.65 -9.99
N VAL A 114 21.50 -1.54 -11.29
CA VAL A 114 21.23 -0.30 -12.01
C VAL A 114 20.08 -0.49 -12.99
N THR A 115 19.20 -1.46 -12.70
CA THR A 115 18.03 -1.73 -13.53
C THR A 115 17.20 -0.46 -13.75
N GLU A 116 16.80 0.20 -12.66
CA GLU A 116 15.99 1.40 -12.79
C GLU A 116 16.84 2.59 -13.19
N ILE A 117 18.14 2.57 -12.85
CA ILE A 117 19.02 3.65 -13.29
C ILE A 117 19.04 3.73 -14.80
N LEU A 118 19.07 2.58 -15.48
CA LEU A 118 19.10 2.50 -16.94
C LEU A 118 17.72 2.34 -17.57
N GLY A 119 16.66 2.43 -16.78
CA GLY A 119 15.31 2.38 -17.30
C GLY A 119 14.87 1.04 -17.83
N ILE A 120 15.53 -0.02 -17.45
CA ILE A 120 15.19 -1.33 -17.98
C ILE A 120 14.11 -1.93 -17.09
N THR A 121 13.15 -2.64 -17.71
CA THR A 121 12.06 -3.28 -16.98
C THR A 121 12.01 -4.78 -17.30
N LYS A 122 11.20 -5.52 -16.53
CA LYS A 122 11.07 -6.97 -16.69
C LYS A 122 9.97 -7.30 -17.70
N TRP A 123 10.33 -8.10 -18.69
CA TRP A 123 9.36 -8.59 -19.64
C TRP A 123 8.65 -9.80 -19.07
N GLU A 124 7.34 -9.88 -19.31
CA GLU A 124 6.56 -11.01 -18.82
C GLU A 124 5.61 -11.50 -19.90
N PRO A 125 5.43 -12.81 -20.01
CA PRO A 125 4.46 -13.34 -20.98
C PRO A 125 3.07 -12.84 -20.63
N PRO A 126 2.15 -12.80 -21.59
CA PRO A 126 0.79 -12.34 -21.26
C PRO A 126 0.16 -13.23 -20.22
N ILE A 127 -0.66 -12.62 -19.37
CA ILE A 127 -1.31 -13.35 -18.30
C ILE A 127 -2.70 -12.77 -18.12
N SER A 128 -3.69 -13.64 -17.98
CA SER A 128 -5.04 -13.18 -17.72
C SER A 128 -5.24 -13.13 -16.20
N THR A 129 -5.26 -11.92 -15.65
CA THR A 129 -5.77 -11.66 -14.32
C THR A 129 -7.21 -12.12 -14.14
N ASN A 130 -7.68 -12.06 -12.91
CA ASN A 130 -9.08 -12.29 -12.63
C ASN A 130 -9.75 -10.97 -13.02
N LEU A 131 -11.03 -10.83 -12.75
CA LEU A 131 -11.63 -9.52 -12.94
C LEU A 131 -11.70 -8.80 -11.59
N SER A 132 -12.09 -7.53 -11.66
CA SER A 132 -12.31 -6.79 -10.42
C SER A 132 -13.57 -7.26 -9.70
N GLY A 133 -14.42 -8.01 -10.40
CA GLY A 133 -15.65 -8.55 -9.88
C GLY A 133 -15.48 -9.64 -8.84
N GLU A 134 -14.34 -10.35 -8.84
CA GLU A 134 -14.07 -11.29 -7.76
C GLU A 134 -12.92 -10.88 -6.85
N ILE A 135 -12.29 -9.71 -7.04
CA ILE A 135 -11.10 -9.39 -6.24
C ILE A 135 -11.50 -9.10 -4.81
N LEU A 136 -10.67 -9.56 -3.89
CA LEU A 136 -11.05 -9.47 -2.49
C LEU A 136 -10.35 -8.35 -1.73
N GLY A 137 -9.05 -8.17 -1.86
CA GLY A 137 -8.30 -7.15 -1.16
C GLY A 137 -6.89 -7.31 -1.71
N GLU A 138 -5.81 -6.96 -0.99
CA GLU A 138 -4.53 -7.12 -1.67
C GLU A 138 -3.95 -8.46 -1.17
N PHE A 139 -3.00 -9.01 -1.91
CA PHE A 139 -2.46 -10.29 -1.49
C PHE A 139 -1.85 -10.07 -0.10
N PRO A 140 -2.30 -10.81 0.91
CA PRO A 140 -2.04 -10.41 2.30
C PRO A 140 -0.59 -10.02 2.59
N THR A 141 -0.44 -8.87 3.25
CA THR A 141 0.87 -8.35 3.62
C THR A 141 1.65 -9.34 4.48
N PHE A 142 0.96 -10.19 5.24
CA PHE A 142 1.58 -11.07 6.21
C PHE A 142 1.95 -12.43 5.62
N ILE A 143 2.03 -12.55 4.30
CA ILE A 143 2.33 -13.82 3.67
C ILE A 143 3.48 -13.62 2.67
N SER A 144 4.50 -14.49 2.78
CA SER A 144 5.58 -14.52 1.79
C SER A 144 5.07 -14.99 0.44
N LYS A 145 5.70 -14.47 -0.64
CA LYS A 145 5.41 -14.91 -1.99
C LYS A 145 6.45 -15.93 -2.50
N THR A 146 6.24 -16.35 -3.75
CA THR A 146 6.73 -17.63 -4.28
C THR A 146 8.12 -17.62 -4.93
N ASP A 147 8.73 -16.46 -5.20
CA ASP A 147 9.88 -16.41 -6.09
C ASP A 147 11.09 -17.17 -5.54
N GLN A 148 11.90 -17.71 -6.46
CA GLN A 148 13.14 -18.42 -6.15
C GLN A 148 14.30 -17.84 -6.96
N GLU A 149 15.48 -17.76 -6.36
CA GLU A 149 16.65 -17.29 -7.09
C GLU A 149 17.19 -18.38 -8.02
N ARG A 150 17.78 -17.93 -9.12
CA ARG A 150 18.37 -18.84 -10.11
C ARG A 150 19.75 -19.27 -9.66
N VAL A 151 20.06 -20.55 -9.91
CA VAL A 151 21.38 -21.07 -9.58
C VAL A 151 22.48 -20.32 -10.31
N GLN A 152 22.20 -19.80 -11.50
CA GLN A 152 23.22 -19.12 -12.31
C GLN A 152 23.80 -17.90 -11.60
N ASN A 153 23.09 -17.35 -10.62
CA ASN A 153 23.57 -16.15 -9.93
C ASN A 153 24.15 -16.44 -8.56
N LEU A 154 24.26 -17.70 -8.17
CA LEU A 154 24.65 -18.04 -6.80
C LEU A 154 25.86 -18.94 -6.76
N ILE A 155 26.81 -18.67 -7.66
CA ILE A 155 27.96 -19.55 -7.84
C ILE A 155 28.88 -19.55 -6.59
N PRO A 156 29.11 -18.42 -5.89
CA PRO A 156 29.89 -18.55 -4.65
C PRO A 156 29.20 -19.40 -3.60
N GLN A 157 27.87 -19.27 -3.45
CA GLN A 157 27.16 -20.00 -2.41
C GLN A 157 26.97 -21.48 -2.74
N ILE A 158 26.93 -21.82 -4.03
CA ILE A 158 26.86 -23.25 -4.39
C ILE A 158 28.12 -23.94 -3.89
N GLU A 159 29.21 -23.19 -3.79
CA GLU A 159 30.44 -23.74 -3.25
C GLU A 159 30.42 -23.80 -1.72
N GLU A 160 29.89 -22.77 -1.05
CA GLU A 160 29.85 -22.75 0.43
C GLU A 160 28.80 -23.65 1.03
N ASN A 161 27.76 -23.99 0.30
CA ASN A 161 26.75 -24.92 0.81
C ASN A 161 27.05 -26.33 0.32
N LYS A 162 28.25 -26.54 -0.20
CA LYS A 162 28.70 -27.86 -0.61
C LYS A 162 28.62 -28.84 0.56
N GLY A 163 28.03 -30.01 0.30
CA GLY A 163 27.85 -31.05 1.29
C GLY A 163 26.46 -31.17 1.88
N GLN A 164 25.71 -30.08 1.89
CA GLN A 164 24.33 -30.09 2.38
C GLN A 164 23.42 -30.92 1.49
N LYS A 165 22.22 -31.17 2.01
CA LYS A 165 21.24 -32.03 1.38
C LYS A 165 20.06 -31.18 0.89
N PHE A 166 19.43 -31.59 -0.22
CA PHE A 166 18.41 -30.71 -0.79
C PHE A 166 17.22 -31.56 -1.18
N GLU A 167 16.03 -31.10 -0.79
CA GLU A 167 14.81 -31.56 -1.43
C GLU A 167 14.76 -30.93 -2.81
N VAL A 168 14.56 -31.77 -3.82
CA VAL A 168 14.51 -31.31 -5.21
C VAL A 168 13.12 -31.63 -5.74
N THR A 169 12.47 -30.63 -6.32
CA THR A 169 11.11 -30.79 -6.82
C THR A 169 11.01 -30.22 -8.22
N VAL A 170 10.06 -30.75 -8.97
CA VAL A 170 9.81 -30.28 -10.31
C VAL A 170 9.07 -28.96 -10.24
N LYS A 171 9.55 -27.95 -10.97
CA LYS A 171 8.83 -26.69 -11.08
C LYS A 171 7.80 -26.82 -12.18
N LEU A 172 6.54 -26.58 -11.85
CA LEU A 172 5.45 -26.68 -12.81
C LEU A 172 5.05 -25.30 -13.31
N ASP A 173 4.40 -25.29 -14.47
CA ASP A 173 3.98 -24.05 -15.13
C ASP A 173 2.51 -23.79 -14.81
N GLY A 174 2.25 -22.87 -13.89
CA GLY A 174 0.86 -22.58 -13.59
C GLY A 174 0.66 -21.18 -13.02
N SER A 175 -0.54 -20.96 -12.53
CA SER A 175 -0.92 -19.67 -11.99
C SER A 175 -0.88 -19.74 -10.47
N SER A 176 -0.32 -18.70 -9.84
CA SER A 176 -0.02 -18.79 -8.42
C SER A 176 -1.27 -18.62 -7.58
N MET A 177 -1.33 -19.34 -6.47
CA MET A 177 -2.55 -19.49 -5.71
C MET A 177 -2.18 -19.69 -4.25
N THR A 178 -2.86 -19.00 -3.37
CA THR A 178 -2.56 -19.15 -1.95
C THR A 178 -3.87 -19.33 -1.21
N VAL A 179 -3.96 -20.41 -0.42
CA VAL A 179 -5.11 -20.65 0.45
C VAL A 179 -4.60 -20.55 1.87
N TYR A 180 -5.16 -19.63 2.65
CA TYR A 180 -4.59 -19.36 3.95
C TYR A 180 -5.68 -19.28 5.00
N ARG A 181 -5.25 -19.43 6.25
CA ARG A 181 -6.08 -19.24 7.44
C ARG A 181 -5.37 -18.25 8.34
N LYS A 182 -6.04 -17.13 8.67
CA LYS A 182 -5.68 -16.32 9.82
C LYS A 182 -6.97 -16.25 10.63
N ASP A 183 -6.83 -16.16 11.94
CA ASP A 183 -7.55 -17.04 12.85
C ASP A 183 -8.91 -17.54 12.39
N ASP A 184 -9.87 -16.67 12.18
CA ASP A 184 -11.19 -17.20 11.86
C ASP A 184 -11.49 -17.15 10.37
N HIS A 185 -10.71 -16.41 9.60
CA HIS A 185 -10.97 -16.18 8.19
C HIS A 185 -10.12 -17.15 7.38
N ILE A 186 -10.71 -17.71 6.33
CA ILE A 186 -10.01 -18.53 5.35
C ILE A 186 -10.14 -17.85 4.00
N GLY A 187 -9.04 -17.73 3.29
CA GLY A 187 -9.02 -16.98 2.05
C GLY A 187 -8.28 -17.71 0.99
N VAL A 188 -8.60 -17.37 -0.25
CA VAL A 188 -7.98 -17.90 -1.45
C VAL A 188 -7.42 -16.71 -2.21
N CYS A 189 -6.22 -16.88 -2.78
CA CYS A 189 -5.56 -15.80 -3.51
C CYS A 189 -5.02 -16.26 -4.86
N GLY A 190 -4.92 -15.29 -5.79
CA GLY A 190 -4.14 -15.43 -6.99
C GLY A 190 -2.69 -15.12 -6.71
N ARG A 191 -1.97 -14.65 -7.74
CA ARG A 191 -0.58 -14.29 -7.50
C ARG A 191 -0.48 -12.98 -6.73
N ASN A 192 -1.36 -12.02 -7.02
CA ASN A 192 -1.25 -10.67 -6.46
C ASN A 192 -2.47 -10.24 -5.67
N TRP A 193 -3.58 -10.99 -5.73
CA TRP A 193 -4.84 -10.60 -5.13
C TRP A 193 -5.47 -11.78 -4.41
N GLU A 194 -6.24 -11.42 -3.40
CA GLU A 194 -7.15 -12.35 -2.72
C GLU A 194 -8.48 -12.39 -3.47
N LEU A 195 -9.12 -13.57 -3.54
CA LEU A 195 -10.35 -13.71 -4.31
C LEU A 195 -11.52 -14.05 -3.39
N ARG A 196 -12.72 -13.59 -3.78
CA ARG A 196 -13.97 -13.83 -3.04
C ARG A 196 -14.51 -15.18 -3.50
N GLU A 197 -15.13 -15.90 -2.61
CA GLU A 197 -15.61 -17.22 -2.99
C GLU A 197 -16.87 -17.06 -3.80
N THR A 198 -16.80 -17.52 -5.04
CA THR A 198 -17.96 -17.82 -5.86
C THR A 198 -17.88 -19.30 -6.20
N ALA A 199 -19.01 -19.91 -6.52
CA ALA A 199 -18.94 -21.29 -6.97
C ALA A 199 -18.19 -21.43 -8.30
N THR A 200 -18.26 -20.41 -9.17
CA THR A 200 -17.62 -20.43 -10.49
C THR A 200 -16.10 -20.26 -10.44
N ASN A 201 -15.56 -19.62 -9.40
CA ASN A 201 -14.18 -19.14 -9.47
C ASN A 201 -13.22 -20.33 -9.43
N ALA A 202 -12.20 -20.28 -10.28
CA ALA A 202 -11.39 -21.48 -10.50
C ALA A 202 -10.50 -21.81 -9.30
N GLN A 203 -9.92 -20.79 -8.65
CA GLN A 203 -9.08 -21.05 -7.49
C GLN A 203 -9.90 -21.57 -6.31
N TRP A 204 -11.07 -20.96 -6.07
CA TRP A 204 -11.94 -21.48 -5.03
C TRP A 204 -12.45 -22.88 -5.37
N HIS A 205 -12.79 -23.12 -6.64
CA HIS A 205 -13.21 -24.46 -7.03
C HIS A 205 -12.16 -25.50 -6.71
N ALA A 206 -10.90 -25.25 -7.12
CA ALA A 206 -9.84 -26.19 -6.84
C ALA A 206 -9.61 -26.37 -5.35
N ALA A 207 -9.70 -25.27 -4.58
CA ALA A 207 -9.57 -25.38 -3.13
C ALA A 207 -10.71 -26.17 -2.51
N ARG A 208 -11.87 -26.17 -3.14
CA ARG A 208 -12.96 -26.87 -2.53
C ARG A 208 -13.04 -28.31 -2.98
N ARG A 209 -12.41 -28.64 -4.12
CA ARG A 209 -12.43 -30.02 -4.56
C ARG A 209 -11.40 -30.89 -3.83
N ASN A 210 -10.18 -30.38 -3.63
CA ASN A 210 -9.21 -31.08 -2.78
C ASN A 210 -9.47 -30.85 -1.29
N LYS A 211 -10.44 -30.03 -0.93
CA LYS A 211 -10.88 -29.83 0.45
C LYS A 211 -9.78 -29.25 1.34
N MET A 212 -9.09 -28.20 0.86
CA MET A 212 -7.98 -27.66 1.63
C MET A 212 -8.42 -26.53 2.54
N ILE A 213 -9.57 -25.94 2.26
CA ILE A 213 -10.21 -25.06 3.22
C ILE A 213 -10.56 -25.84 4.49
N GLU A 214 -11.22 -26.99 4.32
CA GLU A 214 -11.55 -27.82 5.48
C GLU A 214 -10.32 -28.46 6.08
N GLY A 215 -9.24 -28.59 5.29
CA GLY A 215 -8.00 -29.04 5.88
C GLY A 215 -7.37 -27.98 6.76
N LEU A 216 -7.52 -26.70 6.40
CA LEU A 216 -6.94 -25.68 7.26
C LEU A 216 -7.83 -25.40 8.47
N GLN A 217 -9.13 -25.67 8.39
CA GLN A 217 -9.94 -25.67 9.61
C GLN A 217 -9.49 -26.81 10.51
N PHE A 218 -9.18 -27.95 9.92
CA PHE A 218 -8.77 -29.11 10.69
C PHE A 218 -7.44 -28.87 11.37
N LEU A 219 -6.46 -28.33 10.64
CA LEU A 219 -5.15 -28.14 11.24
C LEU A 219 -5.16 -27.08 12.31
N ASN A 220 -6.15 -26.18 12.30
CA ASN A 220 -6.35 -25.20 13.38
C ASN A 220 -5.12 -24.33 13.61
N ARG A 221 -4.37 -24.09 12.55
CA ARG A 221 -3.20 -23.22 12.58
C ARG A 221 -3.35 -22.11 11.57
N ASN A 222 -2.56 -21.06 11.76
CA ASN A 222 -2.54 -19.91 10.86
C ASN A 222 -1.44 -20.19 9.84
N LEU A 223 -1.84 -20.78 8.72
CA LEU A 223 -0.89 -21.27 7.75
C LEU A 223 -1.33 -20.77 6.39
N ALA A 224 -0.38 -20.64 5.48
CA ALA A 224 -0.66 -20.24 4.11
C ALA A 224 -0.13 -21.33 3.19
N LEU A 225 -1.02 -21.98 2.46
CA LEU A 225 -0.65 -23.02 1.53
C LEU A 225 -0.43 -22.36 0.19
N GLN A 226 0.78 -22.46 -0.33
CA GLN A 226 1.17 -21.73 -1.51
C GLN A 226 1.57 -22.70 -2.61
N GLY A 227 1.02 -22.46 -3.78
CA GLY A 227 1.35 -23.27 -4.93
C GLY A 227 0.76 -22.66 -6.18
N ALA A 228 0.59 -23.53 -7.16
CA ALA A 228 0.07 -23.15 -8.46
C ALA A 228 -1.12 -24.02 -8.76
N ILE A 229 -2.11 -23.44 -9.43
CA ILE A 229 -3.16 -24.22 -10.05
C ILE A 229 -2.78 -24.33 -11.52
N ILE A 230 -2.75 -25.56 -12.04
CA ILE A 230 -2.30 -25.82 -13.40
C ILE A 230 -3.33 -26.73 -14.07
N GLY A 231 -3.51 -26.53 -15.37
CA GLY A 231 -4.42 -27.35 -16.13
C GLY A 231 -4.95 -26.56 -17.32
N GLU A 232 -6.16 -26.95 -17.77
CA GLU A 232 -6.79 -26.36 -18.93
C GLU A 232 -7.13 -24.90 -18.71
N SER A 233 -6.94 -24.10 -19.75
CA SER A 233 -7.18 -22.66 -19.78
C SER A 233 -6.20 -21.91 -18.89
N ILE A 234 -5.19 -22.58 -18.36
CA ILE A 234 -4.18 -21.90 -17.59
C ILE A 234 -2.87 -21.95 -18.36
N GLN A 235 -2.53 -20.80 -18.95
CA GLN A 235 -1.18 -20.51 -19.42
C GLN A 235 -0.54 -21.74 -20.08
N GLY A 236 -1.17 -22.19 -21.19
CA GLY A 236 -0.62 -23.20 -22.07
C GLY A 236 -0.95 -24.63 -21.71
N ASN A 237 -1.30 -24.89 -20.45
CA ASN A 237 -1.57 -26.25 -20.00
C ASN A 237 -0.47 -27.16 -20.51
N LEU A 238 0.77 -26.81 -20.14
CA LEU A 238 1.88 -27.51 -20.73
C LEU A 238 2.04 -28.91 -20.16
N GLU A 239 1.23 -29.33 -19.19
CA GLU A 239 1.19 -30.73 -18.81
C GLU A 239 -0.02 -31.49 -19.35
N LYS A 240 -0.90 -30.84 -20.11
CA LYS A 240 -2.00 -31.51 -20.82
C LYS A 240 -3.02 -32.14 -19.87
N LEU A 241 -3.12 -31.62 -18.64
CA LEU A 241 -3.90 -32.32 -17.63
C LEU A 241 -5.39 -32.14 -17.87
N LYS A 242 -6.17 -33.02 -17.25
CA LYS A 242 -7.63 -32.94 -17.30
C LYS A 242 -8.12 -31.98 -16.23
N GLY A 243 -8.76 -30.90 -16.66
CA GLY A 243 -9.27 -30.05 -15.62
C GLY A 243 -8.19 -29.15 -15.05
N GLN A 244 -8.41 -28.73 -13.81
CA GLN A 244 -7.48 -27.87 -13.09
C GLN A 244 -7.29 -28.46 -11.70
N ASP A 245 -6.11 -28.22 -11.13
CA ASP A 245 -5.83 -28.72 -9.80
C ASP A 245 -4.71 -27.92 -9.17
N PHE A 246 -4.72 -27.90 -7.83
CA PHE A 246 -3.72 -27.18 -7.07
C PHE A 246 -2.58 -28.13 -6.73
N TYR A 247 -1.35 -27.64 -6.87
CA TYR A 247 -0.15 -28.38 -6.50
C TYR A 247 0.59 -27.49 -5.53
N LEU A 248 0.79 -28.00 -4.31
CA LEU A 248 1.46 -27.24 -3.27
C LEU A 248 2.96 -27.28 -3.49
N PHE A 249 3.63 -26.17 -3.22
CA PHE A 249 5.07 -26.27 -3.18
C PHE A 249 5.72 -25.61 -1.97
N ASP A 250 4.98 -24.82 -1.20
CA ASP A 250 5.51 -24.25 0.01
C ASP A 250 4.38 -24.02 1.01
N ILE A 251 4.74 -23.94 2.28
CA ILE A 251 3.79 -23.62 3.33
C ILE A 251 4.43 -22.56 4.23
N TYR A 252 3.75 -21.40 4.34
CA TYR A 252 4.23 -20.26 5.10
C TYR A 252 3.56 -20.23 6.47
N ASP A 253 4.37 -20.28 7.54
CA ASP A 253 3.84 -20.19 8.89
C ASP A 253 3.58 -18.72 9.18
N ILE A 254 2.31 -18.32 9.11
CA ILE A 254 1.99 -16.90 9.24
C ILE A 254 2.47 -16.40 10.58
N ASP A 255 2.28 -17.19 11.64
CA ASP A 255 2.63 -16.73 12.98
C ASP A 255 4.14 -16.54 13.15
N LYS A 256 4.95 -17.40 12.52
CA LYS A 256 6.40 -17.34 12.67
C LYS A 256 7.10 -16.65 11.52
N ALA A 257 6.35 -16.13 10.54
CA ALA A 257 6.92 -15.48 9.35
C ALA A 257 8.09 -16.28 8.78
N GLN A 258 7.84 -17.56 8.50
CA GLN A 258 8.87 -18.44 7.97
C GLN A 258 8.24 -19.63 7.28
N TYR A 259 9.01 -20.27 6.40
CA TYR A 259 8.53 -21.44 5.67
C TYR A 259 8.89 -22.72 6.39
N LEU A 260 7.97 -23.68 6.36
CA LEU A 260 8.28 -25.02 6.85
C LEU A 260 9.44 -25.59 6.03
N THR A 261 10.45 -26.10 6.72
CA THR A 261 11.47 -26.90 6.06
C THR A 261 10.82 -28.05 5.31
N PRO A 262 11.52 -28.60 4.31
CA PRO A 262 10.92 -29.69 3.53
C PRO A 262 10.32 -30.81 4.35
N ILE A 263 10.99 -31.26 5.41
CA ILE A 263 10.39 -32.36 6.14
C ILE A 263 9.20 -31.87 6.96
N GLU A 264 9.23 -30.64 7.49
CA GLU A 264 8.01 -30.11 8.10
C GLU A 264 6.89 -30.04 7.08
N ARG A 265 7.16 -29.39 5.94
CA ARG A 265 6.15 -29.28 4.89
C ARG A 265 5.75 -30.66 4.42
N GLN A 266 6.71 -31.58 4.31
CA GLN A 266 6.35 -32.96 4.01
C GLN A 266 5.62 -33.59 5.19
N SER A 267 6.05 -33.30 6.43
CA SER A 267 5.36 -33.80 7.62
C SER A 267 3.94 -33.27 7.72
N LEU A 268 3.70 -32.06 7.23
CA LEU A 268 2.36 -31.50 7.25
C LEU A 268 1.48 -31.93 6.09
N VAL A 269 2.03 -32.19 4.89
CA VAL A 269 1.18 -32.60 3.76
C VAL A 269 0.55 -33.98 3.99
N LYS A 270 1.36 -35.00 4.32
CA LYS A 270 0.83 -36.32 4.68
C LYS A 270 -0.30 -36.22 5.70
N GLN A 271 -0.03 -35.53 6.83
CA GLN A 271 -1.07 -35.37 7.84
C GLN A 271 -2.37 -34.93 7.19
N LEU A 272 -2.28 -33.97 6.28
CA LEU A 272 -3.48 -33.56 5.58
C LEU A 272 -4.04 -34.75 4.79
N ASN A 273 -3.16 -35.43 4.07
CA ASN A 273 -3.61 -36.59 3.31
C ASN A 273 -4.12 -37.68 4.25
N ASP A 274 -3.43 -37.91 5.38
CA ASP A 274 -3.88 -38.94 6.32
C ASP A 274 -5.26 -38.64 6.92
N ASN A 275 -5.69 -37.38 6.95
CA ASN A 275 -6.99 -37.02 7.50
C ASN A 275 -8.02 -36.72 6.41
N GLY A 276 -7.74 -37.14 5.19
CA GLY A 276 -8.72 -37.09 4.12
C GLY A 276 -8.74 -35.83 3.32
N PHE A 277 -7.73 -34.97 3.45
CA PHE A 277 -7.64 -33.73 2.67
C PHE A 277 -6.60 -33.94 1.57
N THR A 278 -7.10 -34.14 0.35
CA THR A 278 -6.29 -34.67 -0.76
C THR A 278 -5.53 -33.53 -1.45
N VAL A 279 -4.58 -32.97 -0.73
CA VAL A 279 -3.84 -31.80 -1.18
C VAL A 279 -2.58 -32.27 -1.91
N LYS A 280 -2.43 -31.86 -3.17
CA LYS A 280 -1.30 -32.31 -3.95
C LYS A 280 -0.09 -31.40 -3.78
N HIS A 281 1.09 -32.03 -3.86
CA HIS A 281 2.39 -31.38 -3.84
C HIS A 281 3.03 -31.51 -5.22
N VAL A 282 3.92 -30.59 -5.57
CA VAL A 282 4.66 -30.72 -6.82
C VAL A 282 5.45 -32.02 -6.73
N PRO A 283 5.73 -32.71 -7.84
CA PRO A 283 6.49 -33.97 -7.76
C PRO A 283 7.78 -33.80 -6.99
N ILE A 284 7.98 -34.65 -5.98
CA ILE A 284 9.19 -34.60 -5.17
C ILE A 284 10.13 -35.67 -5.68
N LEU A 285 11.35 -35.25 -6.01
CA LEU A 285 12.35 -36.19 -6.44
C LEU A 285 13.25 -36.51 -5.25
N ASP A 286 14.30 -37.29 -5.52
CA ASP A 286 15.16 -37.77 -4.45
C ASP A 286 15.98 -36.63 -3.86
N ASP A 287 16.20 -36.69 -2.55
CA ASP A 287 17.09 -35.72 -1.97
C ASP A 287 18.46 -35.87 -2.62
N LEU A 288 19.17 -34.76 -2.75
CA LEU A 288 20.51 -34.79 -3.29
C LEU A 288 21.42 -34.00 -2.37
N GLU A 289 22.61 -34.54 -2.10
CA GLU A 289 23.63 -33.90 -1.28
C GLU A 289 24.55 -33.09 -2.19
N LEU A 290 24.71 -31.81 -1.88
CA LEU A 290 25.40 -30.87 -2.77
C LEU A 290 26.83 -31.30 -3.00
N ASN A 291 27.14 -31.72 -4.22
CA ASN A 291 28.52 -31.87 -4.69
C ASN A 291 28.65 -31.56 -6.17
N HIS A 292 28.10 -30.44 -6.62
CA HIS A 292 27.90 -30.27 -8.05
C HIS A 292 28.29 -28.87 -8.49
N THR A 293 28.58 -28.76 -9.79
CA THR A 293 28.71 -27.49 -10.47
C THR A 293 27.35 -26.84 -10.74
N ALA A 294 27.37 -25.50 -10.85
CA ALA A 294 26.21 -24.77 -11.36
C ALA A 294 25.79 -25.30 -12.72
N GLU A 295 26.77 -25.68 -13.54
CA GLU A 295 26.43 -26.15 -14.87
C GLU A 295 25.78 -27.54 -14.83
N GLN A 296 26.19 -28.40 -13.88
CA GLN A 296 25.66 -29.77 -13.85
C GLN A 296 24.25 -29.85 -13.28
N ILE A 297 23.97 -29.12 -12.19
CA ILE A 297 22.59 -29.07 -11.73
C ILE A 297 21.70 -28.57 -12.86
N LEU A 298 22.20 -27.61 -13.65
CA LEU A 298 21.46 -27.16 -14.82
C LEU A 298 21.25 -28.32 -15.79
N ALA A 299 22.21 -29.23 -15.86
CA ALA A 299 21.99 -30.42 -16.69
C ALA A 299 20.86 -31.26 -16.10
N MET A 300 20.78 -31.32 -14.77
CA MET A 300 19.69 -32.05 -14.15
C MET A 300 18.34 -31.38 -14.41
N ALA A 301 18.34 -30.07 -14.70
CA ALA A 301 17.09 -29.36 -14.91
C ALA A 301 16.30 -29.92 -16.07
N ASP A 302 16.99 -30.45 -17.09
CA ASP A 302 16.27 -31.02 -18.21
C ASP A 302 15.67 -32.35 -17.77
N GLY A 303 14.55 -32.70 -18.37
CA GLY A 303 13.86 -33.91 -17.96
C GLY A 303 12.36 -33.84 -18.11
N PRO A 304 11.68 -34.92 -17.69
CA PRO A 304 10.23 -34.97 -17.77
C PRO A 304 9.55 -34.28 -16.58
N SER A 305 8.33 -33.80 -16.83
CA SER A 305 7.55 -33.08 -15.84
C SER A 305 6.54 -34.02 -15.20
N LEU A 306 5.57 -33.44 -14.48
CA LEU A 306 4.47 -34.22 -13.91
C LEU A 306 3.82 -35.03 -15.02
N ASN A 307 3.51 -34.38 -16.12
CA ASN A 307 3.34 -35.12 -17.37
C ASN A 307 4.74 -35.48 -17.84
N LYS A 308 5.12 -36.74 -17.71
CA LYS A 308 6.46 -37.16 -18.07
C LYS A 308 6.64 -37.18 -19.58
N ASN A 309 5.57 -36.98 -20.33
CA ASN A 309 5.68 -36.98 -21.78
C ASN A 309 5.91 -35.57 -22.30
N VAL A 310 6.00 -34.61 -21.37
CA VAL A 310 6.23 -33.19 -21.57
C VAL A 310 7.56 -32.80 -20.94
N LYS A 311 8.21 -31.78 -21.51
CA LYS A 311 9.45 -31.27 -20.94
C LYS A 311 9.13 -30.42 -19.72
N ARG A 312 9.96 -30.52 -18.69
CA ARG A 312 9.65 -29.83 -17.45
C ARG A 312 10.23 -28.42 -17.56
N GLU A 313 9.68 -27.49 -16.77
CA GLU A 313 10.28 -26.16 -16.75
C GLU A 313 11.60 -26.18 -16.02
N GLY A 314 11.73 -27.03 -15.00
CA GLY A 314 12.99 -27.13 -14.28
C GLY A 314 12.79 -27.87 -12.97
N LEU A 315 13.70 -27.60 -12.04
CA LEU A 315 13.69 -28.16 -10.69
C LEU A 315 13.94 -27.03 -9.69
N VAL A 316 13.44 -27.21 -8.47
CA VAL A 316 13.69 -26.29 -7.36
C VAL A 316 14.45 -27.02 -6.26
N PHE A 317 15.40 -26.33 -5.64
CA PHE A 317 16.23 -26.89 -4.58
C PHE A 317 16.20 -25.99 -3.37
N LYS A 318 15.75 -26.52 -2.24
CA LYS A 318 16.01 -25.85 -0.96
C LYS A 318 16.44 -26.86 0.06
N ARG A 319 17.44 -26.46 0.83
CA ARG A 319 18.10 -27.30 1.80
C ARG A 319 17.10 -27.71 2.88
N LEU A 320 17.35 -28.89 3.46
CA LEU A 320 16.39 -29.47 4.39
C LEU A 320 16.18 -28.57 5.62
N ASP A 321 17.20 -27.77 5.97
CA ASP A 321 17.01 -26.79 7.04
C ASP A 321 16.16 -25.59 6.62
N GLY A 322 15.93 -25.41 5.31
CA GLY A 322 15.10 -24.31 4.88
C GLY A 322 15.71 -22.93 4.92
N LYS A 323 17.03 -22.80 4.84
CA LYS A 323 17.67 -21.51 4.97
C LYS A 323 18.41 -21.11 3.70
N PHE A 324 18.23 -21.86 2.62
CA PHE A 324 18.88 -21.55 1.36
C PHE A 324 18.17 -22.30 0.26
N SER A 325 17.72 -21.57 -0.75
CA SER A 325 16.95 -22.16 -1.81
C SER A 325 17.38 -21.56 -3.14
N PHE A 326 17.09 -22.29 -4.22
CA PHE A 326 17.33 -21.81 -5.57
C PHE A 326 16.60 -22.75 -6.53
N LYS A 327 16.37 -22.24 -7.74
CA LYS A 327 15.84 -23.01 -8.85
C LYS A 327 16.89 -23.09 -9.96
N ALA A 328 16.80 -24.15 -10.76
CA ALA A 328 17.58 -24.28 -11.97
C ALA A 328 16.58 -24.54 -13.09
N ILE A 329 16.38 -23.56 -13.98
CA ILE A 329 15.40 -23.67 -15.04
C ILE A 329 16.01 -24.41 -16.20
N SER A 330 15.29 -25.39 -16.74
CA SER A 330 15.84 -26.17 -17.83
C SER A 330 16.03 -25.29 -19.06
N ASN A 331 17.24 -25.23 -19.55
CA ASN A 331 17.49 -24.41 -20.73
C ASN A 331 16.94 -25.10 -21.96
N ALA A 332 16.84 -26.42 -21.91
CA ALA A 332 16.17 -27.16 -22.98
C ALA A 332 14.74 -26.67 -23.13
N TYR A 333 14.05 -26.51 -22.01
CA TYR A 333 12.68 -26.05 -22.02
C TYR A 333 12.60 -24.59 -22.46
N LEU A 334 13.52 -23.75 -21.98
CA LEU A 334 13.51 -22.35 -22.42
C LEU A 334 13.75 -22.24 -23.93
N GLU A 335 14.61 -23.11 -24.49
CA GLU A 335 14.88 -23.03 -25.92
C GLU A 335 13.68 -23.47 -26.73
N LYS A 336 12.88 -24.39 -26.20
CA LYS A 336 11.71 -24.88 -26.90
C LYS A 336 10.52 -23.92 -26.81
N HIS A 337 10.33 -23.26 -25.67
CA HIS A 337 9.18 -22.38 -25.43
C HIS A 337 9.61 -20.91 -25.48
N LYS A 338 9.40 -20.26 -26.62
CA LYS A 338 10.01 -18.95 -26.83
C LYS A 338 9.15 -17.81 -26.35
N ASP A 339 7.95 -18.06 -25.85
CA ASP A 339 7.21 -17.08 -25.08
C ASP A 339 7.38 -17.28 -23.58
N ARG A 340 8.55 -17.78 -23.17
CA ARG A 340 8.85 -18.13 -21.78
C ARG A 340 10.29 -17.75 -21.47
N SER B 1 -14.33 16.28 -0.21
CA SER B 1 -13.43 15.17 0.01
C SER B 1 -13.79 14.39 1.28
N MET B 2 -13.26 13.17 1.39
CA MET B 2 -13.71 12.25 2.44
C MET B 2 -12.77 11.07 2.65
N GLY B 3 -12.77 10.57 3.89
CA GLY B 3 -12.04 9.37 4.22
C GLY B 3 -13.07 8.34 4.81
N VAL B 4 -12.76 7.08 4.57
CA VAL B 4 -13.81 6.04 4.57
C VAL B 4 -14.78 6.14 5.75
N ARG B 5 -16.08 5.96 5.45
CA ARG B 5 -17.20 6.36 6.31
C ARG B 5 -17.19 5.73 7.71
N LYS B 6 -17.96 6.36 8.60
CA LYS B 6 -18.09 6.00 10.01
C LYS B 6 -19.54 5.56 10.19
N LEU B 7 -19.77 4.26 9.96
CA LEU B 7 -21.11 3.72 9.93
C LEU B 7 -21.71 3.67 11.31
N ALA B 8 -20.91 3.41 12.34
CA ALA B 8 -21.38 3.34 13.73
C ALA B 8 -20.59 4.32 14.57
N THR B 9 -21.27 5.31 15.16
CA THR B 9 -20.58 6.36 15.91
C THR B 9 -21.29 6.59 17.25
N ILE B 10 -20.55 7.13 18.20
CA ILE B 10 -21.17 7.58 19.44
C ILE B 10 -21.72 8.99 19.18
N ARG B 11 -23.05 9.13 19.29
CA ARG B 11 -23.69 10.43 19.10
C ARG B 11 -24.63 10.74 20.27
N THR B 12 -25.29 11.89 20.19
CA THR B 12 -26.15 12.39 21.27
C THR B 12 -27.57 12.55 20.79
N ALA B 13 -28.52 12.11 21.62
CA ALA B 13 -29.92 12.36 21.27
C ALA B 13 -30.18 13.86 21.28
N GLY B 14 -30.70 14.34 20.15
CA GLY B 14 -31.23 15.69 20.07
C GLY B 14 -32.66 15.71 20.55
N GLU B 15 -33.50 16.53 19.90
CA GLU B 15 -34.86 16.69 20.37
C GLU B 15 -35.66 15.42 20.09
N ILE B 16 -36.48 15.01 21.05
CA ILE B 16 -37.34 13.83 20.89
C ILE B 16 -38.78 14.30 20.81
N THR B 17 -39.48 13.91 19.73
CA THR B 17 -40.84 14.40 19.47
C THR B 17 -41.80 13.22 19.35
N PRO B 18 -43.08 13.41 19.70
CA PRO B 18 -44.04 12.31 19.59
C PRO B 18 -44.36 11.97 18.15
N ILE B 19 -44.84 10.75 17.96
CA ILE B 19 -45.37 10.32 16.68
C ILE B 19 -46.85 10.05 16.90
N ALA B 20 -47.70 10.90 16.31
CA ALA B 20 -49.13 10.79 16.52
C ALA B 20 -49.61 9.38 16.20
N GLY B 21 -50.57 8.92 16.99
CA GLY B 21 -51.15 7.61 16.84
C GLY B 21 -50.26 6.44 17.21
N ALA B 22 -48.97 6.65 17.43
CA ALA B 22 -48.07 5.57 17.81
C ALA B 22 -47.72 5.80 19.25
N GLU B 23 -48.18 4.97 20.17
CA GLU B 23 -47.60 5.30 21.46
C GLU B 23 -46.78 4.16 22.09
N ALA B 24 -46.02 3.45 21.27
CA ALA B 24 -44.88 2.75 21.80
C ALA B 24 -43.58 3.26 21.21
N ILE B 25 -43.63 4.11 20.18
CA ILE B 25 -42.44 4.67 19.54
C ILE B 25 -42.52 6.19 19.53
N GLU B 26 -41.34 6.78 19.32
CA GLU B 26 -41.26 8.23 19.21
C GLU B 26 -40.11 8.55 18.25
N CYS B 27 -40.07 9.81 17.86
CA CYS B 27 -39.09 10.29 16.89
C CYS B 27 -37.91 10.95 17.58
N CYS B 28 -36.70 10.53 17.22
CA CYS B 28 -35.49 11.10 17.77
C CYS B 28 -34.63 11.75 16.68
N HIS B 29 -34.26 13.00 16.91
CA HIS B 29 -33.31 13.70 16.04
C HIS B 29 -31.89 13.37 16.49
N VAL B 30 -31.10 12.81 15.60
CA VAL B 30 -29.67 12.55 15.79
C VAL B 30 -28.97 13.20 14.60
N ASP B 31 -27.89 13.92 14.85
CA ASP B 31 -27.76 15.31 14.41
C ASP B 31 -28.65 15.75 13.24
N GLY B 32 -28.35 15.41 11.99
CA GLY B 32 -29.25 15.82 10.92
C GLY B 32 -30.26 14.76 10.52
N TRP B 33 -30.20 13.58 11.15
CA TRP B 33 -31.07 12.44 10.86
C TRP B 33 -32.26 12.40 11.82
N THR B 34 -33.31 11.71 11.38
CA THR B 34 -34.39 11.33 12.29
C THR B 34 -34.54 9.82 12.30
N CYS B 35 -34.75 9.28 13.49
CA CYS B 35 -34.72 7.86 13.71
C CYS B 35 -35.78 7.53 14.74
N VAL B 36 -36.58 6.51 14.46
CA VAL B 36 -37.64 6.07 15.36
C VAL B 36 -37.02 5.27 16.50
N ILE B 37 -37.40 5.59 17.74
CA ILE B 37 -36.89 4.86 18.90
C ILE B 37 -38.05 4.35 19.74
N LYS B 38 -37.71 3.36 20.58
CA LYS B 38 -38.66 2.87 21.57
C LYS B 38 -38.83 3.88 22.71
N LYS B 39 -40.08 4.09 23.10
CA LYS B 39 -40.38 5.07 24.14
C LYS B 39 -39.59 4.74 25.39
N GLY B 40 -39.09 5.77 26.05
CA GLY B 40 -38.24 5.64 27.20
C GLY B 40 -36.83 5.16 26.94
N GLU B 41 -36.46 4.88 25.69
CA GLU B 41 -35.09 4.45 25.44
C GLU B 41 -34.09 5.60 25.63
N PHE B 42 -34.44 6.80 25.18
CA PHE B 42 -33.57 7.96 25.29
C PHE B 42 -34.30 9.15 25.88
N LYS B 43 -33.50 10.08 26.40
CA LYS B 43 -33.92 11.44 26.63
C LYS B 43 -32.92 12.34 25.93
N GLN B 44 -33.38 13.52 25.53
CA GLN B 44 -32.51 14.47 24.82
C GLN B 44 -31.24 14.68 25.64
N GLY B 45 -30.09 14.53 25.00
CA GLY B 45 -28.83 14.61 25.69
C GLY B 45 -28.13 13.29 25.96
N ASP B 46 -28.85 12.18 25.95
CA ASP B 46 -28.23 10.88 26.21
C ASP B 46 -27.27 10.51 25.09
N ARG B 47 -26.24 9.76 25.44
CA ARG B 47 -25.40 9.24 24.37
C ARG B 47 -25.91 7.86 23.98
N GLY B 48 -25.66 7.50 22.73
CA GLY B 48 -26.06 6.22 22.17
C GLY B 48 -25.18 5.96 20.96
N VAL B 49 -25.30 4.75 20.43
CA VAL B 49 -24.60 4.36 19.22
C VAL B 49 -25.55 4.55 18.05
N TYR B 50 -25.14 5.36 17.09
CA TYR B 50 -25.91 5.59 15.86
C TYR B 50 -25.28 4.80 14.70
N PHE B 51 -26.08 3.96 14.09
CA PHE B 51 -25.69 3.20 12.91
C PHE B 51 -26.36 3.87 11.71
N GLU B 52 -25.57 4.23 10.72
CA GLU B 52 -26.16 4.86 9.54
C GLU B 52 -26.82 3.85 8.61
N ILE B 53 -27.75 4.35 7.77
CA ILE B 53 -28.26 3.56 6.66
C ILE B 53 -27.09 3.02 5.82
N ASP B 54 -27.29 1.83 5.26
CA ASP B 54 -26.33 1.01 4.51
C ASP B 54 -25.45 0.25 5.46
N SER B 55 -25.55 0.45 6.77
CA SER B 55 -24.75 -0.40 7.63
C SER B 55 -25.25 -1.83 7.51
N PHE B 56 -24.30 -2.78 7.58
CA PHE B 56 -24.62 -4.20 7.65
C PHE B 56 -24.21 -4.71 9.04
N ILE B 57 -25.18 -5.21 9.78
CA ILE B 57 -25.03 -5.51 11.20
C ILE B 57 -25.29 -6.99 11.37
N LYS B 58 -24.25 -7.72 11.77
CA LYS B 58 -24.39 -9.16 11.91
C LYS B 58 -25.36 -9.54 13.02
N GLU B 59 -25.94 -10.70 12.85
CA GLU B 59 -27.00 -11.17 13.70
C GLU B 59 -26.51 -11.17 15.15
N ASP B 60 -27.33 -10.60 16.06
CA ASP B 60 -26.98 -10.58 17.48
C ASP B 60 -28.26 -10.35 18.28
N ASN B 61 -28.75 -11.37 18.97
CA ASN B 61 -30.04 -11.19 19.64
C ASN B 61 -29.94 -10.51 21.02
N ASP B 62 -28.74 -10.11 21.45
CA ASP B 62 -28.53 -9.27 22.64
C ASP B 62 -28.37 -7.80 22.29
N ARG B 63 -27.61 -7.49 21.25
CA ARG B 63 -27.43 -6.10 20.89
C ARG B 63 -28.48 -5.65 19.91
N TYR B 64 -28.89 -6.52 19.00
CA TYR B 64 -29.80 -6.13 17.93
C TYR B 64 -30.98 -7.08 17.77
N PRO B 65 -31.70 -7.40 18.84
CA PRO B 65 -32.88 -8.26 18.64
C PRO B 65 -33.95 -7.58 17.78
N MET B 66 -33.97 -6.24 17.75
CA MET B 66 -34.94 -5.56 16.92
C MET B 66 -34.61 -5.65 15.43
N LEU B 67 -33.50 -6.26 15.04
CA LEU B 67 -33.16 -6.47 13.63
C LEU B 67 -33.49 -7.87 13.15
N SER B 68 -34.07 -8.69 14.03
CA SER B 68 -34.13 -10.13 13.79
C SER B 68 -34.99 -10.48 12.57
N LYS B 69 -36.00 -9.68 12.26
CA LYS B 69 -36.88 -10.07 11.16
C LYS B 69 -36.47 -9.45 9.84
N GLN B 70 -35.29 -8.87 9.76
CA GLN B 70 -34.83 -8.41 8.46
C GLN B 70 -33.50 -9.05 8.11
N VAL B 71 -33.24 -10.23 8.66
CA VAL B 71 -31.98 -10.90 8.45
C VAL B 71 -31.87 -11.39 7.01
N ILE B 72 -30.80 -10.99 6.35
CA ILE B 72 -30.49 -11.49 5.00
C ILE B 72 -29.13 -12.15 4.99
N ASP B 73 -28.77 -12.70 3.84
CA ASP B 73 -27.40 -13.12 3.56
C ASP B 73 -26.68 -12.02 2.79
N TYR B 74 -25.52 -11.65 3.28
CA TYR B 74 -24.63 -10.71 2.58
C TYR B 74 -23.23 -11.30 2.60
N GLU B 75 -22.76 -11.75 1.44
CA GLU B 75 -21.40 -12.23 1.30
C GLU B 75 -21.14 -13.40 2.23
N GLY B 76 -22.15 -14.24 2.44
CA GLY B 76 -21.98 -15.39 3.28
C GLY B 76 -22.29 -15.18 4.76
N GLN B 77 -22.55 -13.96 5.20
CA GLN B 77 -22.79 -13.68 6.61
C GLN B 77 -24.25 -13.32 6.81
N ARG B 78 -24.82 -13.76 7.93
CA ARG B 78 -26.20 -13.41 8.27
C ARG B 78 -26.20 -12.09 9.01
N GLY B 79 -27.01 -11.15 8.53
CA GLY B 79 -27.16 -9.90 9.23
C GLY B 79 -28.25 -9.06 8.60
N THR B 80 -28.30 -7.81 9.03
CA THR B 80 -29.34 -6.89 8.63
C THR B 80 -28.74 -5.66 7.94
N ARG B 81 -29.35 -5.28 6.83
CA ARG B 81 -29.00 -4.10 6.09
C ARG B 81 -29.96 -3.00 6.53
N LEU B 82 -29.42 -1.88 7.01
CA LEU B 82 -30.26 -0.76 7.45
C LEU B 82 -30.61 0.10 6.25
N ARG B 83 -31.89 0.40 6.09
CA ARG B 83 -32.36 1.21 4.98
C ARG B 83 -33.40 2.20 5.46
N THR B 84 -33.67 3.19 4.61
CA THR B 84 -34.66 4.21 4.87
C THR B 84 -36.03 3.56 5.02
N ALA B 85 -36.80 4.07 5.98
CA ALA B 85 -38.12 3.50 6.25
C ALA B 85 -39.06 4.59 6.78
N ARG B 86 -40.33 4.25 6.79
CA ARG B 86 -41.37 5.17 7.24
C ARG B 86 -42.23 4.43 8.23
N LEU B 87 -42.25 4.88 9.48
CA LEU B 87 -43.05 4.17 10.47
C LEU B 87 -44.13 5.13 10.91
N ARG B 88 -45.36 4.71 10.65
CA ARG B 88 -46.59 5.47 10.79
C ARG B 88 -46.42 6.86 10.20
N GLY B 89 -45.86 6.94 9.00
CA GLY B 89 -45.69 8.24 8.37
C GLY B 89 -44.46 9.00 8.78
N GLN B 90 -43.69 8.51 9.74
CA GLN B 90 -42.48 9.22 10.17
C GLN B 90 -41.28 8.66 9.42
N LEU B 91 -40.60 9.50 8.64
CA LEU B 91 -39.38 9.05 8.00
C LEU B 91 -38.37 8.61 9.06
N SER B 92 -37.75 7.46 8.85
CA SER B 92 -36.80 6.95 9.84
C SER B 92 -35.58 6.41 9.13
N GLN B 93 -34.40 6.88 9.54
CA GLN B 93 -33.15 6.49 8.91
C GLN B 93 -32.12 6.15 9.98
N GLY B 94 -31.59 4.93 9.90
CA GLY B 94 -30.59 4.50 10.84
C GLY B 94 -31.17 3.74 12.02
N LEU B 95 -30.27 3.47 12.96
CA LEU B 95 -30.55 2.80 14.23
C LEU B 95 -29.81 3.55 15.34
N PHE B 96 -30.52 3.85 16.41
CA PHE B 96 -29.98 4.56 17.57
C PHE B 96 -30.23 3.70 18.79
N LEU B 97 -29.16 3.22 19.42
CA LEU B 97 -29.30 2.34 20.57
C LEU B 97 -28.60 2.92 21.79
N PRO B 98 -29.19 2.80 22.98
CA PRO B 98 -28.57 3.38 24.19
C PRO B 98 -27.27 2.68 24.59
N MET B 99 -26.46 3.41 25.34
CA MET B 99 -25.17 2.89 25.78
C MET B 99 -25.32 1.62 26.59
N ASP B 100 -26.45 1.45 27.26
CA ASP B 100 -26.60 0.30 28.16
C ASP B 100 -26.59 -1.03 27.40
N ARG B 101 -26.58 -0.99 26.07
CA ARG B 101 -26.49 -2.20 25.28
C ARG B 101 -25.07 -2.46 24.83
N PHE B 102 -24.16 -1.51 25.05
CA PHE B 102 -22.77 -1.63 24.62
C PHE B 102 -21.86 -1.25 25.77
N PRO B 103 -21.77 -2.10 26.78
CA PRO B 103 -20.86 -1.81 27.91
C PRO B 103 -19.43 -1.61 27.46
N GLU B 104 -18.97 -2.28 26.41
CA GLU B 104 -17.58 -2.10 25.97
C GLU B 104 -17.34 -0.76 25.27
N LEU B 105 -18.40 0.02 24.94
CA LEU B 105 -18.23 1.37 24.43
C LEU B 105 -18.43 2.47 25.47
N ALA B 106 -18.72 2.12 26.73
CA ALA B 106 -18.94 3.15 27.76
C ALA B 106 -17.73 4.09 27.88
N SER B 107 -16.53 3.55 27.73
CA SER B 107 -15.33 4.39 27.77
C SER B 107 -15.19 5.35 26.58
N ASN B 108 -15.93 5.18 25.49
CA ASN B 108 -15.64 5.94 24.29
C ASN B 108 -16.28 7.32 24.34
N GLN B 109 -15.62 8.27 23.68
CA GLN B 109 -16.06 9.65 23.62
C GLN B 109 -17.15 9.80 22.56
N VAL B 110 -17.89 10.90 22.67
CA VAL B 110 -18.89 11.26 21.68
C VAL B 110 -18.19 11.72 20.41
N GLY B 111 -18.63 11.18 19.27
CA GLY B 111 -17.96 11.39 18.01
C GLY B 111 -17.02 10.29 17.61
N ASP B 112 -16.73 9.34 18.50
CA ASP B 112 -15.82 8.24 18.19
C ASP B 112 -16.37 7.39 17.06
N ASP B 113 -15.49 6.99 16.17
CA ASP B 113 -15.84 5.95 15.25
C ASP B 113 -15.72 4.59 15.93
N VAL B 114 -16.85 3.90 16.10
CA VAL B 114 -16.86 2.53 16.62
C VAL B 114 -17.27 1.50 15.55
N THR B 115 -17.16 1.83 14.27
CA THR B 115 -17.49 0.90 13.19
C THR B 115 -16.73 -0.44 13.31
N GLU B 116 -15.40 -0.36 13.51
CA GLU B 116 -14.56 -1.54 13.54
C GLU B 116 -14.65 -2.30 14.87
N ILE B 117 -14.77 -1.60 16.00
CA ILE B 117 -14.94 -2.30 17.27
C ILE B 117 -16.20 -3.17 17.21
N LEU B 118 -17.23 -2.67 16.53
CA LEU B 118 -18.48 -3.40 16.45
C LEU B 118 -18.56 -4.30 15.23
N GLY B 119 -17.49 -4.41 14.45
CA GLY B 119 -17.54 -5.33 13.32
C GLY B 119 -18.51 -4.94 12.22
N ILE B 120 -18.89 -3.67 12.11
CA ILE B 120 -19.89 -3.28 11.13
C ILE B 120 -19.23 -3.10 9.76
N THR B 121 -19.94 -3.50 8.72
CA THR B 121 -19.48 -3.26 7.35
C THR B 121 -20.58 -2.56 6.58
N LYS B 122 -20.22 -2.05 5.40
CA LYS B 122 -21.17 -1.39 4.50
C LYS B 122 -21.73 -2.37 3.47
N TRP B 123 -23.07 -2.37 3.29
CA TRP B 123 -23.70 -3.20 2.26
C TRP B 123 -23.64 -2.49 0.91
N GLU B 124 -23.26 -3.24 -0.13
CA GLU B 124 -23.22 -2.64 -1.47
C GLU B 124 -23.69 -3.64 -2.51
N PRO B 125 -24.43 -3.20 -3.52
CA PRO B 125 -24.93 -4.13 -4.52
C PRO B 125 -23.77 -4.74 -5.28
N PRO B 126 -23.96 -5.92 -5.85
CA PRO B 126 -22.92 -6.50 -6.70
C PRO B 126 -22.70 -5.60 -7.90
N ILE B 127 -21.57 -5.73 -8.51
CA ILE B 127 -21.20 -4.84 -9.60
C ILE B 127 -21.59 -5.48 -10.92
N SER B 128 -22.10 -4.65 -11.85
CA SER B 128 -22.50 -5.16 -13.15
C SER B 128 -21.31 -5.86 -13.81
N THR B 129 -21.61 -6.97 -14.46
CA THR B 129 -20.58 -7.86 -15.00
C THR B 129 -19.62 -7.15 -15.96
N ASN B 130 -20.11 -6.18 -16.74
CA ASN B 130 -19.22 -5.46 -17.63
C ASN B 130 -18.62 -4.20 -17.02
N LEU B 131 -18.72 -4.01 -15.71
CA LEU B 131 -17.78 -3.12 -15.04
C LEU B 131 -16.70 -3.91 -14.31
N SER B 132 -16.74 -5.24 -14.43
CA SER B 132 -15.73 -6.18 -13.93
C SER B 132 -14.63 -6.33 -14.98
N GLY B 133 -13.54 -5.56 -14.81
CA GLY B 133 -12.45 -5.60 -15.75
C GLY B 133 -11.28 -6.39 -15.17
N GLU B 134 -10.34 -6.71 -16.05
CA GLU B 134 -9.14 -7.42 -15.61
C GLU B 134 -8.17 -6.38 -15.07
N ILE B 135 -7.63 -6.68 -13.88
CA ILE B 135 -6.87 -5.72 -13.10
C ILE B 135 -5.49 -5.45 -13.69
N LEU B 136 -5.09 -4.19 -13.60
CA LEU B 136 -3.72 -3.73 -13.79
C LEU B 136 -2.98 -3.56 -12.47
N GLY B 137 -3.61 -2.88 -11.52
CA GLY B 137 -2.96 -2.53 -10.28
C GLY B 137 -3.94 -1.84 -9.36
N GLU B 138 -3.39 -1.08 -8.42
CA GLU B 138 -4.20 -0.49 -7.38
C GLU B 138 -4.55 0.95 -7.70
N PHE B 139 -5.64 1.43 -7.11
CA PHE B 139 -6.12 2.76 -7.41
C PHE B 139 -5.04 3.76 -6.99
N PRO B 140 -4.57 4.60 -7.90
CA PRO B 140 -3.35 5.37 -7.63
C PRO B 140 -3.37 6.06 -6.28
N THR B 141 -2.27 5.87 -5.54
CA THR B 141 -2.08 6.51 -4.26
C THR B 141 -2.11 8.03 -4.39
N PHE B 142 -1.77 8.55 -5.57
CA PHE B 142 -1.68 9.98 -5.77
C PHE B 142 -2.97 10.60 -6.28
N ILE B 143 -4.09 9.89 -6.17
CA ILE B 143 -5.37 10.43 -6.59
C ILE B 143 -6.38 10.25 -5.46
N SER B 144 -7.08 11.33 -5.13
CA SER B 144 -8.21 11.29 -4.22
C SER B 144 -9.34 10.48 -4.82
N LYS B 145 -10.14 9.85 -3.94
CA LYS B 145 -11.30 9.10 -4.37
C LYS B 145 -12.58 9.96 -4.34
N THR B 146 -13.70 9.34 -4.71
CA THR B 146 -14.88 10.06 -5.16
C THR B 146 -15.82 10.48 -4.04
N ASP B 147 -15.62 10.00 -2.82
CA ASP B 147 -16.63 10.08 -1.78
C ASP B 147 -16.95 11.52 -1.38
N GLN B 148 -18.20 11.74 -0.97
CA GLN B 148 -18.64 13.00 -0.37
C GLN B 148 -19.28 12.71 0.98
N GLU B 149 -19.05 13.58 1.95
CA GLU B 149 -19.74 13.47 3.24
C GLU B 149 -21.17 13.97 3.13
N ARG B 150 -22.07 13.35 3.90
CA ARG B 150 -23.50 13.66 3.86
C ARG B 150 -23.82 14.88 4.70
N VAL B 151 -24.73 15.71 4.18
CA VAL B 151 -25.11 16.95 4.87
C VAL B 151 -25.62 16.65 6.28
N GLN B 152 -26.27 15.50 6.48
CA GLN B 152 -26.78 15.20 7.82
C GLN B 152 -25.67 15.10 8.85
N ASN B 153 -24.43 14.89 8.45
CA ASN B 153 -23.37 14.80 9.43
C ASN B 153 -22.54 16.08 9.51
N LEU B 154 -22.97 17.17 8.84
CA LEU B 154 -22.20 18.40 8.76
C LEU B 154 -22.96 19.65 9.24
N ILE B 155 -23.76 19.52 10.28
CA ILE B 155 -24.65 20.61 10.68
C ILE B 155 -23.85 21.79 11.25
N PRO B 156 -22.84 21.57 12.10
CA PRO B 156 -22.03 22.72 12.54
C PRO B 156 -21.31 23.41 11.40
N GLN B 157 -20.76 22.62 10.50
CA GLN B 157 -19.97 23.20 9.42
C GLN B 157 -20.89 23.89 8.41
N ILE B 158 -22.13 23.42 8.28
CA ILE B 158 -23.02 24.04 7.32
C ILE B 158 -23.32 25.48 7.72
N GLU B 159 -23.37 25.78 9.02
CA GLU B 159 -23.67 27.19 9.25
C GLU B 159 -22.47 27.97 9.68
N GLU B 160 -21.40 27.26 10.00
CA GLU B 160 -20.12 27.91 9.99
C GLU B 160 -19.71 28.29 8.57
N ASN B 161 -20.32 27.69 7.55
CA ASN B 161 -20.08 28.06 6.16
C ASN B 161 -21.16 28.96 5.59
N LYS B 162 -22.08 29.45 6.42
CA LYS B 162 -23.10 30.38 5.96
C LYS B 162 -22.45 31.61 5.36
N GLY B 163 -22.96 32.04 4.22
CA GLY B 163 -22.41 33.15 3.51
C GLY B 163 -21.50 32.71 2.38
N GLN B 164 -20.86 31.56 2.53
CA GLN B 164 -20.08 31.08 1.41
C GLN B 164 -21.02 30.66 0.28
N LYS B 165 -20.50 30.67 -0.97
CA LYS B 165 -21.16 30.11 -2.17
C LYS B 165 -20.48 28.85 -2.71
N PHE B 166 -21.36 28.04 -3.31
CA PHE B 166 -21.19 26.64 -3.63
C PHE B 166 -21.69 26.37 -5.04
N GLU B 167 -20.91 25.60 -5.77
CA GLU B 167 -21.40 24.98 -6.99
C GLU B 167 -22.33 23.83 -6.64
N VAL B 168 -23.51 23.82 -7.24
CA VAL B 168 -24.54 22.82 -6.98
C VAL B 168 -24.64 21.93 -8.20
N THR B 169 -24.52 20.62 -8.01
CA THR B 169 -24.57 19.72 -9.15
C THR B 169 -25.50 18.56 -8.88
N VAL B 170 -26.05 18.04 -9.96
CA VAL B 170 -26.92 16.87 -9.87
C VAL B 170 -26.04 15.65 -9.69
N LYS B 171 -26.35 14.83 -8.68
CA LYS B 171 -25.65 13.56 -8.47
C LYS B 171 -26.30 12.43 -9.25
N LEU B 172 -25.52 11.74 -10.06
CA LEU B 172 -26.06 10.67 -10.89
C LEU B 172 -25.78 9.33 -10.23
N ASP B 173 -26.64 8.35 -10.56
CA ASP B 173 -26.58 7.02 -9.95
C ASP B 173 -25.89 6.10 -10.95
N GLY B 174 -24.59 5.97 -10.77
CA GLY B 174 -23.77 5.10 -11.59
C GLY B 174 -22.53 4.73 -10.82
N SER B 175 -21.57 4.15 -11.53
CA SER B 175 -20.36 3.63 -10.93
C SER B 175 -19.19 4.60 -11.15
N SER B 176 -18.35 4.75 -10.12
CA SER B 176 -17.32 5.78 -10.13
C SER B 176 -16.16 5.38 -11.05
N MET B 177 -15.57 6.39 -11.71
CA MET B 177 -14.66 6.12 -12.83
C MET B 177 -13.65 7.24 -12.98
N THR B 178 -12.39 6.85 -13.17
CA THR B 178 -11.27 7.78 -13.30
C THR B 178 -10.43 7.45 -14.53
N VAL B 179 -10.23 8.46 -15.37
CA VAL B 179 -9.28 8.39 -16.46
C VAL B 179 -8.23 9.45 -16.21
N TYR B 180 -6.98 9.04 -16.10
CA TYR B 180 -5.97 9.95 -15.61
C TYR B 180 -4.70 9.83 -16.44
N ARG B 181 -3.88 10.87 -16.34
CA ARG B 181 -2.56 10.92 -16.94
C ARG B 181 -1.58 11.30 -15.83
N LYS B 182 -0.59 10.47 -15.64
CA LYS B 182 0.60 10.78 -14.88
C LYS B 182 1.79 10.46 -15.78
N ASP B 183 2.76 11.35 -15.82
CA ASP B 183 3.30 11.89 -17.08
C ASP B 183 3.24 11.03 -18.35
N ASP B 184 3.77 9.80 -18.37
CA ASP B 184 3.82 9.06 -19.65
C ASP B 184 2.69 8.04 -19.79
N HIS B 185 2.05 7.70 -18.68
CA HIS B 185 1.04 6.65 -18.58
C HIS B 185 -0.36 7.26 -18.55
N ILE B 186 -1.29 6.68 -19.30
CA ILE B 186 -2.68 7.07 -19.19
C ILE B 186 -3.50 5.86 -18.79
N GLY B 187 -4.35 6.00 -17.78
CA GLY B 187 -5.02 4.87 -17.20
C GLY B 187 -6.52 5.14 -16.89
N VAL B 188 -7.26 4.05 -16.89
CA VAL B 188 -8.69 4.06 -16.58
C VAL B 188 -8.92 3.20 -15.34
N CYS B 189 -9.72 3.71 -14.39
CA CYS B 189 -10.04 2.99 -13.17
C CYS B 189 -11.52 2.98 -12.84
N GLY B 190 -11.94 1.95 -12.11
CA GLY B 190 -13.21 1.94 -11.43
C GLY B 190 -13.07 2.68 -10.11
N ARG B 191 -13.87 2.28 -9.12
CA ARG B 191 -13.68 2.94 -7.83
C ARG B 191 -12.44 2.44 -7.10
N ASN B 192 -12.07 1.16 -7.24
CA ASN B 192 -11.02 0.65 -6.39
C ASN B 192 -9.78 0.14 -7.12
N TRP B 193 -9.83 -0.07 -8.43
CA TRP B 193 -8.73 -0.69 -9.14
C TRP B 193 -8.47 0.03 -10.44
N GLU B 194 -7.22 -0.02 -10.92
CA GLU B 194 -6.92 0.32 -12.30
C GLU B 194 -7.00 -0.91 -13.18
N LEU B 195 -7.56 -0.74 -14.37
CA LEU B 195 -7.81 -1.80 -15.34
C LEU B 195 -7.03 -1.58 -16.63
N ARG B 196 -6.69 -2.66 -17.34
CA ARG B 196 -6.40 -2.54 -18.76
C ARG B 196 -7.57 -2.76 -19.66
N GLU B 197 -7.41 -2.19 -20.84
CA GLU B 197 -8.41 -2.19 -21.89
C GLU B 197 -8.55 -3.58 -22.50
N THR B 198 -9.76 -4.10 -22.43
CA THR B 198 -10.22 -5.27 -23.17
C THR B 198 -11.37 -4.79 -24.03
N ALA B 199 -11.73 -5.58 -25.04
CA ALA B 199 -12.91 -5.20 -25.82
C ALA B 199 -14.16 -5.18 -24.96
N THR B 200 -14.19 -5.99 -23.89
CA THR B 200 -15.36 -6.14 -23.03
C THR B 200 -15.60 -4.94 -22.12
N ASN B 201 -14.56 -4.23 -21.68
CA ASN B 201 -14.70 -3.37 -20.51
C ASN B 201 -15.47 -2.11 -20.86
N ALA B 202 -16.43 -1.77 -20.00
CA ALA B 202 -17.32 -0.63 -20.25
C ALA B 202 -16.62 0.71 -20.00
N GLN B 203 -15.78 0.78 -18.96
CA GLN B 203 -15.12 2.04 -18.64
C GLN B 203 -14.14 2.42 -19.75
N TRP B 204 -13.34 1.45 -20.22
CA TRP B 204 -12.44 1.73 -21.33
C TRP B 204 -13.20 2.11 -22.58
N HIS B 205 -14.31 1.43 -22.85
CA HIS B 205 -15.13 1.79 -24.02
C HIS B 205 -15.54 3.25 -23.95
N ALA B 206 -16.10 3.64 -22.82
CA ALA B 206 -16.55 5.02 -22.64
C ALA B 206 -15.39 5.99 -22.71
N ALA B 207 -14.24 5.61 -22.16
CA ALA B 207 -13.05 6.46 -22.27
C ALA B 207 -12.60 6.62 -23.71
N ARG B 208 -12.89 5.64 -24.57
CA ARG B 208 -12.35 5.72 -25.90
C ARG B 208 -13.30 6.39 -26.88
N ARG B 209 -14.60 6.35 -26.59
CA ARG B 209 -15.62 6.97 -27.43
C ARG B 209 -15.78 8.46 -27.15
N ASN B 210 -15.62 8.89 -25.91
CA ASN B 210 -15.54 10.31 -25.64
C ASN B 210 -14.16 10.87 -26.00
N LYS B 211 -13.20 10.00 -26.30
CA LYS B 211 -11.84 10.39 -26.66
C LYS B 211 -11.16 11.15 -25.52
N MET B 212 -11.28 10.65 -24.28
CA MET B 212 -10.73 11.40 -23.17
C MET B 212 -9.31 10.98 -22.85
N ILE B 213 -8.86 9.82 -23.33
CA ILE B 213 -7.43 9.55 -23.32
C ILE B 213 -6.72 10.56 -24.19
N GLU B 214 -7.24 10.81 -25.39
CA GLU B 214 -6.58 11.75 -26.28
C GLU B 214 -6.75 13.20 -25.83
N GLY B 215 -7.76 13.50 -25.03
CA GLY B 215 -7.86 14.83 -24.44
C GLY B 215 -6.85 15.09 -23.35
N LEU B 216 -6.45 14.06 -22.61
CA LEU B 216 -5.49 14.29 -21.55
C LEU B 216 -4.07 14.34 -22.07
N GLN B 217 -3.78 13.70 -23.21
CA GLN B 217 -2.52 13.95 -23.89
C GLN B 217 -2.48 15.37 -24.41
N PHE B 218 -3.61 15.85 -24.93
CA PHE B 218 -3.69 17.21 -25.46
C PHE B 218 -3.45 18.24 -24.37
N LEU B 219 -4.12 18.06 -23.22
CA LEU B 219 -3.96 19.05 -22.16
C LEU B 219 -2.56 19.02 -21.57
N ASN B 220 -1.84 17.91 -21.70
CA ASN B 220 -0.43 17.81 -21.33
C ASN B 220 -0.19 18.14 -19.85
N ARG B 221 -1.16 17.83 -19.00
CA ARG B 221 -1.06 18.02 -17.56
C ARG B 221 -1.33 16.70 -16.83
N ASN B 222 -0.86 16.61 -15.59
CA ASN B 222 -1.02 15.39 -14.80
C ASN B 222 -2.35 15.48 -14.05
N LEU B 223 -3.40 15.00 -14.68
CA LEU B 223 -4.75 15.23 -14.20
C LEU B 223 -5.55 13.94 -14.18
N ALA B 224 -6.50 13.88 -13.27
CA ALA B 224 -7.41 12.75 -13.17
C ALA B 224 -8.81 13.29 -13.39
N LEU B 225 -9.47 12.82 -14.45
CA LEU B 225 -10.85 13.20 -14.70
C LEU B 225 -11.72 12.17 -14.00
N GLN B 226 -12.55 12.63 -13.07
CA GLN B 226 -13.30 11.75 -12.19
C GLN B 226 -14.78 12.04 -12.32
N GLY B 227 -15.55 10.97 -12.44
CA GLY B 227 -16.98 11.08 -12.55
C GLY B 227 -17.59 9.70 -12.50
N ALA B 228 -18.76 9.58 -13.08
CA ALA B 228 -19.55 8.37 -13.02
C ALA B 228 -19.84 7.90 -14.43
N ILE B 229 -19.80 6.61 -14.62
CA ILE B 229 -20.32 6.00 -15.84
C ILE B 229 -21.71 5.51 -15.49
N ILE B 230 -22.66 5.86 -16.35
CA ILE B 230 -24.06 5.53 -16.17
C ILE B 230 -24.60 5.03 -17.50
N GLY B 231 -25.62 4.20 -17.45
CA GLY B 231 -26.26 3.80 -18.67
C GLY B 231 -26.90 2.43 -18.51
N GLU B 232 -27.00 1.74 -19.63
CA GLU B 232 -27.64 0.43 -19.64
C GLU B 232 -26.83 -0.51 -18.76
N SER B 233 -27.54 -1.30 -17.96
CA SER B 233 -26.99 -2.33 -17.07
C SER B 233 -26.19 -1.77 -15.89
N ILE B 234 -26.21 -0.47 -15.64
CA ILE B 234 -25.47 0.12 -14.52
C ILE B 234 -26.45 0.67 -13.49
N GLN B 235 -26.44 0.04 -12.30
CA GLN B 235 -27.25 0.42 -11.13
C GLN B 235 -28.63 0.94 -11.53
N GLY B 236 -29.34 0.12 -12.28
CA GLY B 236 -30.73 0.39 -12.62
C GLY B 236 -30.93 1.21 -13.87
N ASN B 237 -29.92 1.91 -14.37
CA ASN B 237 -30.08 2.81 -15.50
C ASN B 237 -31.25 3.76 -15.25
N LEU B 238 -31.12 4.52 -14.18
CA LEU B 238 -32.23 5.35 -13.77
C LEU B 238 -32.40 6.57 -14.65
N GLU B 239 -31.49 6.80 -15.56
CA GLU B 239 -31.71 7.82 -16.59
C GLU B 239 -32.23 7.22 -17.87
N LYS B 240 -32.43 5.91 -17.92
CA LYS B 240 -33.09 5.29 -19.06
C LYS B 240 -32.28 5.52 -20.33
N LEU B 241 -30.96 5.70 -20.17
CA LEU B 241 -30.10 6.22 -21.23
C LEU B 241 -29.86 5.17 -22.32
N LYS B 242 -29.46 5.66 -23.50
CA LYS B 242 -29.10 4.84 -24.66
C LYS B 242 -27.63 4.46 -24.50
N GLY B 243 -27.32 3.18 -24.29
CA GLY B 243 -25.92 2.84 -24.17
C GLY B 243 -25.38 3.25 -22.82
N GLN B 244 -24.07 3.52 -22.78
CA GLN B 244 -23.36 3.92 -21.55
C GLN B 244 -22.52 5.16 -21.82
N ASP B 245 -22.26 5.95 -20.78
CA ASP B 245 -21.52 7.19 -20.98
C ASP B 245 -20.90 7.65 -19.67
N PHE B 246 -19.79 8.38 -19.79
CA PHE B 246 -19.08 8.96 -18.65
C PHE B 246 -19.54 10.40 -18.40
N TYR B 247 -19.73 10.75 -17.12
CA TYR B 247 -20.09 12.11 -16.71
C TYR B 247 -19.07 12.59 -15.69
N LEU B 248 -18.41 13.71 -15.99
CA LEU B 248 -17.39 14.26 -15.12
C LEU B 248 -18.04 15.01 -13.96
N PHE B 249 -17.47 14.88 -12.75
CA PHE B 249 -17.83 15.79 -11.66
C PHE B 249 -16.66 16.33 -10.86
N ASP B 250 -15.44 15.84 -11.07
CA ASP B 250 -14.29 16.38 -10.35
C ASP B 250 -13.05 16.22 -11.22
N ILE B 251 -12.06 17.07 -10.98
CA ILE B 251 -10.74 16.89 -11.58
C ILE B 251 -9.69 17.13 -10.52
N TYR B 252 -8.85 16.12 -10.31
CA TYR B 252 -7.81 16.16 -9.31
C TYR B 252 -6.47 16.53 -9.96
N ASP B 253 -5.85 17.58 -9.45
CA ASP B 253 -4.50 17.97 -9.88
C ASP B 253 -3.53 17.03 -9.21
N ILE B 254 -2.95 16.09 -9.98
CA ILE B 254 -2.07 15.10 -9.37
C ILE B 254 -0.84 15.77 -8.78
N ASP B 255 -0.24 16.68 -9.54
CA ASP B 255 1.02 17.28 -9.12
C ASP B 255 0.87 18.16 -7.88
N LYS B 256 -0.27 18.84 -7.72
CA LYS B 256 -0.50 19.68 -6.56
C LYS B 256 -1.37 19.02 -5.51
N ALA B 257 -1.73 17.74 -5.70
CA ALA B 257 -2.55 16.95 -4.78
C ALA B 257 -3.73 17.76 -4.24
N GLN B 258 -4.52 18.29 -5.16
CA GLN B 258 -5.71 19.05 -4.79
C GLN B 258 -6.67 19.04 -5.97
N TYR B 259 -7.94 19.34 -5.69
CA TYR B 259 -9.00 19.33 -6.68
C TYR B 259 -9.14 20.68 -7.34
N LEU B 260 -9.45 20.68 -8.63
CA LEU B 260 -9.79 21.94 -9.29
C LEU B 260 -11.03 22.55 -8.65
N THR B 261 -10.95 23.84 -8.32
CA THR B 261 -12.15 24.58 -7.95
C THR B 261 -13.21 24.43 -9.04
N PRO B 262 -14.48 24.62 -8.70
CA PRO B 262 -15.53 24.48 -9.71
C PRO B 262 -15.26 25.28 -10.97
N ILE B 263 -14.83 26.54 -10.85
CA ILE B 263 -14.71 27.32 -12.08
C ILE B 263 -13.49 26.89 -12.88
N GLU B 264 -12.40 26.50 -12.20
CA GLU B 264 -11.27 25.92 -12.93
C GLU B 264 -11.71 24.67 -13.68
N ARG B 265 -12.43 23.77 -12.98
CA ARG B 265 -12.91 22.55 -13.60
C ARG B 265 -13.86 22.84 -14.76
N GLN B 266 -14.72 23.84 -14.58
CA GLN B 266 -15.66 24.19 -15.64
C GLN B 266 -14.97 24.79 -16.84
N SER B 267 -13.95 25.63 -16.63
CA SER B 267 -13.24 26.19 -17.77
C SER B 267 -12.52 25.11 -18.57
N LEU B 268 -12.03 24.08 -17.91
CA LEU B 268 -11.25 23.05 -18.60
C LEU B 268 -12.13 22.07 -19.36
N VAL B 269 -13.31 21.74 -18.81
CA VAL B 269 -14.23 20.91 -19.56
C VAL B 269 -14.66 21.63 -20.83
N LYS B 270 -14.92 22.94 -20.73
CA LYS B 270 -15.12 23.78 -21.90
C LYS B 270 -14.01 23.55 -22.93
N GLN B 271 -12.76 23.71 -22.48
CA GLN B 271 -11.61 23.53 -23.36
C GLN B 271 -11.64 22.18 -24.06
N LEU B 272 -11.88 21.10 -23.31
CA LEU B 272 -11.87 19.77 -23.91
C LEU B 272 -12.89 19.65 -25.04
N ASN B 273 -14.11 20.08 -24.77
CA ASN B 273 -15.15 20.08 -25.78
C ASN B 273 -14.82 21.00 -26.95
N ASP B 274 -14.23 22.17 -26.65
CA ASP B 274 -13.90 23.12 -27.71
C ASP B 274 -12.89 22.55 -28.70
N ASN B 275 -12.06 21.60 -28.27
CA ASN B 275 -11.08 20.96 -29.14
C ASN B 275 -11.52 19.57 -29.55
N GLY B 276 -12.81 19.27 -29.38
CA GLY B 276 -13.43 18.06 -29.87
C GLY B 276 -13.43 16.87 -28.95
N PHE B 277 -13.07 17.04 -27.69
CA PHE B 277 -13.05 15.93 -26.74
C PHE B 277 -14.37 15.95 -26.02
N THR B 278 -15.25 15.03 -26.39
CA THR B 278 -16.68 15.13 -26.07
C THR B 278 -16.97 14.60 -24.67
N VAL B 279 -16.39 15.25 -23.67
CA VAL B 279 -16.50 14.81 -22.29
C VAL B 279 -17.68 15.55 -21.70
N LYS B 280 -18.67 14.81 -21.27
CA LYS B 280 -19.88 15.38 -20.71
C LYS B 280 -19.73 15.58 -19.20
N HIS B 281 -20.33 16.65 -18.69
CA HIS B 281 -20.27 17.00 -17.28
C HIS B 281 -21.60 16.70 -16.59
N VAL B 282 -21.56 16.41 -15.27
CA VAL B 282 -22.81 16.20 -14.53
C VAL B 282 -23.60 17.49 -14.62
N PRO B 283 -24.93 17.43 -14.62
CA PRO B 283 -25.73 18.65 -14.72
C PRO B 283 -25.37 19.67 -13.65
N ILE B 284 -25.07 20.89 -14.09
CA ILE B 284 -24.72 22.00 -13.22
C ILE B 284 -25.95 22.87 -13.06
N LEU B 285 -26.32 23.14 -11.82
CA LEU B 285 -27.42 24.01 -11.48
C LEU B 285 -26.86 25.37 -11.08
N ASP B 286 -27.72 26.25 -10.59
CA ASP B 286 -27.26 27.56 -10.19
C ASP B 286 -26.39 27.45 -8.95
N ASP B 287 -25.42 28.35 -8.84
CA ASP B 287 -24.60 28.43 -7.64
C ASP B 287 -25.50 28.70 -6.43
N LEU B 288 -25.02 28.33 -5.25
CA LEU B 288 -25.82 28.52 -4.03
C LEU B 288 -25.03 29.30 -2.99
N GLU B 289 -25.68 30.27 -2.35
CA GLU B 289 -25.09 30.97 -1.22
C GLU B 289 -25.53 30.27 0.06
N LEU B 290 -24.57 29.69 0.81
CA LEU B 290 -24.93 28.88 1.96
C LEU B 290 -25.64 29.78 2.97
N ASN B 291 -26.95 29.57 3.11
CA ASN B 291 -27.75 30.22 4.13
C ASN B 291 -28.92 29.34 4.59
N HIS B 292 -28.68 28.05 4.84
CA HIS B 292 -29.78 27.10 4.92
C HIS B 292 -29.61 26.07 6.02
N THR B 293 -30.73 25.59 6.57
CA THR B 293 -30.62 24.45 7.47
C THR B 293 -30.28 23.19 6.68
N ALA B 294 -29.66 22.25 7.40
CA ALA B 294 -29.49 20.90 6.89
C ALA B 294 -30.83 20.38 6.38
N GLU B 295 -31.89 20.77 7.05
CA GLU B 295 -33.21 20.28 6.77
C GLU B 295 -33.65 20.79 5.39
N GLN B 296 -33.27 22.04 5.11
CA GLN B 296 -33.57 22.74 3.88
C GLN B 296 -32.67 22.30 2.74
N ILE B 297 -31.41 22.01 3.03
CA ILE B 297 -30.53 21.42 2.02
C ILE B 297 -31.14 20.13 1.47
N LEU B 298 -31.63 19.27 2.37
CA LEU B 298 -32.22 18.02 1.93
C LEU B 298 -33.47 18.27 1.11
N ALA B 299 -34.22 19.30 1.44
CA ALA B 299 -35.42 19.60 0.68
C ALA B 299 -35.08 19.93 -0.76
N MET B 300 -33.94 20.60 -0.99
CA MET B 300 -33.50 20.88 -2.35
C MET B 300 -33.07 19.65 -3.11
N ALA B 301 -32.75 18.55 -2.40
CA ALA B 301 -32.24 17.34 -3.05
C ALA B 301 -33.23 16.79 -4.06
N ASP B 302 -34.52 16.88 -3.77
CA ASP B 302 -35.46 16.33 -4.72
C ASP B 302 -35.52 17.22 -5.94
N GLY B 303 -35.85 16.61 -7.08
CA GLY B 303 -35.86 17.31 -8.34
C GLY B 303 -35.57 16.39 -9.48
N PRO B 304 -35.56 16.96 -10.69
CA PRO B 304 -35.27 16.17 -11.89
C PRO B 304 -33.78 15.94 -12.05
N SER B 305 -33.46 14.83 -12.70
CA SER B 305 -32.10 14.41 -12.94
C SER B 305 -31.65 14.87 -14.33
N LEU B 306 -30.57 14.27 -14.82
CA LEU B 306 -30.15 14.51 -16.20
C LEU B 306 -31.29 14.19 -17.17
N ASN B 307 -31.90 13.03 -17.01
CA ASN B 307 -33.20 12.76 -17.61
C ASN B 307 -34.23 13.55 -16.82
N LYS B 308 -34.77 14.56 -17.46
CA LYS B 308 -35.63 15.48 -16.76
C LYS B 308 -36.98 14.86 -16.41
N ASN B 309 -37.26 13.65 -16.91
CA ASN B 309 -38.46 12.86 -16.64
C ASN B 309 -38.29 11.87 -15.50
N VAL B 310 -37.12 11.85 -14.88
CA VAL B 310 -36.78 11.02 -13.74
C VAL B 310 -36.39 11.92 -12.59
N LYS B 311 -36.70 11.53 -11.35
CA LYS B 311 -36.18 12.34 -10.25
C LYS B 311 -34.83 11.82 -9.80
N ARG B 312 -33.97 12.73 -9.40
CA ARG B 312 -32.55 12.49 -9.23
C ARG B 312 -32.24 11.91 -7.85
N GLU B 313 -31.07 11.30 -7.77
CA GLU B 313 -30.61 10.75 -6.52
C GLU B 313 -30.29 11.85 -5.53
N GLY B 314 -29.79 12.98 -5.98
CA GLY B 314 -29.53 14.08 -5.06
C GLY B 314 -28.65 15.13 -5.67
N LEU B 315 -28.03 15.91 -4.77
CA LEU B 315 -27.23 17.04 -5.14
C LEU B 315 -25.87 16.97 -4.46
N VAL B 316 -24.89 17.59 -5.11
CA VAL B 316 -23.56 17.79 -4.56
C VAL B 316 -23.29 19.29 -4.53
N PHE B 317 -22.61 19.72 -3.48
CA PHE B 317 -22.28 21.11 -3.25
C PHE B 317 -20.77 21.16 -3.06
N LYS B 318 -20.08 21.97 -3.86
CA LYS B 318 -18.64 22.14 -3.71
C LYS B 318 -18.34 23.63 -3.62
N ARG B 319 -17.59 24.01 -2.59
CA ARG B 319 -17.37 25.42 -2.32
C ARG B 319 -16.54 25.98 -3.47
N LEU B 320 -16.76 27.25 -3.79
CA LEU B 320 -16.15 27.80 -4.99
C LEU B 320 -14.63 27.81 -4.88
N ASP B 321 -14.10 27.92 -3.66
CA ASP B 321 -12.68 27.73 -3.48
C ASP B 321 -12.27 26.28 -3.74
N GLY B 322 -13.26 25.40 -3.92
CA GLY B 322 -13.04 24.00 -4.23
C GLY B 322 -12.55 23.22 -3.05
N LYS B 323 -12.86 23.67 -1.83
CA LYS B 323 -12.01 23.25 -0.73
C LYS B 323 -12.87 22.78 0.47
N PHE B 324 -14.18 22.64 0.27
CA PHE B 324 -15.16 22.13 1.24
C PHE B 324 -16.36 21.67 0.45
N SER B 325 -16.71 20.38 0.52
CA SER B 325 -17.84 19.87 -0.26
C SER B 325 -18.63 18.83 0.55
N PHE B 326 -19.84 18.54 0.07
CA PHE B 326 -20.73 17.55 0.68
C PHE B 326 -21.86 17.23 -0.28
N LYS B 327 -22.56 16.14 -0.01
CA LYS B 327 -23.75 15.75 -0.76
C LYS B 327 -24.99 15.78 0.13
N ALA B 328 -26.15 15.94 -0.51
CA ALA B 328 -27.46 15.76 0.12
C ALA B 328 -28.25 14.80 -0.75
N ILE B 329 -28.48 13.58 -0.25
CA ILE B 329 -29.17 12.55 -1.01
C ILE B 329 -30.66 12.74 -0.85
N SER B 330 -31.39 12.58 -1.92
CA SER B 330 -32.84 12.75 -1.86
C SER B 330 -33.46 11.62 -1.07
N ASN B 331 -34.26 11.98 -0.08
CA ASN B 331 -34.96 10.96 0.69
C ASN B 331 -36.15 10.43 -0.10
N ALA B 332 -36.70 11.26 -0.98
CA ALA B 332 -37.71 10.76 -1.90
C ALA B 332 -37.13 9.62 -2.75
N TYR B 333 -35.92 9.81 -3.26
CA TYR B 333 -35.27 8.77 -4.07
C TYR B 333 -34.98 7.53 -3.24
N LEU B 334 -34.45 7.74 -2.02
CA LEU B 334 -34.15 6.62 -1.15
C LEU B 334 -35.42 5.82 -0.82
N GLU B 335 -36.53 6.50 -0.60
CA GLU B 335 -37.74 5.78 -0.28
C GLU B 335 -38.24 5.03 -1.48
N LYS B 336 -38.01 5.55 -2.68
CA LYS B 336 -38.54 4.88 -3.85
C LYS B 336 -37.73 3.64 -4.22
N HIS B 337 -36.38 3.67 -4.06
CA HIS B 337 -35.44 2.61 -4.44
C HIS B 337 -34.86 1.87 -3.23
N LYS B 338 -35.28 0.63 -2.98
CA LYS B 338 -34.93 -0.05 -1.73
C LYS B 338 -33.61 -0.82 -1.76
N ASP B 339 -32.90 -0.86 -2.90
CA ASP B 339 -31.52 -1.34 -3.01
C ASP B 339 -30.49 -0.21 -2.93
N ARG B 340 -30.75 0.86 -2.16
CA ARG B 340 -29.91 2.06 -2.14
C ARG B 340 -29.70 2.57 -0.71
N SER C 1 -10.96 -23.10 42.19
CA SER C 1 -9.84 -22.59 41.39
C SER C 1 -9.81 -22.74 39.87
N MET C 2 -10.82 -23.20 39.10
CA MET C 2 -10.66 -24.17 37.99
C MET C 2 -9.26 -24.34 37.40
N GLY C 3 -9.08 -25.33 36.55
CA GLY C 3 -7.75 -25.60 36.07
C GLY C 3 -7.95 -26.65 35.01
N VAL C 4 -7.26 -27.76 35.13
CA VAL C 4 -7.53 -28.87 34.22
C VAL C 4 -8.68 -29.72 34.78
N ARG C 5 -9.35 -29.24 35.85
CA ARG C 5 -10.16 -30.10 36.74
C ARG C 5 -11.65 -30.05 36.38
N LYS C 6 -12.39 -28.98 36.63
CA LYS C 6 -13.86 -29.09 36.49
C LYS C 6 -14.41 -28.71 35.09
N LEU C 7 -13.87 -29.37 34.07
CA LEU C 7 -14.23 -29.01 32.72
C LEU C 7 -15.60 -29.59 32.35
N ALA C 8 -15.97 -30.76 32.87
CA ALA C 8 -17.27 -31.38 32.60
C ALA C 8 -17.96 -31.69 33.92
N THR C 9 -19.14 -31.12 34.13
CA THR C 9 -19.87 -31.26 35.39
C THR C 9 -21.32 -31.65 35.13
N ILE C 10 -21.95 -32.25 36.14
CA ILE C 10 -23.38 -32.53 36.08
C ILE C 10 -24.12 -31.29 36.54
N ARG C 11 -24.94 -30.71 35.65
CA ARG C 11 -25.72 -29.50 35.93
C ARG C 11 -27.19 -29.71 35.59
N THR C 12 -27.99 -28.68 35.83
CA THR C 12 -29.42 -28.77 35.59
C THR C 12 -29.83 -27.67 34.62
N ALA C 13 -30.66 -28.04 33.64
CA ALA C 13 -31.16 -27.07 32.68
C ALA C 13 -31.98 -26.00 33.40
N GLY C 14 -31.61 -24.73 33.19
CA GLY C 14 -32.40 -23.61 33.67
C GLY C 14 -33.51 -23.24 32.72
N GLU C 15 -33.73 -21.95 32.51
CA GLU C 15 -34.80 -21.51 31.63
C GLU C 15 -34.41 -21.74 30.16
N ILE C 16 -35.38 -22.19 29.36
CA ILE C 16 -35.18 -22.42 27.93
C ILE C 16 -35.98 -21.38 27.16
N THR C 17 -35.32 -20.69 26.22
CA THR C 17 -35.97 -19.60 25.49
C THR C 17 -35.89 -19.83 23.99
N PRO C 18 -36.84 -19.29 23.21
CA PRO C 18 -36.75 -19.40 21.74
C PRO C 18 -35.60 -18.56 21.18
N ILE C 19 -35.15 -18.94 20.00
CA ILE C 19 -34.15 -18.20 19.25
C ILE C 19 -34.83 -17.77 17.98
N ALA C 20 -35.06 -16.47 17.84
CA ALA C 20 -35.90 -15.96 16.74
C ALA C 20 -35.43 -16.49 15.40
N GLY C 21 -36.37 -16.84 14.53
CA GLY C 21 -36.00 -17.32 13.24
C GLY C 21 -35.36 -18.70 13.21
N ALA C 22 -35.05 -19.30 14.35
CA ALA C 22 -34.49 -20.67 14.38
C ALA C 22 -35.52 -21.62 14.96
N GLU C 23 -36.11 -22.46 14.12
CA GLU C 23 -37.20 -23.29 14.58
C GLU C 23 -36.76 -24.61 15.20
N ALA C 24 -35.52 -25.03 14.98
CA ALA C 24 -35.06 -26.31 15.48
C ALA C 24 -34.08 -26.20 16.62
N ILE C 25 -33.66 -25.00 17.00
CA ILE C 25 -32.77 -24.84 18.14
C ILE C 25 -33.41 -23.88 19.12
N GLU C 26 -32.94 -23.93 20.36
CA GLU C 26 -33.38 -23.01 21.40
C GLU C 26 -32.20 -22.76 22.35
N CYS C 27 -32.36 -21.72 23.16
CA CYS C 27 -31.36 -21.29 24.13
C CYS C 27 -31.65 -21.93 25.48
N CYS C 28 -30.65 -22.56 26.05
CA CYS C 28 -30.77 -23.15 27.38
C CYS C 28 -29.83 -22.44 28.34
N HIS C 29 -30.39 -22.00 29.46
CA HIS C 29 -29.59 -21.40 30.52
C HIS C 29 -29.03 -22.49 31.40
N VAL C 30 -27.71 -22.45 31.60
CA VAL C 30 -26.99 -23.30 32.53
C VAL C 30 -26.13 -22.38 33.37
N ASP C 31 -26.11 -22.60 34.66
CA ASP C 31 -26.35 -21.50 35.58
C ASP C 31 -26.01 -20.13 35.03
N GLY C 32 -24.73 -19.78 34.89
CA GLY C 32 -24.51 -18.44 34.38
C GLY C 32 -24.33 -18.36 32.86
N TRP C 33 -24.33 -19.48 32.17
CA TRP C 33 -24.09 -19.57 30.75
C TRP C 33 -25.41 -19.66 29.98
N THR C 34 -25.33 -19.34 28.71
CA THR C 34 -26.36 -19.68 27.74
C THR C 34 -25.77 -20.63 26.72
N CYS C 35 -26.54 -21.61 26.31
CA CYS C 35 -25.99 -22.68 25.49
C CYS C 35 -27.06 -23.14 24.52
N VAL C 36 -26.71 -23.24 23.25
CA VAL C 36 -27.66 -23.59 22.21
C VAL C 36 -27.91 -25.09 22.23
N ILE C 37 -29.19 -25.48 22.23
CA ILE C 37 -29.52 -26.90 22.18
C ILE C 37 -30.45 -27.17 21.02
N LYS C 38 -30.49 -28.44 20.61
CA LYS C 38 -31.51 -28.88 19.68
C LYS C 38 -32.85 -28.88 20.40
N LYS C 39 -33.88 -28.39 19.72
CA LYS C 39 -35.17 -28.19 20.34
C LYS C 39 -35.67 -29.45 21.04
N GLY C 40 -36.18 -29.27 22.25
CA GLY C 40 -36.64 -30.39 23.05
C GLY C 40 -35.58 -31.28 23.64
N GLU C 41 -34.30 -30.98 23.46
CA GLU C 41 -33.27 -31.84 24.06
C GLU C 41 -33.37 -31.83 25.58
N PHE C 42 -33.65 -30.67 26.16
CA PHE C 42 -33.83 -30.52 27.59
C PHE C 42 -35.15 -29.81 27.88
N LYS C 43 -35.64 -30.02 29.08
CA LYS C 43 -36.62 -29.13 29.68
C LYS C 43 -36.12 -28.69 31.05
N GLN C 44 -36.59 -27.52 31.46
CA GLN C 44 -36.09 -26.89 32.68
C GLN C 44 -36.22 -27.84 33.86
N GLY C 45 -35.11 -28.06 34.56
CA GLY C 45 -35.06 -29.00 35.66
C GLY C 45 -34.34 -30.28 35.33
N ASP C 46 -34.24 -30.62 34.05
CA ASP C 46 -33.49 -31.80 33.67
C ASP C 46 -32.01 -31.64 33.95
N ARG C 47 -31.37 -32.79 34.20
CA ARG C 47 -29.93 -32.88 34.44
C ARG C 47 -29.21 -33.23 33.15
N GLY C 48 -27.96 -32.77 33.06
CA GLY C 48 -27.14 -33.02 31.89
C GLY C 48 -25.69 -32.85 32.22
N VAL C 49 -24.84 -33.23 31.26
CA VAL C 49 -23.41 -33.05 31.40
C VAL C 49 -23.03 -31.74 30.70
N TYR C 50 -22.48 -30.81 31.46
CA TYR C 50 -22.07 -29.52 30.93
C TYR C 50 -20.55 -29.45 30.80
N PHE C 51 -20.08 -29.19 29.58
CA PHE C 51 -18.68 -29.02 29.27
C PHE C 51 -18.41 -27.53 29.06
N GLU C 52 -17.49 -26.95 29.85
CA GLU C 52 -17.18 -25.54 29.71
C GLU C 52 -16.39 -25.25 28.43
N ILE C 53 -16.47 -24.01 27.97
CA ILE C 53 -15.52 -23.53 26.97
C ILE C 53 -14.10 -23.83 27.46
N ASP C 54 -13.21 -24.12 26.52
CA ASP C 54 -11.82 -24.56 26.65
C ASP C 54 -11.72 -26.07 26.86
N SER C 55 -12.82 -26.80 27.00
CA SER C 55 -12.68 -28.25 27.03
C SER C 55 -12.19 -28.73 25.68
N PHE C 56 -11.39 -29.78 25.69
CA PHE C 56 -11.03 -30.49 24.46
C PHE C 56 -11.65 -31.87 24.54
N ILE C 57 -12.46 -32.20 23.54
CA ILE C 57 -13.25 -33.43 23.58
C ILE C 57 -12.77 -34.31 22.45
N LYS C 58 -12.16 -35.45 22.80
CA LYS C 58 -11.66 -36.40 21.81
C LYS C 58 -12.81 -36.96 21.00
N GLU C 59 -12.49 -37.34 19.77
CA GLU C 59 -13.51 -37.74 18.81
C GLU C 59 -14.25 -38.98 19.28
N ASP C 60 -15.58 -38.91 19.22
CA ASP C 60 -16.43 -40.04 19.60
C ASP C 60 -17.76 -39.79 18.90
N ASN C 61 -18.00 -40.53 17.83
CA ASN C 61 -19.20 -40.26 17.03
C ASN C 61 -20.44 -40.95 17.55
N ASP C 62 -20.37 -41.70 18.64
CA ASP C 62 -21.57 -42.22 19.28
C ASP C 62 -22.03 -41.30 20.40
N ARG C 63 -21.07 -40.78 21.15
CA ARG C 63 -21.27 -39.91 22.29
C ARG C 63 -21.29 -38.44 21.88
N TYR C 64 -20.50 -38.03 20.89
CA TYR C 64 -20.42 -36.62 20.48
C TYR C 64 -20.61 -36.42 18.99
N PRO C 65 -21.64 -37.04 18.39
CA PRO C 65 -21.83 -36.87 16.96
C PRO C 65 -22.14 -35.44 16.56
N MET C 66 -22.71 -34.64 17.45
CA MET C 66 -22.97 -33.24 17.10
C MET C 66 -21.71 -32.40 17.05
N LEU C 67 -20.54 -32.98 17.33
CA LEU C 67 -19.26 -32.30 17.20
C LEU C 67 -18.54 -32.62 15.90
N SER C 68 -19.13 -33.45 15.02
CA SER C 68 -18.37 -34.05 13.94
C SER C 68 -17.80 -33.01 12.98
N LYS C 69 -18.46 -31.86 12.83
CA LYS C 69 -17.97 -30.87 11.89
C LYS C 69 -17.13 -29.79 12.55
N GLN C 70 -16.69 -30.01 13.78
CA GLN C 70 -15.72 -29.10 14.37
C GLN C 70 -14.50 -29.85 14.87
N VAL C 71 -14.20 -30.99 14.25
CA VAL C 71 -13.03 -31.75 14.66
C VAL C 71 -11.76 -31.05 14.17
N ILE C 72 -10.84 -30.82 15.10
CA ILE C 72 -9.51 -30.30 14.78
C ILE C 72 -8.48 -31.32 15.21
N ASP C 73 -7.25 -31.07 14.80
CA ASP C 73 -6.12 -31.84 15.27
C ASP C 73 -5.48 -31.10 16.44
N TYR C 74 -5.28 -31.81 17.53
CA TYR C 74 -4.64 -31.24 18.71
C TYR C 74 -3.54 -32.22 19.13
N GLU C 75 -2.29 -31.87 18.80
CA GLU C 75 -1.13 -32.67 19.20
C GLU C 75 -1.25 -34.11 18.73
N GLY C 76 -1.88 -34.33 17.58
CA GLY C 76 -2.03 -35.66 17.02
C GLY C 76 -3.34 -36.36 17.33
N GLN C 77 -4.20 -35.81 18.18
CA GLN C 77 -5.45 -36.45 18.54
C GLN C 77 -6.57 -35.69 17.87
N ARG C 78 -7.54 -36.41 17.32
CA ARG C 78 -8.70 -35.75 16.72
C ARG C 78 -9.66 -35.40 17.83
N GLY C 79 -10.08 -34.15 17.88
CA GLY C 79 -11.09 -33.79 18.86
C GLY C 79 -11.60 -32.40 18.59
N THR C 80 -12.45 -31.95 19.50
CA THR C 80 -13.12 -30.67 19.37
C THR C 80 -12.79 -29.79 20.56
N ARG C 81 -12.37 -28.56 20.28
CA ARG C 81 -12.17 -27.54 21.29
C ARG C 81 -13.43 -26.67 21.35
N LEU C 82 -14.01 -26.54 22.54
CA LEU C 82 -15.23 -25.73 22.70
C LEU C 82 -14.84 -24.27 22.88
N ARG C 83 -15.44 -23.39 22.10
CA ARG C 83 -15.06 -21.99 22.14
C ARG C 83 -16.33 -21.17 22.13
N THR C 84 -16.19 -19.92 22.57
CA THR C 84 -17.33 -19.02 22.53
C THR C 84 -17.82 -18.86 21.09
N ALA C 85 -19.14 -18.88 20.91
CA ALA C 85 -19.71 -18.84 19.57
C ALA C 85 -21.06 -18.15 19.60
N ARG C 86 -21.49 -17.73 18.42
CA ARG C 86 -22.74 -17.01 18.25
C ARG C 86 -23.44 -17.72 17.11
N LEU C 87 -24.59 -18.34 17.39
CA LEU C 87 -25.31 -19.14 16.41
C LEU C 87 -26.70 -18.58 16.24
N ARG C 88 -27.02 -18.18 15.00
CA ARG C 88 -28.30 -17.53 14.76
C ARG C 88 -28.50 -16.40 15.75
N GLY C 89 -27.41 -15.64 15.96
CA GLY C 89 -27.47 -14.47 16.82
C GLY C 89 -27.45 -14.73 18.32
N GLN C 90 -27.45 -15.99 18.75
CA GLN C 90 -27.50 -16.35 20.16
C GLN C 90 -26.09 -16.64 20.62
N LEU C 91 -25.65 -15.94 21.67
CA LEU C 91 -24.39 -16.26 22.32
C LEU C 91 -24.42 -17.69 22.81
N SER C 92 -23.40 -18.45 22.49
CA SER C 92 -23.47 -19.84 22.90
C SER C 92 -22.12 -20.28 23.39
N GLN C 93 -22.06 -20.80 24.62
CA GLN C 93 -20.80 -21.19 25.24
C GLN C 93 -20.98 -22.53 25.91
N GLY C 94 -20.14 -23.49 25.53
CA GLY C 94 -20.14 -24.81 26.12
C GLY C 94 -20.99 -25.80 25.36
N LEU C 95 -21.01 -27.01 25.88
CA LEU C 95 -21.80 -28.10 25.33
C LEU C 95 -22.57 -28.71 26.48
N PHE C 96 -23.88 -28.89 26.28
CA PHE C 96 -24.81 -29.44 27.26
C PHE C 96 -25.49 -30.66 26.67
N LEU C 97 -25.25 -31.81 27.28
CA LEU C 97 -25.80 -33.04 26.76
C LEU C 97 -26.65 -33.73 27.81
N PRO C 98 -27.76 -34.31 27.41
CA PRO C 98 -28.65 -34.96 28.38
C PRO C 98 -27.96 -36.15 29.02
N MET C 99 -28.43 -36.48 30.24
CA MET C 99 -27.88 -37.62 30.97
C MET C 99 -28.05 -38.92 30.22
N ASP C 100 -29.04 -39.02 29.33
CA ASP C 100 -29.34 -40.27 28.66
C ASP C 100 -28.21 -40.76 27.75
N ARG C 101 -27.17 -39.98 27.53
CA ARG C 101 -26.05 -40.45 26.72
C ARG C 101 -24.84 -40.86 27.55
N PHE C 102 -24.95 -40.84 28.88
CA PHE C 102 -23.85 -41.18 29.78
C PHE C 102 -24.31 -42.18 30.82
N PRO C 103 -24.49 -43.44 30.42
CA PRO C 103 -24.95 -44.46 31.38
C PRO C 103 -24.02 -44.60 32.59
N GLU C 104 -22.72 -44.41 32.40
CA GLU C 104 -21.77 -44.59 33.50
C GLU C 104 -21.81 -43.45 34.52
N LEU C 105 -22.50 -42.34 34.24
CA LEU C 105 -22.65 -41.27 35.21
C LEU C 105 -23.98 -41.31 35.96
N ALA C 106 -24.77 -42.37 35.78
CA ALA C 106 -26.06 -42.47 36.46
C ALA C 106 -25.87 -42.44 37.96
N SER C 107 -24.80 -43.05 38.42
CA SER C 107 -24.39 -42.99 39.81
C SER C 107 -24.06 -41.57 40.28
N ASN C 108 -23.93 -40.64 39.35
CA ASN C 108 -23.39 -39.35 39.75
C ASN C 108 -24.49 -38.38 40.17
N GLN C 109 -24.06 -37.43 41.02
CA GLN C 109 -24.86 -36.39 41.66
C GLN C 109 -24.73 -35.07 40.88
N VAL C 110 -25.69 -34.16 41.07
CA VAL C 110 -25.60 -32.84 40.44
C VAL C 110 -24.50 -32.03 41.11
N GLY C 111 -23.62 -31.40 40.31
CA GLY C 111 -22.42 -30.76 40.82
C GLY C 111 -21.15 -31.59 40.77
N ASP C 112 -21.26 -32.90 40.50
CA ASP C 112 -20.08 -33.75 40.38
C ASP C 112 -19.17 -33.30 39.25
N ASP C 113 -17.87 -33.31 39.50
CA ASP C 113 -16.86 -33.17 38.46
C ASP C 113 -16.67 -34.52 37.78
N VAL C 114 -17.05 -34.65 36.51
CA VAL C 114 -16.84 -35.90 35.78
C VAL C 114 -15.79 -35.75 34.69
N THR C 115 -14.94 -34.72 34.81
CA THR C 115 -13.88 -34.50 33.84
C THR C 115 -12.98 -35.73 33.64
N GLU C 116 -12.44 -36.27 34.73
CA GLU C 116 -11.47 -37.34 34.53
C GLU C 116 -12.13 -38.62 34.05
N ILE C 117 -13.37 -38.87 34.47
CA ILE C 117 -14.09 -40.06 33.99
C ILE C 117 -14.35 -39.99 32.49
N LEU C 118 -14.68 -38.81 31.96
CA LEU C 118 -15.02 -38.66 30.56
C LEU C 118 -13.79 -38.35 29.69
N GLY C 119 -12.59 -38.39 30.27
CA GLY C 119 -11.37 -38.19 29.50
C GLY C 119 -11.20 -36.79 28.95
N ILE C 120 -11.87 -35.79 29.52
CA ILE C 120 -11.85 -34.46 28.96
C ILE C 120 -10.56 -33.78 29.37
N THR C 121 -9.97 -32.98 28.48
CA THR C 121 -8.78 -32.23 28.82
C THR C 121 -8.99 -30.75 28.48
N LYS C 122 -8.06 -29.95 28.96
CA LYS C 122 -8.08 -28.52 28.70
C LYS C 122 -7.25 -28.24 27.46
N TRP C 123 -7.82 -27.49 26.52
CA TRP C 123 -7.05 -27.01 25.38
C TRP C 123 -6.29 -25.75 25.79
N GLU C 124 -5.02 -25.69 25.41
CA GLU C 124 -4.13 -24.58 25.72
C GLU C 124 -3.34 -24.33 24.43
N PRO C 125 -3.08 -23.07 24.11
CA PRO C 125 -2.37 -22.75 22.89
C PRO C 125 -0.96 -23.29 22.94
N PRO C 126 -0.32 -23.51 21.80
CA PRO C 126 1.09 -23.88 21.84
C PRO C 126 1.85 -22.74 22.49
N ILE C 127 2.92 -23.08 23.19
CA ILE C 127 3.58 -22.06 24.01
C ILE C 127 4.58 -21.29 23.15
N SER C 128 4.69 -19.98 23.42
CA SER C 128 5.50 -19.12 22.57
C SER C 128 6.98 -19.37 22.84
N THR C 129 7.76 -19.34 21.75
CA THR C 129 9.08 -19.93 21.73
C THR C 129 10.02 -19.37 22.80
N ASN C 130 10.00 -18.06 23.03
CA ASN C 130 10.89 -17.55 24.08
C ASN C 130 10.26 -17.58 25.47
N LEU C 131 9.04 -18.11 25.58
CA LEU C 131 8.46 -18.45 26.87
C LEU C 131 8.60 -19.93 27.18
N SER C 132 9.04 -20.73 26.21
CA SER C 132 9.46 -22.10 26.47
C SER C 132 10.92 -22.06 26.93
N GLY C 133 11.25 -22.90 27.89
CA GLY C 133 12.60 -22.87 28.42
C GLY C 133 13.13 -24.25 28.74
N GLU C 134 14.15 -24.33 29.57
CA GLU C 134 14.67 -25.61 30.02
C GLU C 134 14.10 -25.89 31.39
N ILE C 135 13.55 -27.09 31.57
CA ILE C 135 12.88 -27.40 32.82
C ILE C 135 13.91 -27.53 33.94
N LEU C 136 13.59 -26.95 35.10
CA LEU C 136 14.31 -27.25 36.31
C LEU C 136 13.61 -28.35 37.08
N GLY C 137 12.29 -28.32 37.14
CA GLY C 137 11.59 -29.37 37.84
C GLY C 137 10.11 -29.17 37.70
N GLU C 138 9.38 -29.83 38.60
CA GLU C 138 7.94 -29.71 38.61
C GLU C 138 7.56 -28.34 39.16
N PHE C 139 6.34 -27.93 38.88
CA PHE C 139 5.86 -26.72 39.53
C PHE C 139 5.82 -27.01 41.02
N PRO C 140 6.44 -26.18 41.86
CA PRO C 140 6.58 -26.53 43.27
C PRO C 140 5.23 -26.92 43.88
N THR C 141 5.21 -28.08 44.54
CA THR C 141 3.99 -28.58 45.19
C THR C 141 3.50 -27.63 46.27
N PHE C 142 4.38 -26.85 46.88
CA PHE C 142 3.97 -25.99 47.98
C PHE C 142 3.52 -24.60 47.52
N ILE C 143 3.25 -24.40 46.24
CA ILE C 143 2.72 -23.13 45.76
C ILE C 143 1.48 -23.42 44.94
N SER C 144 0.39 -22.70 45.21
CA SER C 144 -0.79 -22.83 44.36
C SER C 144 -0.57 -22.27 42.97
N LYS C 145 -1.24 -22.87 41.99
CA LYS C 145 -1.12 -22.26 40.69
C LYS C 145 -2.19 -21.18 40.60
N THR C 146 -2.22 -20.47 39.47
CA THR C 146 -2.80 -19.15 39.43
C THR C 146 -4.28 -19.09 39.07
N ASP C 147 -4.88 -20.17 38.61
CA ASP C 147 -6.18 -20.10 37.96
C ASP C 147 -7.30 -19.59 38.88
N GLN C 148 -8.34 -19.00 38.27
CA GLN C 148 -9.51 -18.46 38.94
C GLN C 148 -10.81 -19.08 38.42
N GLU C 149 -11.80 -19.23 39.30
CA GLU C 149 -13.12 -19.70 38.88
C GLU C 149 -13.88 -18.58 38.18
N ARG C 150 -14.76 -18.97 37.25
CA ARG C 150 -15.58 -18.02 36.52
C ARG C 150 -16.83 -17.64 37.29
N VAL C 151 -17.22 -16.38 37.20
CA VAL C 151 -18.44 -15.91 37.86
C VAL C 151 -19.65 -16.72 37.43
N GLN C 152 -19.68 -17.18 36.17
CA GLN C 152 -20.82 -17.92 35.63
C GLN C 152 -21.06 -19.21 36.38
N ASN C 153 -20.06 -19.73 37.07
CA ASN C 153 -20.23 -21.00 37.78
C ASN C 153 -20.47 -20.79 39.27
N LEU C 154 -20.62 -19.54 39.70
CA LEU C 154 -20.75 -19.19 41.09
C LEU C 154 -22.01 -18.37 41.35
N ILE C 155 -23.14 -18.76 40.79
CA ILE C 155 -24.34 -17.96 41.01
C ILE C 155 -24.75 -17.98 42.49
N PRO C 156 -24.72 -19.13 43.17
CA PRO C 156 -25.05 -19.07 44.61
C PRO C 156 -24.03 -18.31 45.44
N GLN C 157 -22.75 -18.42 45.15
CA GLN C 157 -21.78 -17.78 46.03
C GLN C 157 -21.83 -16.27 45.88
N ILE C 158 -22.24 -15.78 44.71
CA ILE C 158 -22.46 -14.35 44.51
C ILE C 158 -23.62 -13.88 45.38
N GLU C 159 -24.56 -14.79 45.63
CA GLU C 159 -25.72 -14.46 46.45
C GLU C 159 -25.30 -14.22 47.89
N GLU C 160 -24.59 -15.19 48.46
CA GLU C 160 -24.17 -15.17 49.85
C GLU C 160 -23.10 -14.14 50.13
N ASN C 161 -22.41 -13.66 49.12
CA ASN C 161 -21.39 -12.63 49.33
C ASN C 161 -21.93 -11.23 49.09
N LYS C 162 -23.25 -11.09 48.95
CA LYS C 162 -23.83 -9.76 48.86
C LYS C 162 -23.45 -8.96 50.10
N GLY C 163 -22.91 -7.76 49.89
CA GLY C 163 -22.45 -6.94 50.99
C GLY C 163 -20.95 -7.02 51.25
N GLN C 164 -20.31 -8.14 50.92
CA GLN C 164 -18.86 -8.24 51.06
C GLN C 164 -18.18 -7.26 50.12
N LYS C 165 -16.92 -6.95 50.42
CA LYS C 165 -16.19 -5.99 49.61
C LYS C 165 -15.05 -6.67 48.88
N PHE C 166 -14.74 -6.16 47.69
CA PHE C 166 -13.89 -6.85 46.74
C PHE C 166 -12.88 -5.90 46.15
N GLU C 167 -11.63 -6.36 46.07
CA GLU C 167 -10.65 -5.76 45.19
C GLU C 167 -10.99 -6.13 43.76
N VAL C 168 -11.01 -5.14 42.88
CA VAL C 168 -11.31 -5.33 41.46
C VAL C 168 -10.03 -5.07 40.69
N THR C 169 -9.63 -6.02 39.86
CA THR C 169 -8.43 -5.82 39.05
C THR C 169 -8.74 -6.22 37.62
N VAL C 170 -7.97 -5.62 36.72
CA VAL C 170 -8.07 -5.92 35.31
C VAL C 170 -7.36 -7.24 35.06
N LYS C 171 -8.02 -8.14 34.35
CA LYS C 171 -7.37 -9.37 33.92
C LYS C 171 -6.61 -9.09 32.63
N LEU C 172 -5.33 -9.39 32.62
CA LEU C 172 -4.52 -9.17 31.44
C LEU C 172 -4.25 -10.49 30.75
N ASP C 173 -4.05 -10.42 29.43
CA ASP C 173 -3.93 -11.62 28.60
C ASP C 173 -2.44 -11.90 28.40
N GLY C 174 -1.92 -12.82 29.20
CA GLY C 174 -0.53 -13.18 29.07
C GLY C 174 -0.35 -14.59 29.56
N SER C 175 0.89 -14.96 29.75
CA SER C 175 1.25 -16.28 30.23
C SER C 175 1.62 -16.20 31.70
N SER C 176 1.23 -17.22 32.44
CA SER C 176 1.35 -17.16 33.88
C SER C 176 2.80 -17.36 34.31
N MET C 177 3.16 -16.74 35.42
CA MET C 177 4.57 -16.69 35.80
C MET C 177 4.70 -16.54 37.32
N THR C 178 5.62 -17.31 37.89
CA THR C 178 5.85 -17.26 39.32
C THR C 178 7.35 -17.14 39.61
N VAL C 179 7.70 -16.18 40.45
CA VAL C 179 9.02 -16.04 41.03
C VAL C 179 8.84 -16.23 42.53
N TYR C 180 9.55 -17.18 43.12
CA TYR C 180 9.31 -17.53 44.51
C TYR C 180 10.62 -17.70 45.26
N ARG C 181 10.52 -17.64 46.58
CA ARG C 181 11.64 -17.90 47.48
C ARG C 181 11.19 -18.91 48.53
N LYS C 182 11.89 -20.04 48.61
CA LYS C 182 11.87 -20.92 49.77
C LYS C 182 13.30 -21.08 50.22
N ASP C 183 13.49 -21.11 51.52
CA ASP C 183 14.49 -20.34 52.23
C ASP C 183 15.72 -19.94 51.41
N ASP C 184 16.54 -20.87 50.94
CA ASP C 184 17.77 -20.46 50.28
C ASP C 184 17.63 -20.40 48.77
N HIS C 185 16.61 -21.06 48.21
CA HIS C 185 16.43 -21.17 46.77
C HIS C 185 15.43 -20.12 46.32
N ILE C 186 15.77 -19.39 45.26
CA ILE C 186 14.86 -18.48 44.62
C ILE C 186 14.70 -18.95 43.20
N GLY C 187 13.44 -19.13 42.79
CA GLY C 187 13.14 -19.79 41.52
C GLY C 187 12.05 -19.06 40.77
N VAL C 188 12.10 -19.27 39.46
CA VAL C 188 11.19 -18.74 38.47
C VAL C 188 10.46 -19.92 37.84
N CYS C 189 9.13 -19.77 37.63
CA CYS C 189 8.31 -20.81 37.02
C CYS C 189 7.41 -20.23 35.94
N GLY C 190 7.10 -21.06 34.96
CA GLY C 190 6.04 -20.78 34.03
C GLY C 190 4.72 -21.20 34.61
N ARG C 191 3.79 -21.60 33.74
CA ARG C 191 2.52 -22.05 34.25
C ARG C 191 2.65 -23.42 34.91
N ASN C 192 3.47 -24.32 34.36
CA ASN C 192 3.54 -25.70 34.84
C ASN C 192 4.91 -26.20 35.28
N TRP C 193 6.00 -25.48 34.99
CA TRP C 193 7.35 -25.99 35.28
C TRP C 193 8.21 -24.91 35.90
N GLU C 194 9.17 -25.33 36.72
CA GLU C 194 10.22 -24.41 37.14
C GLU C 194 11.34 -24.48 36.11
N LEU C 195 11.88 -23.31 35.77
CA LEU C 195 12.78 -23.18 34.64
C LEU C 195 14.18 -22.83 35.09
N ARG C 196 15.14 -23.21 34.27
CA ARG C 196 16.51 -22.85 34.52
C ARG C 196 16.75 -21.50 33.90
N GLU C 197 17.56 -20.70 34.56
CA GLU C 197 17.83 -19.39 34.04
C GLU C 197 18.68 -19.53 32.79
N THR C 198 18.17 -19.05 31.68
CA THR C 198 18.99 -18.81 30.50
C THR C 198 18.82 -17.37 30.08
N ALA C 199 19.78 -16.88 29.29
CA ALA C 199 19.61 -15.59 28.63
C ALA C 199 18.46 -15.65 27.63
N THR C 200 18.07 -16.84 27.17
CA THR C 200 16.95 -16.96 26.22
C THR C 200 15.59 -16.69 26.84
N ASN C 201 15.38 -17.07 28.10
CA ASN C 201 14.02 -17.25 28.57
C ASN C 201 13.33 -15.94 28.98
N ALA C 202 12.10 -15.81 28.53
CA ALA C 202 11.38 -14.57 28.75
C ALA C 202 11.04 -14.39 30.22
N GLN C 203 10.70 -15.47 30.93
CA GLN C 203 10.33 -15.38 32.34
C GLN C 203 11.51 -14.93 33.21
N TRP C 204 12.68 -15.55 33.04
CA TRP C 204 13.86 -15.09 33.79
C TRP C 204 14.26 -13.69 33.38
N HIS C 205 14.14 -13.37 32.09
CA HIS C 205 14.45 -12.03 31.59
C HIS C 205 13.65 -10.97 32.31
N ALA C 206 12.31 -11.15 32.34
CA ALA C 206 11.48 -10.16 33.00
C ALA C 206 11.76 -10.14 34.50
N ALA C 207 12.03 -11.33 35.08
CA ALA C 207 12.40 -11.41 36.49
C ALA C 207 13.69 -10.67 36.77
N ARG C 208 14.58 -10.58 35.81
CA ARG C 208 15.79 -9.87 36.10
C ARG C 208 15.65 -8.40 35.74
N ARG C 209 14.64 -8.06 34.94
CA ARG C 209 14.42 -6.67 34.63
C ARG C 209 13.82 -5.92 35.81
N ASN C 210 12.88 -6.53 36.54
CA ASN C 210 12.36 -5.85 37.71
C ASN C 210 13.31 -5.94 38.87
N LYS C 211 14.35 -6.77 38.76
CA LYS C 211 15.20 -7.12 39.89
C LYS C 211 14.38 -7.79 40.99
N MET C 212 13.50 -8.73 40.63
CA MET C 212 12.61 -9.27 41.66
C MET C 212 13.20 -10.48 42.37
N ILE C 213 14.24 -11.08 41.80
CA ILE C 213 15.02 -12.03 42.57
C ILE C 213 15.73 -11.33 43.73
N GLU C 214 16.30 -10.15 43.48
CA GLU C 214 16.94 -9.45 44.58
C GLU C 214 15.92 -8.83 45.54
N GLY C 215 14.71 -8.56 45.08
CA GLY C 215 13.69 -8.11 46.02
C GLY C 215 13.19 -9.20 46.95
N LEU C 216 13.20 -10.45 46.50
CA LEU C 216 12.85 -11.52 47.43
C LEU C 216 14.02 -11.87 48.35
N GLN C 217 15.24 -11.62 47.93
CA GLN C 217 16.31 -11.71 48.89
C GLN C 217 16.14 -10.62 49.94
N PHE C 218 15.75 -9.42 49.50
CA PHE C 218 15.61 -8.30 50.41
C PHE C 218 14.45 -8.51 51.37
N LEU C 219 13.30 -8.99 50.89
CA LEU C 219 12.15 -9.18 51.76
C LEU C 219 12.36 -10.30 52.78
N ASN C 220 13.26 -11.24 52.53
CA ASN C 220 13.64 -12.24 53.52
C ASN C 220 12.46 -13.10 53.97
N ARG C 221 11.48 -13.31 53.10
CA ARG C 221 10.33 -14.16 53.42
C ARG C 221 10.13 -15.25 52.37
N ASN C 222 9.41 -16.29 52.76
CA ASN C 222 9.15 -17.39 51.85
C ASN C 222 7.85 -17.09 51.13
N LEU C 223 7.96 -16.47 49.95
CA LEU C 223 6.82 -15.97 49.22
C LEU C 223 6.93 -16.33 47.74
N ALA C 224 5.76 -16.41 47.10
CA ALA C 224 5.66 -16.69 45.68
C ALA C 224 4.96 -15.50 45.00
N LEU C 225 5.69 -14.80 44.12
CA LEU C 225 5.16 -13.67 43.39
C LEU C 225 4.56 -14.17 42.08
N GLN C 226 3.26 -13.94 41.91
CA GLN C 226 2.51 -14.54 40.83
C GLN C 226 1.84 -13.48 39.98
N GLY C 227 2.00 -13.63 38.68
CA GLY C 227 1.38 -12.71 37.77
C GLY C 227 1.52 -13.17 36.34
N ALA C 228 1.44 -12.20 35.45
CA ALA C 228 1.38 -12.49 34.04
C ALA C 228 2.53 -11.77 33.38
N ILE C 229 3.12 -12.43 32.41
CA ILE C 229 4.07 -11.78 31.55
C ILE C 229 3.32 -11.46 30.28
N ILE C 230 3.37 -10.18 29.90
CA ILE C 230 2.67 -9.67 28.74
C ILE C 230 3.64 -8.79 27.99
N GLY C 231 3.44 -8.71 26.68
CA GLY C 231 4.19 -7.78 25.88
C GLY C 231 4.20 -8.28 24.45
N GLU C 232 5.22 -7.85 23.72
CA GLU C 232 5.37 -8.22 22.33
C GLU C 232 5.63 -9.71 22.22
N SER C 233 5.18 -10.29 21.11
CA SER C 233 5.34 -11.72 20.81
C SER C 233 4.71 -12.58 21.90
N ILE C 234 3.98 -11.95 22.82
CA ILE C 234 3.23 -12.60 23.87
C ILE C 234 1.75 -12.40 23.54
N GLN C 235 1.08 -13.50 23.23
CA GLN C 235 -0.34 -13.57 22.87
C GLN C 235 -0.81 -12.38 22.02
N GLY C 236 -0.06 -12.05 20.97
CA GLY C 236 -0.54 -11.02 20.08
C GLY C 236 -0.28 -9.62 20.59
N ASN C 237 0.06 -9.48 21.87
CA ASN C 237 0.32 -8.20 22.52
C ASN C 237 -0.86 -7.24 22.44
N LEU C 238 -1.97 -7.60 23.09
CA LEU C 238 -3.18 -6.78 22.96
C LEU C 238 -3.11 -5.45 23.70
N GLU C 239 -2.06 -5.19 24.49
CA GLU C 239 -1.88 -3.87 25.08
C GLU C 239 -0.90 -3.03 24.27
N LYS C 240 -0.42 -3.56 23.15
CA LYS C 240 0.42 -2.81 22.21
C LYS C 240 1.75 -2.42 22.85
N LEU C 241 2.18 -3.22 23.83
CA LEU C 241 3.31 -2.89 24.69
C LEU C 241 4.64 -3.10 23.96
N LYS C 242 5.65 -2.36 24.39
CA LYS C 242 7.01 -2.48 23.86
C LYS C 242 7.80 -3.45 24.74
N GLY C 243 8.30 -4.52 24.16
CA GLY C 243 9.07 -5.44 24.97
C GLY C 243 8.14 -6.37 25.73
N GLN C 244 8.65 -6.87 26.84
CA GLN C 244 7.90 -7.81 27.66
C GLN C 244 8.01 -7.39 29.12
N ASP C 245 7.00 -7.75 29.92
CA ASP C 245 7.02 -7.28 31.29
C ASP C 245 6.12 -8.13 32.17
N PHE C 246 6.49 -8.19 33.45
CA PHE C 246 5.76 -8.94 34.46
C PHE C 246 4.77 -8.02 35.16
N TYR C 247 3.54 -8.49 35.36
CA TYR C 247 2.51 -7.76 36.10
C TYR C 247 2.02 -8.66 37.23
N LEU C 248 2.17 -8.18 38.46
CA LEU C 248 1.83 -9.00 39.60
C LEU C 248 0.31 -8.96 39.86
N PHE C 249 -0.28 -10.12 40.19
CA PHE C 249 -1.66 -10.10 40.70
C PHE C 249 -1.92 -10.96 41.95
N ASP C 250 -0.96 -11.78 42.40
CA ASP C 250 -1.15 -12.54 43.63
C ASP C 250 0.19 -12.75 44.30
N ILE C 251 0.16 -12.96 45.61
CA ILE C 251 1.36 -13.32 46.35
C ILE C 251 1.01 -14.39 47.36
N TYR C 252 1.67 -15.54 47.24
CA TYR C 252 1.39 -16.69 48.07
C TYR C 252 2.41 -16.76 49.19
N ASP C 253 1.92 -16.77 50.43
CA ASP C 253 2.77 -16.94 51.61
C ASP C 253 3.02 -18.41 51.83
N ILE C 254 4.24 -18.86 51.55
CA ILE C 254 4.56 -20.28 51.59
C ILE C 254 4.51 -20.83 53.01
N ASP C 255 5.03 -20.08 53.99
CA ASP C 255 5.06 -20.66 55.35
C ASP C 255 3.67 -20.88 55.93
N LYS C 256 2.71 -20.04 55.59
CA LYS C 256 1.36 -20.18 56.11
C LYS C 256 0.42 -20.81 55.09
N ALA C 257 0.95 -21.19 53.93
CA ALA C 257 0.20 -21.77 52.82
C ALA C 257 -1.10 -21.03 52.54
N GLN C 258 -1.00 -19.71 52.33
CA GLN C 258 -2.19 -18.96 52.00
C GLN C 258 -1.80 -17.68 51.28
N TYR C 259 -2.80 -17.09 50.64
CA TYR C 259 -2.60 -15.91 49.81
C TYR C 259 -2.68 -14.63 50.64
N LEU C 260 -1.78 -13.67 50.35
CA LEU C 260 -1.96 -12.36 50.95
C LEU C 260 -3.30 -11.78 50.56
N THR C 261 -4.01 -11.25 51.54
CA THR C 261 -5.18 -10.41 51.24
C THR C 261 -4.81 -9.29 50.29
N PRO C 262 -5.77 -8.71 49.60
CA PRO C 262 -5.45 -7.57 48.73
C PRO C 262 -4.70 -6.44 49.44
N ILE C 263 -5.04 -6.12 50.70
CA ILE C 263 -4.33 -4.99 51.33
C ILE C 263 -2.90 -5.38 51.69
N GLU C 264 -2.67 -6.63 52.13
CA GLU C 264 -1.30 -7.09 52.37
C GLU C 264 -0.47 -7.06 51.09
N ARG C 265 -1.04 -7.57 49.99
CA ARG C 265 -0.32 -7.60 48.73
C ARG C 265 -0.01 -6.19 48.23
N GLN C 266 -1.01 -5.30 48.30
CA GLN C 266 -0.74 -3.94 47.83
C GLN C 266 0.33 -3.28 48.69
N SER C 267 0.29 -3.49 50.00
CA SER C 267 1.37 -2.92 50.81
C SER C 267 2.71 -3.56 50.50
N LEU C 268 2.72 -4.85 50.21
CA LEU C 268 4.00 -5.47 49.94
C LEU C 268 4.55 -5.06 48.56
N VAL C 269 3.68 -4.85 47.56
CA VAL C 269 4.16 -4.29 46.30
C VAL C 269 4.71 -2.89 46.52
N LYS C 270 3.99 -2.03 47.24
CA LYS C 270 4.52 -0.72 47.57
C LYS C 270 5.94 -0.80 48.13
N GLN C 271 6.11 -1.67 49.13
CA GLN C 271 7.42 -1.84 49.75
C GLN C 271 8.48 -2.12 48.71
N LEU C 272 8.21 -3.07 47.81
CA LEU C 272 9.23 -3.43 46.81
C LEU C 272 9.63 -2.22 45.97
N ASN C 273 8.63 -1.51 45.46
CA ASN C 273 8.90 -0.33 44.67
C ASN C 273 9.64 0.71 45.50
N ASP C 274 9.25 0.88 46.76
CA ASP C 274 9.94 1.87 47.60
C ASP C 274 11.42 1.52 47.79
N ASN C 275 11.80 0.26 47.60
CA ASN C 275 13.18 -0.17 47.81
C ASN C 275 13.89 -0.42 46.50
N GLY C 276 13.34 0.08 45.41
CA GLY C 276 14.00 0.01 44.13
C GLY C 276 13.75 -1.25 43.33
N PHE C 277 12.81 -2.11 43.76
CA PHE C 277 12.46 -3.32 43.01
C PHE C 277 11.16 -2.99 42.29
N THR C 278 11.28 -2.68 41.00
CA THR C 278 10.25 -1.99 40.21
C THR C 278 9.22 -2.98 39.66
N VAL C 279 8.47 -3.57 40.57
CA VAL C 279 7.53 -4.65 40.27
C VAL C 279 6.18 -4.01 40.00
N LYS C 280 5.61 -4.26 38.83
CA LYS C 280 4.32 -3.72 38.46
C LYS C 280 3.18 -4.65 38.85
N HIS C 281 2.07 -4.04 39.22
CA HIS C 281 0.86 -4.74 39.56
C HIS C 281 -0.15 -4.60 38.44
N VAL C 282 -1.04 -5.59 38.28
CA VAL C 282 -2.12 -5.43 37.30
C VAL C 282 -2.93 -4.20 37.71
N PRO C 283 -3.53 -3.49 36.74
CA PRO C 283 -4.34 -2.33 37.09
C PRO C 283 -5.39 -2.68 38.14
N ILE C 284 -5.41 -1.87 39.17
CA ILE C 284 -6.35 -2.00 40.27
C ILE C 284 -7.43 -0.95 40.10
N LEU C 285 -8.67 -1.37 40.12
CA LEU C 285 -9.78 -0.45 40.06
C LEU C 285 -10.28 -0.20 41.47
N ASP C 286 -11.41 0.49 41.56
CA ASP C 286 -11.99 0.79 42.85
C ASP C 286 -12.51 -0.51 43.47
N ASP C 287 -12.46 -0.57 44.79
CA ASP C 287 -13.08 -1.69 45.47
C ASP C 287 -14.56 -1.74 45.13
N LEU C 288 -15.13 -2.93 45.25
CA LEU C 288 -16.54 -3.17 44.92
C LEU C 288 -17.24 -3.72 46.14
N GLU C 289 -18.39 -3.12 46.49
CA GLU C 289 -19.29 -3.63 47.49
C GLU C 289 -20.34 -4.46 46.76
N LEU C 290 -20.26 -5.78 46.93
CA LEU C 290 -21.05 -6.73 46.15
C LEU C 290 -22.54 -6.59 46.42
N ASN C 291 -23.30 -6.21 45.40
CA ASN C 291 -24.77 -6.26 45.48
C ASN C 291 -25.35 -6.70 44.15
N HIS C 292 -24.79 -7.75 43.54
CA HIS C 292 -25.04 -7.94 42.12
C HIS C 292 -25.34 -9.40 41.79
N THR C 293 -26.08 -9.55 40.70
CA THR C 293 -26.19 -10.82 40.01
C THR C 293 -24.94 -11.06 39.18
N ALA C 294 -24.65 -12.35 38.92
CA ALA C 294 -23.59 -12.69 37.99
C ALA C 294 -23.75 -11.99 36.67
N GLU C 295 -24.98 -11.85 36.19
CA GLU C 295 -25.13 -11.25 34.86
C GLU C 295 -24.63 -9.80 34.88
N GLN C 296 -24.77 -9.12 36.01
CA GLN C 296 -24.28 -7.75 36.08
C GLN C 296 -22.77 -7.72 36.26
N ILE C 297 -22.22 -8.63 37.06
CA ILE C 297 -20.77 -8.74 37.20
C ILE C 297 -20.14 -8.97 35.83
N LEU C 298 -20.75 -9.83 35.01
CA LEU C 298 -20.21 -10.08 33.67
C LEU C 298 -20.23 -8.81 32.84
N ALA C 299 -21.27 -7.99 32.98
CA ALA C 299 -21.36 -6.77 32.19
C ALA C 299 -20.25 -5.79 32.55
N MET C 300 -19.86 -5.72 33.83
CA MET C 300 -18.75 -4.84 34.16
C MET C 300 -17.41 -5.39 33.66
N ALA C 301 -17.35 -6.66 33.23
CA ALA C 301 -16.07 -7.15 32.73
C ALA C 301 -15.55 -6.30 31.58
N ASP C 302 -16.44 -5.72 30.77
CA ASP C 302 -16.04 -4.90 29.63
C ASP C 302 -15.57 -3.52 30.11
N GLY C 303 -14.67 -2.91 29.35
CA GLY C 303 -14.09 -1.65 29.76
C GLY C 303 -12.67 -1.47 29.28
N PRO C 304 -12.00 -0.39 29.71
CA PRO C 304 -10.63 -0.15 29.24
C PRO C 304 -9.61 -1.00 29.98
N SER C 305 -8.50 -1.28 29.29
CA SER C 305 -7.45 -2.16 29.77
C SER C 305 -6.30 -1.33 30.38
N LEU C 306 -5.13 -1.97 30.59
CA LEU C 306 -3.94 -1.22 31.01
C LEU C 306 -3.62 -0.11 30.01
N ASN C 307 -3.58 -0.47 28.73
CA ASN C 307 -3.75 0.50 27.67
C ASN C 307 -5.23 0.85 27.61
N LYS C 308 -5.58 2.06 28.07
CA LYS C 308 -6.97 2.46 28.16
C LYS C 308 -7.61 2.77 26.82
N ASN C 309 -6.85 2.72 25.72
CA ASN C 309 -7.46 2.80 24.40
C ASN C 309 -7.84 1.43 23.88
N VAL C 310 -7.54 0.37 24.62
CA VAL C 310 -7.93 -0.98 24.24
C VAL C 310 -8.86 -1.51 25.32
N LYS C 311 -9.85 -2.29 24.88
CA LYS C 311 -10.78 -2.92 25.81
C LYS C 311 -10.25 -4.27 26.25
N ARG C 312 -10.49 -4.58 27.52
CA ARG C 312 -9.76 -5.60 28.28
C ARG C 312 -10.36 -6.99 28.16
N GLU C 313 -9.55 -7.98 28.58
CA GLU C 313 -9.99 -9.37 28.67
C GLU C 313 -11.04 -9.57 29.77
N GLY C 314 -10.91 -8.85 30.88
CA GLY C 314 -11.93 -8.96 31.91
C GLY C 314 -11.47 -8.39 33.25
N LEU C 315 -12.15 -8.83 34.28
CA LEU C 315 -11.89 -8.36 35.63
C LEU C 315 -11.73 -9.56 36.55
N VAL C 316 -10.98 -9.33 37.61
CA VAL C 316 -10.83 -10.27 38.72
C VAL C 316 -11.32 -9.58 39.97
N PHE C 317 -11.97 -10.35 40.85
CA PHE C 317 -12.56 -9.86 42.08
C PHE C 317 -12.01 -10.75 43.18
N LYS C 318 -11.35 -10.15 44.16
CA LYS C 318 -10.86 -10.89 45.31
C LYS C 318 -11.34 -10.25 46.60
N ARG C 319 -11.99 -11.05 47.45
CA ARG C 319 -12.60 -10.50 48.66
C ARG C 319 -11.53 -10.00 49.64
N LEU C 320 -11.87 -8.96 50.39
CA LEU C 320 -10.82 -8.31 51.16
C LEU C 320 -10.22 -9.23 52.19
N ASP C 321 -10.97 -10.21 52.69
CA ASP C 321 -10.45 -11.23 53.61
C ASP C 321 -9.52 -12.23 52.94
N GLY C 322 -9.39 -12.18 51.62
CA GLY C 322 -8.50 -13.08 50.92
C GLY C 322 -8.98 -14.50 50.80
N LYS C 323 -10.29 -14.73 50.92
CA LYS C 323 -10.81 -16.09 51.03
C LYS C 323 -11.80 -16.46 49.92
N PHE C 324 -11.99 -15.62 48.92
CA PHE C 324 -12.96 -15.91 47.88
C PHE C 324 -12.71 -14.98 46.70
N SER C 325 -12.40 -15.55 45.55
CA SER C 325 -12.09 -14.77 44.36
C SER C 325 -12.65 -15.45 43.12
N PHE C 326 -12.75 -14.68 42.05
CA PHE C 326 -13.26 -15.18 40.77
C PHE C 326 -12.95 -14.16 39.69
N LYS C 327 -13.05 -14.61 38.44
CA LYS C 327 -12.91 -13.75 37.28
C LYS C 327 -14.23 -13.62 36.52
N ALA C 328 -14.38 -12.49 35.82
CA ALA C 328 -15.49 -12.29 34.89
C ALA C 328 -14.88 -11.86 33.56
N ILE C 329 -14.86 -12.77 32.58
CA ILE C 329 -14.24 -12.56 31.28
C ILE C 329 -15.20 -11.87 30.33
N SER C 330 -14.72 -10.86 29.62
CA SER C 330 -15.60 -10.17 28.68
C SER C 330 -16.01 -11.10 27.54
N ASN C 331 -17.30 -11.18 27.29
CA ASN C 331 -17.72 -12.02 26.19
C ASN C 331 -17.50 -11.34 24.85
N ALA C 332 -17.55 -9.99 24.84
CA ALA C 332 -17.16 -9.26 23.65
C ALA C 332 -15.71 -9.56 23.28
N TYR C 333 -14.83 -9.62 24.28
CA TYR C 333 -13.45 -9.95 24.02
C TYR C 333 -13.33 -11.38 23.49
N LEU C 334 -14.04 -12.34 24.11
CA LEU C 334 -13.92 -13.71 23.63
C LEU C 334 -14.41 -13.86 22.18
N GLU C 335 -15.44 -13.09 21.79
CA GLU C 335 -15.94 -13.16 20.44
C GLU C 335 -14.95 -12.54 19.44
N LYS C 336 -14.19 -11.52 19.85
CA LYS C 336 -13.27 -10.89 18.90
C LYS C 336 -12.01 -11.72 18.72
N HIS C 337 -11.48 -12.28 19.80
CA HIS C 337 -10.27 -13.07 19.69
C HIS C 337 -10.68 -14.52 19.80
N LYS C 338 -11.00 -15.12 18.67
CA LYS C 338 -11.58 -16.45 18.72
C LYS C 338 -10.51 -17.53 18.72
N ASP C 339 -9.25 -17.14 18.88
CA ASP C 339 -8.18 -18.10 19.07
C ASP C 339 -7.94 -18.38 20.52
N ARG C 340 -8.90 -18.06 21.36
CA ARG C 340 -8.36 -17.56 22.59
C ARG C 340 -9.32 -17.99 23.72
N SER D 1 26.99 36.76 -22.37
CA SER D 1 26.32 35.56 -22.88
C SER D 1 25.67 35.79 -24.24
N MET D 2 24.34 35.93 -24.29
CA MET D 2 23.60 35.82 -25.53
C MET D 2 22.36 36.73 -25.51
N GLY D 3 21.70 36.80 -26.67
CA GLY D 3 20.48 37.56 -26.90
C GLY D 3 19.19 37.01 -26.36
N VAL D 4 18.11 37.13 -27.13
CA VAL D 4 16.80 36.64 -26.72
C VAL D 4 16.48 35.26 -27.32
N ARG D 5 16.40 35.13 -28.65
CA ARG D 5 15.90 33.86 -29.20
C ARG D 5 16.20 33.65 -30.68
N LYS D 6 16.71 32.47 -30.99
CA LYS D 6 17.01 32.02 -32.37
C LYS D 6 16.43 30.62 -32.57
N LEU D 7 15.12 30.47 -32.34
CA LEU D 7 14.54 29.14 -32.33
C LEU D 7 14.45 28.53 -33.72
N ALA D 8 14.21 29.34 -34.75
CA ALA D 8 14.09 28.85 -36.12
C ALA D 8 15.09 29.61 -36.99
N THR D 9 16.08 28.88 -37.51
CA THR D 9 17.18 29.48 -38.25
C THR D 9 17.47 28.66 -39.49
N ILE D 10 18.05 29.31 -40.49
CA ILE D 10 18.51 28.63 -41.70
C ILE D 10 19.91 28.10 -41.42
N ARG D 11 20.06 26.77 -41.48
CA ARG D 11 21.33 26.07 -41.29
C ARG D 11 21.56 25.08 -42.44
N THR D 12 22.70 24.38 -42.38
CA THR D 12 23.09 23.43 -43.41
C THR D 12 23.32 22.04 -42.83
N ALA D 13 22.92 21.04 -43.59
CA ALA D 13 23.10 19.65 -43.18
C ALA D 13 24.57 19.28 -43.01
N GLY D 14 24.90 18.70 -41.85
CA GLY D 14 26.18 18.06 -41.61
C GLY D 14 26.17 16.67 -42.24
N GLU D 15 26.81 15.68 -41.61
CA GLU D 15 26.92 14.45 -42.39
C GLU D 15 25.65 13.65 -42.09
N ILE D 16 25.14 12.96 -43.11
CA ILE D 16 23.88 12.22 -42.99
C ILE D 16 24.24 10.74 -42.89
N THR D 17 23.78 10.10 -41.81
CA THR D 17 24.15 8.73 -41.50
C THR D 17 22.90 7.86 -41.46
N PRO D 18 23.02 6.59 -41.84
CA PRO D 18 21.85 5.70 -41.78
C PRO D 18 21.43 5.44 -40.35
N ILE D 19 20.19 4.99 -40.19
CA ILE D 19 19.69 4.54 -38.90
C ILE D 19 19.41 3.05 -39.04
N ALA D 20 20.19 2.22 -38.32
CA ALA D 20 20.14 0.78 -38.49
C ALA D 20 18.71 0.27 -38.38
N GLY D 21 18.38 -0.70 -39.22
CA GLY D 21 17.06 -1.27 -39.27
C GLY D 21 15.96 -0.36 -39.76
N ALA D 22 16.21 0.94 -39.89
CA ALA D 22 15.22 1.89 -40.38
C ALA D 22 15.72 2.56 -41.65
N GLU D 23 14.98 2.29 -42.72
CA GLU D 23 15.40 2.51 -44.08
C GLU D 23 14.75 3.73 -44.72
N ALA D 24 13.81 4.33 -44.01
CA ALA D 24 12.98 5.43 -44.48
C ALA D 24 13.27 6.75 -43.75
N ILE D 25 14.10 6.71 -42.72
CA ILE D 25 14.57 7.90 -42.03
C ILE D 25 16.08 7.85 -41.99
N GLU D 26 16.69 9.00 -41.74
CA GLU D 26 18.12 9.05 -41.60
C GLU D 26 18.45 10.07 -40.54
N CYS D 27 19.63 9.93 -39.98
CA CYS D 27 20.12 10.84 -38.98
C CYS D 27 20.90 11.94 -39.68
N CYS D 28 20.53 13.19 -39.42
CA CYS D 28 21.22 14.33 -40.00
C CYS D 28 21.84 15.15 -38.90
N HIS D 29 23.12 15.44 -39.02
CA HIS D 29 23.77 16.33 -38.07
C HIS D 29 23.52 17.74 -38.51
N VAL D 30 22.99 18.54 -37.62
CA VAL D 30 22.86 19.98 -37.80
C VAL D 30 23.56 20.56 -36.60
N ASP D 31 24.29 21.63 -36.80
CA ASP D 31 25.68 21.69 -36.42
C ASP D 31 26.07 20.75 -35.28
N GLY D 32 25.66 21.01 -34.05
CA GLY D 32 26.03 20.11 -32.99
C GLY D 32 24.97 19.10 -32.61
N TRP D 33 23.80 19.20 -33.21
CA TRP D 33 22.64 18.37 -32.93
C TRP D 33 22.56 17.21 -33.91
N THR D 34 21.85 16.18 -33.47
CA THR D 34 21.40 15.10 -34.35
C THR D 34 19.89 15.11 -34.38
N CYS D 35 19.35 14.91 -35.57
CA CYS D 35 17.93 15.10 -35.82
C CYS D 35 17.54 14.16 -36.95
N VAL D 36 16.40 13.48 -36.78
CA VAL D 36 15.93 12.50 -37.74
C VAL D 36 15.32 13.24 -38.92
N ILE D 37 15.73 12.89 -40.13
CA ILE D 37 15.22 13.48 -41.35
C ILE D 37 14.68 12.37 -42.22
N LYS D 38 13.90 12.77 -43.19
CA LYS D 38 13.32 11.72 -43.94
C LYS D 38 14.18 11.40 -45.17
N LYS D 39 14.34 10.10 -45.48
CA LYS D 39 15.40 9.70 -46.42
C LYS D 39 15.25 10.45 -47.73
N GLY D 40 16.37 10.94 -48.24
CA GLY D 40 16.38 11.76 -49.42
C GLY D 40 15.84 13.18 -49.27
N GLU D 41 15.44 13.60 -48.07
CA GLU D 41 14.99 14.98 -47.91
C GLU D 41 16.16 15.95 -48.08
N PHE D 42 17.32 15.61 -47.54
CA PHE D 42 18.52 16.44 -47.60
C PHE D 42 19.71 15.64 -48.07
N LYS D 43 20.71 16.36 -48.56
CA LYS D 43 22.06 15.82 -48.62
C LYS D 43 22.99 16.82 -47.96
N GLN D 44 24.13 16.32 -47.46
CA GLN D 44 25.06 17.15 -46.71
C GLN D 44 25.47 18.40 -47.49
N GLY D 45 25.33 19.55 -46.85
CA GLY D 45 25.58 20.82 -47.47
C GLY D 45 24.32 21.59 -47.80
N ASP D 46 23.19 20.90 -47.94
CA ASP D 46 21.95 21.60 -48.25
C ASP D 46 21.52 22.48 -47.09
N ARG D 47 20.88 23.59 -47.43
CA ARG D 47 20.38 24.56 -46.47
C ARG D 47 18.93 24.24 -46.15
N GLY D 48 18.54 24.48 -44.91
CA GLY D 48 17.19 24.16 -44.47
C GLY D 48 16.85 24.96 -43.23
N VAL D 49 15.59 24.85 -42.79
CA VAL D 49 15.13 25.55 -41.60
C VAL D 49 15.24 24.62 -40.40
N TYR D 50 16.01 25.03 -39.41
CA TYR D 50 16.22 24.26 -38.20
C TYR D 50 15.47 24.88 -37.03
N PHE D 51 14.58 24.11 -36.43
CA PHE D 51 13.86 24.51 -35.24
C PHE D 51 14.49 23.76 -34.09
N GLU D 52 14.97 24.50 -33.08
CA GLU D 52 15.55 23.88 -31.88
C GLU D 52 14.45 23.32 -30.98
N ILE D 53 14.84 22.37 -30.12
CA ILE D 53 13.96 21.95 -29.04
C ILE D 53 13.51 23.17 -28.24
N ASP D 54 12.30 23.10 -27.69
CA ASP D 54 11.50 24.11 -26.95
C ASP D 54 10.71 25.06 -27.86
N SER D 55 10.83 24.97 -29.18
CA SER D 55 9.96 25.81 -29.99
C SER D 55 8.54 25.25 -29.97
N PHE D 56 7.58 26.15 -30.04
CA PHE D 56 6.17 25.81 -30.15
C PHE D 56 5.70 26.23 -31.53
N ILE D 57 5.11 25.28 -32.26
CA ILE D 57 4.78 25.42 -33.68
C ILE D 57 3.27 25.22 -33.85
N LYS D 58 2.59 26.25 -34.33
CA LYS D 58 1.17 26.19 -34.63
C LYS D 58 0.91 25.11 -35.68
N GLU D 59 -0.30 24.57 -35.69
CA GLU D 59 -0.62 23.45 -36.55
C GLU D 59 -0.63 23.84 -38.03
N ASP D 60 0.07 23.06 -38.86
CA ASP D 60 0.15 23.32 -40.30
C ASP D 60 0.57 22.01 -40.99
N ASN D 61 -0.39 21.33 -41.62
CA ASN D 61 -0.14 20.01 -42.17
C ASN D 61 0.47 20.02 -43.58
N ASP D 62 0.76 21.20 -44.15
CA ASP D 62 1.51 21.35 -45.39
C ASP D 62 2.99 21.57 -45.12
N ARG D 63 3.28 22.35 -44.09
CA ARG D 63 4.62 22.68 -43.66
C ARG D 63 5.11 21.75 -42.57
N TYR D 64 4.22 21.34 -41.66
CA TYR D 64 4.61 20.55 -40.49
C TYR D 64 3.72 19.33 -40.25
N PRO D 65 3.44 18.51 -41.28
CA PRO D 65 2.55 17.36 -41.04
C PRO D 65 3.12 16.35 -40.06
N MET D 66 4.44 16.23 -39.93
CA MET D 66 5.00 15.27 -39.00
C MET D 66 4.82 15.69 -37.56
N LEU D 67 4.29 16.89 -37.31
CA LEU D 67 3.96 17.34 -35.96
C LEU D 67 2.49 17.20 -35.62
N SER D 68 1.66 16.77 -36.58
CA SER D 68 0.21 16.92 -36.43
C SER D 68 -0.39 16.04 -35.32
N LYS D 69 0.20 14.89 -34.99
CA LYS D 69 -0.38 14.04 -33.97
C LYS D 69 0.29 14.23 -32.60
N GLN D 70 1.06 15.30 -32.42
CA GLN D 70 1.53 15.67 -31.08
C GLN D 70 1.08 17.07 -30.71
N VAL D 71 -0.05 17.49 -31.26
CA VAL D 71 -0.59 18.78 -30.89
C VAL D 71 -1.07 18.71 -29.44
N ILE D 72 -0.59 19.65 -28.64
CA ILE D 72 -1.01 19.85 -27.27
C ILE D 72 -1.61 21.26 -27.20
N ASP D 73 -2.17 21.58 -26.05
CA ASP D 73 -2.61 22.94 -25.76
C ASP D 73 -1.55 23.64 -24.92
N TYR D 74 -1.18 24.85 -25.34
CA TYR D 74 -0.23 25.66 -24.58
C TYR D 74 -0.77 27.06 -24.36
N GLU D 75 -1.21 27.38 -23.13
CA GLU D 75 -1.53 28.77 -22.86
C GLU D 75 -2.59 29.27 -23.85
N GLY D 76 -3.53 28.37 -24.18
CA GLY D 76 -4.68 28.60 -25.02
C GLY D 76 -4.51 28.32 -26.51
N GLN D 77 -3.29 28.07 -26.97
CA GLN D 77 -3.04 27.89 -28.38
C GLN D 77 -2.71 26.43 -28.68
N ARG D 78 -3.25 25.94 -29.80
CA ARG D 78 -2.96 24.59 -30.26
C ARG D 78 -1.65 24.56 -31.02
N GLY D 79 -0.74 23.67 -30.62
CA GLY D 79 0.47 23.47 -31.37
C GLY D 79 1.27 22.30 -30.85
N THR D 80 2.46 22.15 -31.40
CA THR D 80 3.33 21.03 -31.06
C THR D 80 4.59 21.61 -30.42
N ARG D 81 4.97 21.04 -29.28
CA ARG D 81 6.20 21.42 -28.62
C ARG D 81 7.31 20.50 -29.12
N LEU D 82 8.39 21.08 -29.61
CA LEU D 82 9.50 20.26 -30.07
C LEU D 82 10.37 19.90 -28.89
N ARG D 83 10.67 18.62 -28.76
CA ARG D 83 11.41 18.26 -27.58
C ARG D 83 12.24 16.98 -27.78
N THR D 84 13.21 16.78 -26.89
CA THR D 84 14.09 15.64 -27.01
C THR D 84 13.31 14.34 -27.09
N ALA D 85 13.69 13.51 -28.05
CA ALA D 85 12.97 12.30 -28.37
C ALA D 85 13.91 11.28 -28.95
N ARG D 86 13.42 10.06 -29.05
CA ARG D 86 14.16 8.94 -29.59
C ARG D 86 13.28 8.26 -30.61
N LEU D 87 13.73 8.22 -31.85
CA LEU D 87 12.96 7.69 -32.96
C LEU D 87 13.72 6.50 -33.54
N ARG D 88 13.07 5.34 -33.51
CA ARG D 88 13.69 4.11 -33.96
C ARG D 88 15.08 3.96 -33.34
N GLY D 89 15.18 4.30 -32.06
CA GLY D 89 16.41 4.23 -31.29
C GLY D 89 17.38 5.39 -31.46
N GLN D 90 17.12 6.32 -32.37
CA GLN D 90 18.06 7.42 -32.62
C GLN D 90 17.61 8.64 -31.83
N LEU D 91 18.47 9.14 -30.95
CA LEU D 91 18.16 10.40 -30.30
C LEU D 91 17.98 11.48 -31.37
N SER D 92 16.89 12.23 -31.26
CA SER D 92 16.61 13.29 -32.22
C SER D 92 16.14 14.52 -31.48
N GLN D 93 16.70 15.67 -31.82
CA GLN D 93 16.40 16.94 -31.18
C GLN D 93 16.20 17.97 -32.28
N GLY D 94 15.04 18.60 -32.29
CA GLY D 94 14.76 19.64 -33.25
C GLY D 94 14.02 19.13 -34.47
N LEU D 95 13.83 20.06 -35.42
CA LEU D 95 13.20 19.78 -36.70
C LEU D 95 14.00 20.48 -37.78
N PHE D 96 14.36 19.73 -38.81
CA PHE D 96 15.15 20.27 -39.91
C PHE D 96 14.34 20.05 -41.18
N LEU D 97 13.88 21.15 -41.79
CA LEU D 97 13.01 21.02 -42.95
C LEU D 97 13.61 21.73 -44.15
N PRO D 98 13.43 21.19 -45.36
CA PRO D 98 14.04 21.81 -46.54
C PRO D 98 13.42 23.16 -46.88
N MET D 99 14.24 23.98 -47.55
CA MET D 99 13.83 25.33 -47.92
C MET D 99 12.62 25.34 -48.86
N ASP D 100 12.47 24.31 -49.68
CA ASP D 100 11.41 24.33 -50.68
C ASP D 100 10.02 24.27 -50.06
N ARG D 101 9.91 24.06 -48.75
CA ARG D 101 8.63 24.08 -48.06
C ARG D 101 8.36 25.44 -47.43
N PHE D 102 9.24 26.40 -47.66
CA PHE D 102 9.10 27.76 -47.13
C PHE D 102 9.31 28.75 -48.23
N PRO D 103 8.33 28.96 -49.12
CA PRO D 103 8.48 29.93 -50.19
C PRO D 103 8.82 31.33 -49.70
N GLU D 104 8.31 31.75 -48.54
CA GLU D 104 8.57 33.10 -48.05
C GLU D 104 10.00 33.27 -47.50
N LEU D 105 10.76 32.19 -47.36
CA LEU D 105 12.15 32.26 -46.93
C LEU D 105 13.14 32.18 -48.10
N ALA D 106 12.66 32.31 -49.34
CA ALA D 106 13.51 32.12 -50.50
C ALA D 106 14.73 33.04 -50.51
N SER D 107 14.52 34.34 -50.30
CA SER D 107 15.66 35.27 -50.24
C SER D 107 16.52 35.12 -48.99
N ASN D 108 16.13 34.28 -48.03
CA ASN D 108 16.79 34.33 -46.73
C ASN D 108 18.10 33.56 -46.76
N GLN D 109 18.99 33.98 -45.89
CA GLN D 109 20.38 33.57 -45.79
C GLN D 109 20.59 32.44 -44.77
N VAL D 110 21.72 31.76 -44.91
CA VAL D 110 22.13 30.82 -43.87
C VAL D 110 22.59 31.65 -42.68
N GLY D 111 22.12 31.27 -41.48
CA GLY D 111 22.34 32.02 -40.26
C GLY D 111 21.22 32.98 -39.90
N ASP D 112 20.33 33.27 -40.84
CA ASP D 112 19.22 34.17 -40.54
C ASP D 112 18.35 33.58 -39.45
N ASP D 113 17.94 34.42 -38.51
CA ASP D 113 16.89 34.03 -37.59
C ASP D 113 15.54 34.20 -38.29
N VAL D 114 14.84 33.11 -38.53
CA VAL D 114 13.49 33.21 -39.10
C VAL D 114 12.42 32.83 -38.07
N THR D 115 12.76 32.93 -36.77
CA THR D 115 11.82 32.63 -35.69
C THR D 115 10.55 33.48 -35.79
N GLU D 116 10.72 34.80 -35.86
CA GLU D 116 9.54 35.65 -35.82
C GLU D 116 8.78 35.60 -37.13
N ILE D 117 9.50 35.42 -38.24
CA ILE D 117 8.86 35.32 -39.55
C ILE D 117 7.96 34.10 -39.62
N LEU D 118 8.35 33.01 -38.96
CA LEU D 118 7.63 31.75 -39.00
C LEU D 118 6.61 31.59 -37.86
N GLY D 119 6.40 32.61 -37.04
CA GLY D 119 5.39 32.49 -36.01
C GLY D 119 5.73 31.52 -34.90
N ILE D 120 7.00 31.22 -34.72
CA ILE D 120 7.43 30.23 -33.74
C ILE D 120 7.56 30.91 -32.37
N THR D 121 7.17 30.20 -31.31
CA THR D 121 7.30 30.73 -29.96
C THR D 121 8.02 29.72 -29.07
N LYS D 122 8.45 30.21 -27.91
CA LYS D 122 9.17 29.35 -26.97
C LYS D 122 8.19 28.72 -25.99
N TRP D 123 8.27 27.41 -25.86
CA TRP D 123 7.45 26.71 -24.89
C TRP D 123 8.11 26.73 -23.53
N GLU D 124 7.32 27.03 -22.50
CA GLU D 124 7.89 27.10 -21.16
C GLU D 124 7.00 26.40 -20.16
N PRO D 125 7.59 25.70 -19.19
CA PRO D 125 6.80 24.99 -18.19
C PRO D 125 5.96 25.97 -17.39
N PRO D 126 4.90 25.50 -16.74
CA PRO D 126 4.08 26.40 -15.94
C PRO D 126 4.84 27.04 -14.78
N ILE D 127 4.28 28.17 -14.37
CA ILE D 127 4.74 29.01 -13.28
C ILE D 127 3.92 28.73 -12.02
N SER D 128 4.64 28.64 -10.91
CA SER D 128 4.01 28.31 -9.65
C SER D 128 3.66 29.56 -8.83
N THR D 129 3.28 29.26 -7.61
CA THR D 129 2.81 30.26 -6.65
C THR D 129 3.78 31.41 -6.49
N ASN D 130 5.05 31.12 -6.25
CA ASN D 130 5.73 31.83 -5.21
C ASN D 130 6.91 32.66 -5.72
N LEU D 131 7.25 32.54 -7.03
CA LEU D 131 8.14 33.46 -7.73
C LEU D 131 7.49 34.31 -8.82
N SER D 132 6.27 33.98 -9.20
CA SER D 132 5.48 34.82 -10.09
C SER D 132 4.52 35.77 -9.33
N GLY D 133 5.09 36.84 -8.76
CA GLY D 133 4.33 37.87 -8.03
C GLY D 133 4.42 39.22 -8.73
N GLU D 134 3.93 40.30 -8.09
CA GLU D 134 3.54 41.55 -8.75
C GLU D 134 4.54 42.68 -8.67
N ILE D 135 5.00 43.06 -9.86
CA ILE D 135 6.14 43.92 -10.16
C ILE D 135 6.12 45.29 -9.49
N LEU D 136 7.34 45.78 -9.19
CA LEU D 136 7.58 47.21 -8.96
C LEU D 136 7.94 47.92 -10.25
N GLY D 137 8.71 47.24 -11.07
CA GLY D 137 9.23 47.70 -12.32
C GLY D 137 9.84 46.54 -13.06
N GLU D 138 10.42 46.86 -14.21
CA GLU D 138 11.02 45.90 -15.15
C GLU D 138 12.54 45.98 -15.28
N PHE D 139 13.07 44.90 -15.89
CA PHE D 139 14.47 44.53 -15.79
C PHE D 139 15.39 45.62 -16.26
N PRO D 140 16.32 46.06 -15.42
CA PRO D 140 17.15 47.22 -15.71
C PRO D 140 17.82 47.08 -17.07
N THR D 141 17.72 48.14 -17.87
CA THR D 141 18.37 48.14 -19.17
C THR D 141 19.88 47.90 -19.04
N PHE D 142 20.45 48.28 -17.91
CA PHE D 142 21.90 48.27 -17.71
C PHE D 142 22.42 46.97 -17.13
N ILE D 143 21.65 45.88 -17.22
CA ILE D 143 22.09 44.56 -16.78
C ILE D 143 21.79 43.53 -17.86
N SER D 144 22.78 42.72 -18.20
CA SER D 144 22.54 41.54 -19.02
C SER D 144 21.71 40.51 -18.24
N LYS D 145 20.97 39.70 -18.99
CA LYS D 145 20.17 38.62 -18.42
C LYS D 145 20.94 37.29 -18.41
N THR D 146 20.24 36.24 -17.96
CA THR D 146 20.86 35.00 -17.47
C THR D 146 21.15 33.95 -18.55
N ASP D 147 20.54 34.06 -19.73
CA ASP D 147 20.55 32.97 -20.70
C ASP D 147 21.97 32.67 -21.19
N GLN D 148 22.20 31.40 -21.53
CA GLN D 148 23.47 30.93 -22.05
C GLN D 148 23.25 30.23 -23.39
N GLU D 149 24.15 30.45 -24.33
CA GLU D 149 24.06 29.72 -25.59
C GLU D 149 24.49 28.28 -25.40
N ARG D 150 23.84 27.38 -26.14
CA ARG D 150 24.15 25.96 -26.05
C ARG D 150 25.35 25.64 -26.91
N VAL D 151 26.20 24.72 -26.40
CA VAL D 151 27.41 24.32 -27.11
C VAL D 151 27.09 23.81 -28.51
N GLN D 152 25.92 23.19 -28.68
CA GLN D 152 25.53 22.63 -29.97
C GLN D 152 25.47 23.68 -31.08
N ASN D 153 25.39 24.95 -30.72
CA ASN D 153 25.33 25.98 -31.74
C ASN D 153 26.66 26.71 -31.91
N LEU D 154 27.70 26.29 -31.21
CA LEU D 154 28.97 26.99 -31.16
C LEU D 154 30.13 26.13 -31.65
N ILE D 155 29.92 25.36 -32.70
CA ILE D 155 30.95 24.43 -33.16
C ILE D 155 32.13 25.22 -33.71
N PRO D 156 31.91 26.29 -34.51
CA PRO D 156 33.04 27.11 -34.91
C PRO D 156 33.73 27.76 -33.73
N GLN D 157 32.95 28.22 -32.74
CA GLN D 157 33.54 28.95 -31.63
C GLN D 157 34.29 28.03 -30.69
N ILE D 158 33.83 26.79 -30.53
CA ILE D 158 34.55 25.85 -29.68
C ILE D 158 35.90 25.51 -30.30
N GLU D 159 35.95 25.44 -31.64
CA GLU D 159 37.19 25.03 -32.29
C GLU D 159 38.23 26.15 -32.28
N GLU D 160 37.80 27.39 -32.48
CA GLU D 160 38.72 28.52 -32.41
C GLU D 160 39.11 28.83 -30.96
N ASN D 161 38.36 28.34 -29.99
CA ASN D 161 38.67 28.54 -28.58
C ASN D 161 39.49 27.39 -28.03
N LYS D 162 39.97 26.53 -28.91
CA LYS D 162 40.86 25.45 -28.53
C LYS D 162 42.09 26.01 -27.83
N GLY D 163 42.42 25.44 -26.67
CA GLY D 163 43.53 25.90 -25.87
C GLY D 163 43.14 26.80 -24.72
N GLN D 164 42.04 27.55 -24.84
CA GLN D 164 41.60 28.39 -23.75
C GLN D 164 41.19 27.55 -22.55
N LYS D 165 41.14 28.19 -21.38
CA LYS D 165 40.69 27.49 -20.18
C LYS D 165 39.42 28.13 -19.66
N PHE D 166 38.60 27.33 -18.99
CA PHE D 166 37.22 27.67 -18.65
C PHE D 166 36.91 27.30 -17.22
N GLU D 167 36.20 28.18 -16.52
CA GLU D 167 35.56 27.75 -15.28
C GLU D 167 34.38 26.86 -15.61
N VAL D 168 34.33 25.69 -14.98
CA VAL D 168 33.28 24.73 -15.19
C VAL D 168 32.42 24.70 -13.95
N THR D 169 31.13 24.91 -14.13
CA THR D 169 30.19 24.93 -13.03
C THR D 169 28.97 24.09 -13.39
N VAL D 170 28.31 23.57 -12.36
CA VAL D 170 27.12 22.74 -12.54
C VAL D 170 25.90 23.62 -12.81
N LYS D 171 25.16 23.29 -13.86
CA LYS D 171 23.92 23.99 -14.16
C LYS D 171 22.80 23.38 -13.35
N LEU D 172 22.13 24.21 -12.57
CA LEU D 172 21.02 23.74 -11.76
C LEU D 172 19.69 24.13 -12.37
N ASP D 173 18.65 23.40 -12.00
CA ASP D 173 17.33 23.62 -12.54
C ASP D 173 16.53 24.45 -11.54
N GLY D 174 16.48 25.77 -11.77
CA GLY D 174 15.67 26.67 -10.98
C GLY D 174 15.28 27.90 -11.77
N SER D 175 14.71 28.91 -11.11
CA SER D 175 14.23 30.10 -11.79
C SER D 175 15.22 31.23 -11.58
N SER D 176 15.46 32.02 -12.60
CA SER D 176 16.54 32.98 -12.51
C SER D 176 16.15 34.18 -11.66
N MET D 177 17.15 34.75 -10.98
CA MET D 177 16.95 35.75 -9.93
C MET D 177 18.20 36.61 -9.89
N THR D 178 18.02 37.94 -9.84
CA THR D 178 19.13 38.88 -9.88
C THR D 178 18.96 39.97 -8.82
N VAL D 179 19.99 40.17 -8.01
CA VAL D 179 20.07 41.29 -7.07
C VAL D 179 21.27 42.17 -7.43
N TYR D 180 21.02 43.45 -7.66
CA TYR D 180 22.00 44.39 -8.20
C TYR D 180 21.98 45.69 -7.39
N ARG D 181 23.03 46.48 -7.55
CA ARG D 181 23.16 47.77 -6.89
C ARG D 181 23.46 48.88 -7.89
N LYS D 182 22.63 49.93 -7.88
CA LYS D 182 22.91 51.20 -8.58
C LYS D 182 22.85 52.40 -7.60
N ASP D 183 23.98 52.63 -6.92
CA ASP D 183 24.32 53.82 -6.15
C ASP D 183 23.45 53.99 -4.91
N ASP D 184 22.18 53.62 -5.02
CA ASP D 184 21.37 53.96 -3.88
C ASP D 184 20.44 52.81 -3.65
N HIS D 185 20.01 52.24 -4.77
CA HIS D 185 18.93 51.30 -4.85
C HIS D 185 19.53 49.95 -5.13
N ILE D 186 19.15 48.92 -4.37
CA ILE D 186 19.49 47.54 -4.65
C ILE D 186 18.16 46.84 -4.90
N GLY D 187 18.10 46.05 -5.99
CA GLY D 187 16.84 45.62 -6.45
C GLY D 187 16.95 43.98 -6.74
N VAL D 188 15.79 43.45 -6.66
CA VAL D 188 15.64 41.98 -6.84
C VAL D 188 14.78 41.77 -8.08
N CYS D 189 15.19 40.81 -8.91
CA CYS D 189 14.44 40.56 -10.13
C CYS D 189 14.20 39.07 -10.35
N GLY D 190 13.11 38.80 -11.08
CA GLY D 190 12.87 37.51 -11.70
C GLY D 190 13.62 37.43 -13.01
N ARG D 191 12.99 36.75 -13.99
CA ARG D 191 13.54 36.57 -15.33
C ARG D 191 13.58 37.92 -16.06
N ASN D 192 12.46 38.67 -15.98
CA ASN D 192 12.13 39.87 -16.77
C ASN D 192 11.76 41.11 -15.98
N TRP D 193 11.51 40.98 -14.68
CA TRP D 193 10.90 42.07 -13.92
C TRP D 193 11.75 42.36 -12.69
N GLU D 194 11.82 43.63 -12.31
CA GLU D 194 12.40 43.97 -11.03
C GLU D 194 11.31 43.89 -9.96
N LEU D 195 11.65 43.25 -8.85
CA LEU D 195 10.72 43.03 -7.76
C LEU D 195 11.26 43.71 -6.51
N ARG D 196 10.37 44.23 -5.60
CA ARG D 196 9.08 43.83 -5.00
C ARG D 196 9.15 42.90 -3.79
N GLU D 197 9.58 43.47 -2.64
CA GLU D 197 9.70 42.78 -1.35
C GLU D 197 8.31 42.55 -0.79
N THR D 198 7.88 41.29 -0.74
CA THR D 198 6.63 40.88 -0.13
C THR D 198 6.90 39.77 0.88
N ALA D 199 5.96 39.61 1.83
CA ALA D 199 6.08 38.53 2.79
C ALA D 199 5.86 37.14 2.16
N THR D 200 4.95 37.02 1.19
CA THR D 200 4.69 35.68 0.65
C THR D 200 5.81 35.21 -0.26
N ASN D 201 6.45 36.11 -1.00
CA ASN D 201 7.31 35.71 -2.11
C ASN D 201 8.75 35.39 -1.73
N ALA D 202 9.29 34.33 -2.35
CA ALA D 202 10.59 33.77 -2.02
C ALA D 202 11.78 34.62 -2.50
N GLN D 203 11.66 35.32 -3.63
CA GLN D 203 12.83 35.95 -4.22
C GLN D 203 13.48 37.00 -3.32
N TRP D 204 12.68 37.89 -2.74
CA TRP D 204 13.25 38.76 -1.71
C TRP D 204 13.60 37.94 -0.46
N HIS D 205 12.76 36.94 -0.19
CA HIS D 205 12.97 36.00 0.92
C HIS D 205 14.36 35.38 0.87
N ALA D 206 14.71 34.71 -0.24
CA ALA D 206 16.02 34.07 -0.34
C ALA D 206 17.16 35.10 -0.41
N ALA D 207 16.94 36.21 -1.11
CA ALA D 207 17.99 37.23 -1.25
C ALA D 207 18.41 37.81 0.10
N ARG D 208 17.51 37.85 1.07
CA ARG D 208 17.87 38.45 2.34
C ARG D 208 18.19 37.45 3.43
N ARG D 209 17.87 36.16 3.28
CA ARG D 209 18.32 35.26 4.33
C ARG D 209 19.83 35.08 4.23
N ASN D 210 20.39 35.11 3.03
CA ASN D 210 21.85 35.27 2.94
C ASN D 210 22.27 36.71 3.15
N LYS D 211 21.34 37.67 3.09
CA LYS D 211 21.57 39.08 3.39
C LYS D 211 22.61 39.74 2.46
N MET D 212 22.27 39.83 1.17
CA MET D 212 23.21 40.43 0.21
C MET D 212 23.04 41.94 0.05
N ILE D 213 21.96 42.53 0.56
CA ILE D 213 21.89 43.99 0.47
C ILE D 213 22.98 44.64 1.30
N GLU D 214 23.14 44.25 2.58
CA GLU D 214 24.26 44.93 3.22
C GLU D 214 25.56 44.36 2.68
N GLY D 215 25.50 43.23 1.95
CA GLY D 215 26.67 42.79 1.22
C GLY D 215 26.90 43.64 -0.01
N LEU D 216 25.84 44.12 -0.67
CA LEU D 216 26.02 45.03 -1.80
C LEU D 216 26.19 46.46 -1.32
N GLN D 217 25.65 46.80 -0.16
CA GLN D 217 26.06 48.02 0.50
C GLN D 217 27.49 47.90 0.99
N PHE D 218 27.91 46.71 1.42
CA PHE D 218 29.28 46.56 1.92
C PHE D 218 30.29 46.76 0.81
N LEU D 219 30.11 46.07 -0.32
CA LEU D 219 31.07 46.28 -1.40
C LEU D 219 30.84 47.61 -2.10
N ASN D 220 29.61 48.13 -2.02
CA ASN D 220 29.28 49.51 -2.42
C ASN D 220 29.73 49.83 -3.84
N ARG D 221 29.69 48.84 -4.72
CA ARG D 221 30.00 49.06 -6.12
C ARG D 221 28.79 48.67 -6.94
N ASN D 222 28.76 49.15 -8.17
CA ASN D 222 27.60 48.92 -9.02
C ASN D 222 27.83 47.61 -9.77
N LEU D 223 27.32 46.54 -9.18
CA LEU D 223 27.54 45.17 -9.63
C LEU D 223 26.18 44.46 -9.61
N ALA D 224 26.06 43.41 -10.41
CA ALA D 224 24.82 42.65 -10.52
C ALA D 224 25.05 41.19 -10.16
N LEU D 225 24.39 40.72 -9.10
CA LEU D 225 24.50 39.34 -8.65
C LEU D 225 23.44 38.49 -9.33
N GLN D 226 23.86 37.50 -10.11
CA GLN D 226 22.97 36.70 -10.94
C GLN D 226 23.11 35.22 -10.58
N GLY D 227 21.98 34.56 -10.40
CA GLY D 227 22.01 33.14 -10.12
C GLY D 227 20.64 32.49 -10.18
N ALA D 228 20.53 31.33 -9.52
CA ALA D 228 19.35 30.49 -9.59
C ALA D 228 18.80 30.26 -8.18
N ILE D 229 17.49 30.23 -8.06
CA ILE D 229 16.82 29.96 -6.79
C ILE D 229 16.22 28.56 -6.91
N ILE D 230 16.37 27.71 -5.87
CA ILE D 230 15.83 26.34 -5.91
C ILE D 230 15.01 26.09 -4.66
N GLY D 231 13.97 25.28 -4.79
CA GLY D 231 13.19 24.91 -3.62
C GLY D 231 12.23 23.79 -3.91
N GLU D 232 11.30 23.57 -2.96
CA GLU D 232 10.58 22.30 -2.86
C GLU D 232 9.61 22.07 -4.04
N SER D 233 8.67 22.96 -4.26
CA SER D 233 7.80 22.82 -5.41
C SER D 233 8.29 23.64 -6.60
N ILE D 234 9.52 24.14 -6.52
CA ILE D 234 10.11 25.00 -7.54
C ILE D 234 10.81 24.09 -8.54
N GLN D 235 10.24 24.02 -9.75
CA GLN D 235 10.66 23.13 -10.83
C GLN D 235 11.11 21.79 -10.26
N GLY D 236 10.22 21.22 -9.45
CA GLY D 236 10.33 19.87 -8.95
C GLY D 236 11.23 19.67 -7.75
N ASN D 237 12.16 20.59 -7.49
CA ASN D 237 13.16 20.42 -6.43
C ASN D 237 13.84 19.07 -6.56
N LEU D 238 14.44 18.82 -7.72
CA LEU D 238 14.84 17.43 -7.81
C LEU D 238 16.14 17.20 -7.01
N GLU D 239 16.78 18.27 -6.50
CA GLU D 239 17.87 18.20 -5.53
C GLU D 239 17.39 18.49 -4.10
N LYS D 240 16.08 18.63 -3.93
CA LYS D 240 15.26 18.10 -2.84
C LYS D 240 15.50 18.67 -1.44
N LEU D 241 16.14 19.83 -1.28
CA LEU D 241 16.21 20.40 0.08
C LEU D 241 14.90 21.10 0.40
N LYS D 242 14.55 21.11 1.68
CA LYS D 242 13.37 21.84 2.11
C LYS D 242 13.73 23.28 2.41
N GLY D 243 13.11 24.18 1.66
CA GLY D 243 13.29 25.60 1.69
C GLY D 243 13.70 26.09 0.32
N GLN D 244 14.28 27.28 0.30
CA GLN D 244 14.74 27.87 -0.95
C GLN D 244 16.12 28.51 -0.76
N ASP D 245 16.86 28.59 -1.85
CA ASP D 245 18.16 29.23 -1.69
C ASP D 245 18.67 29.73 -3.04
N PHE D 246 19.42 30.81 -2.97
CA PHE D 246 20.00 31.42 -4.14
C PHE D 246 21.40 30.86 -4.36
N TYR D 247 21.74 30.57 -5.61
CA TYR D 247 23.07 30.14 -5.98
C TYR D 247 23.61 31.06 -7.07
N LEU D 248 24.72 31.73 -6.79
CA LEU D 248 25.27 32.66 -7.76
C LEU D 248 26.02 31.90 -8.84
N PHE D 249 25.96 32.40 -10.08
CA PHE D 249 26.85 31.94 -11.13
C PHE D 249 27.46 33.06 -11.97
N ASP D 250 27.04 34.31 -11.81
CA ASP D 250 27.64 35.40 -12.56
C ASP D 250 27.51 36.70 -11.77
N ILE D 251 28.41 37.63 -12.04
CA ILE D 251 28.29 38.99 -11.51
C ILE D 251 28.61 40.01 -12.61
N TYR D 252 27.65 40.90 -12.86
CA TYR D 252 27.75 41.88 -13.93
C TYR D 252 28.24 43.20 -13.34
N ASP D 253 29.33 43.73 -13.91
CA ASP D 253 29.78 45.09 -13.55
C ASP D 253 28.93 46.09 -14.31
N ILE D 254 28.03 46.75 -13.59
CA ILE D 254 27.16 47.72 -14.24
C ILE D 254 28.00 48.84 -14.84
N ASP D 255 29.01 49.30 -14.10
CA ASP D 255 29.79 50.47 -14.51
C ASP D 255 30.66 50.21 -15.74
N LYS D 256 31.29 49.05 -15.85
CA LYS D 256 32.16 48.81 -17.00
C LYS D 256 31.49 47.97 -18.10
N ALA D 257 30.18 47.73 -17.99
CA ALA D 257 29.41 46.94 -18.97
C ALA D 257 30.12 45.66 -19.36
N GLN D 258 30.47 44.88 -18.33
CA GLN D 258 31.19 43.63 -18.52
C GLN D 258 30.91 42.71 -17.36
N TYR D 259 31.16 41.42 -17.57
CA TYR D 259 30.91 40.38 -16.59
C TYR D 259 32.13 40.15 -15.72
N LEU D 260 31.90 39.77 -14.47
CA LEU D 260 32.99 39.31 -13.64
C LEU D 260 33.65 38.11 -14.31
N THR D 261 34.98 38.15 -14.41
CA THR D 261 35.72 36.93 -14.73
C THR D 261 35.44 35.86 -13.69
N PRO D 262 35.65 34.60 -14.05
CA PRO D 262 35.53 33.53 -13.04
C PRO D 262 36.37 33.80 -11.82
N ILE D 263 37.61 34.26 -12.03
CA ILE D 263 38.51 34.49 -10.90
C ILE D 263 38.13 35.77 -10.16
N GLU D 264 37.65 36.81 -10.86
CA GLU D 264 37.08 37.97 -10.18
C GLU D 264 35.86 37.54 -9.38
N ARG D 265 34.98 36.76 -9.99
CA ARG D 265 33.81 36.28 -9.27
C ARG D 265 34.18 35.47 -8.05
N GLN D 266 35.21 34.61 -8.17
CA GLN D 266 35.61 33.74 -7.08
C GLN D 266 36.19 34.51 -5.90
N SER D 267 37.04 35.51 -6.18
CA SER D 267 37.58 36.32 -5.09
C SER D 267 36.47 37.12 -4.41
N LEU D 268 35.45 37.55 -5.16
CA LEU D 268 34.38 38.35 -4.57
C LEU D 268 33.31 37.53 -3.85
N VAL D 269 33.05 36.29 -4.28
CA VAL D 269 32.23 35.44 -3.43
C VAL D 269 32.97 35.17 -2.13
N LYS D 270 34.28 34.89 -2.20
CA LYS D 270 35.08 34.78 -0.99
C LYS D 270 34.79 35.91 -0.02
N GLN D 271 35.04 37.12 -0.51
CA GLN D 271 34.96 38.33 0.30
C GLN D 271 33.65 38.40 1.07
N LEU D 272 32.55 38.14 0.37
CA LEU D 272 31.24 38.20 0.99
C LEU D 272 31.13 37.18 2.12
N ASN D 273 31.51 35.93 1.85
CA ASN D 273 31.46 34.93 2.89
C ASN D 273 32.39 35.30 4.03
N ASP D 274 33.60 35.77 3.70
CA ASP D 274 34.57 36.12 4.71
C ASP D 274 34.11 37.27 5.59
N ASN D 275 33.15 38.07 5.13
CA ASN D 275 32.58 39.15 5.91
C ASN D 275 31.19 38.82 6.45
N GLY D 276 30.82 37.55 6.44
CA GLY D 276 29.58 37.11 7.07
C GLY D 276 28.35 37.16 6.19
N PHE D 277 28.51 37.36 4.89
CA PHE D 277 27.38 37.42 3.96
C PHE D 277 27.30 36.04 3.32
N THR D 278 26.33 35.25 3.78
CA THR D 278 26.32 33.80 3.56
C THR D 278 25.78 33.46 2.16
N VAL D 279 26.53 33.91 1.16
CA VAL D 279 26.10 33.82 -0.24
C VAL D 279 26.70 32.55 -0.84
N LYS D 280 25.84 31.64 -1.29
CA LYS D 280 26.30 30.39 -1.86
C LYS D 280 26.43 30.47 -3.38
N HIS D 281 27.42 29.77 -3.89
CA HIS D 281 27.70 29.70 -5.31
C HIS D 281 27.28 28.33 -5.82
N VAL D 282 26.92 28.28 -7.10
CA VAL D 282 26.63 27.00 -7.74
C VAL D 282 27.91 26.18 -7.67
N PRO D 283 27.86 24.86 -7.60
CA PRO D 283 29.07 24.05 -7.51
C PRO D 283 30.08 24.36 -8.62
N ILE D 284 31.32 24.59 -8.21
CA ILE D 284 32.41 24.82 -9.13
C ILE D 284 33.20 23.53 -9.27
N LEU D 285 33.43 23.12 -10.51
CA LEU D 285 34.25 21.97 -10.76
C LEU D 285 35.62 22.46 -11.19
N ASP D 286 36.49 21.54 -11.59
CA ASP D 286 37.84 21.92 -11.97
C ASP D 286 37.82 22.67 -13.29
N ASP D 287 38.75 23.61 -13.43
CA ASP D 287 38.86 24.33 -14.69
C ASP D 287 39.13 23.38 -15.84
N LEU D 288 38.77 23.81 -17.04
CA LEU D 288 38.96 22.97 -18.20
C LEU D 288 39.72 23.71 -19.29
N GLU D 289 40.66 22.97 -19.85
CA GLU D 289 41.45 23.28 -21.02
C GLU D 289 40.75 22.77 -22.30
N LEU D 290 40.23 23.70 -23.09
CA LEU D 290 39.37 23.31 -24.21
C LEU D 290 40.19 22.75 -25.38
N ASN D 291 40.05 21.45 -25.64
CA ASN D 291 40.51 20.89 -26.91
C ASN D 291 39.52 19.81 -27.33
N HIS D 292 38.24 20.16 -27.27
CA HIS D 292 37.18 19.17 -27.32
C HIS D 292 36.24 19.51 -28.45
N THR D 293 35.63 18.46 -28.99
CA THR D 293 34.45 18.59 -29.82
C THR D 293 33.25 18.86 -28.92
N ALA D 294 32.22 19.48 -29.52
CA ALA D 294 30.97 19.63 -28.79
C ALA D 294 30.45 18.29 -28.27
N GLU D 295 30.64 17.21 -29.03
CA GLU D 295 29.98 15.96 -28.66
C GLU D 295 30.59 15.45 -27.36
N GLN D 296 31.88 15.75 -27.15
CA GLN D 296 32.61 15.36 -25.94
C GLN D 296 32.30 16.29 -24.77
N ILE D 297 32.17 17.59 -25.04
CA ILE D 297 31.66 18.50 -24.02
C ILE D 297 30.30 18.03 -23.56
N LEU D 298 29.46 17.60 -24.49
CA LEU D 298 28.16 17.06 -24.11
C LEU D 298 28.29 15.79 -23.29
N ALA D 299 29.30 14.98 -23.57
CA ALA D 299 29.53 13.77 -22.77
C ALA D 299 29.86 14.12 -21.33
N MET D 300 30.56 15.23 -21.14
CA MET D 300 30.90 15.74 -19.82
C MET D 300 29.70 16.31 -19.06
N ALA D 301 28.66 16.70 -19.78
CA ALA D 301 27.52 17.32 -19.12
C ALA D 301 26.92 16.39 -18.10
N ASP D 302 26.99 15.10 -18.36
CA ASP D 302 26.28 14.12 -17.57
C ASP D 302 27.07 13.92 -16.26
N GLY D 303 26.38 13.62 -15.16
CA GLY D 303 27.07 13.52 -13.88
C GLY D 303 26.28 13.94 -12.62
N PRO D 304 26.92 13.94 -11.46
CA PRO D 304 26.20 14.30 -10.23
C PRO D 304 25.99 15.80 -10.07
N SER D 305 24.93 16.16 -9.36
CA SER D 305 24.53 17.53 -9.15
C SER D 305 25.00 18.04 -7.79
N LEU D 306 24.49 19.21 -7.39
CA LEU D 306 24.78 19.73 -6.05
C LEU D 306 24.34 18.73 -4.98
N ASN D 307 23.12 18.21 -5.10
CA ASN D 307 22.86 16.97 -4.37
C ASN D 307 23.64 15.87 -5.08
N LYS D 308 24.71 15.37 -4.47
CA LYS D 308 25.57 14.40 -5.16
C LYS D 308 24.96 13.01 -5.33
N ASN D 309 23.75 12.74 -4.82
CA ASN D 309 23.17 11.44 -5.15
C ASN D 309 22.21 11.45 -6.34
N VAL D 310 21.90 12.61 -6.90
CA VAL D 310 21.08 12.71 -8.11
C VAL D 310 21.87 13.44 -9.18
N LYS D 311 21.61 13.07 -10.44
CA LYS D 311 22.32 13.72 -11.53
C LYS D 311 21.61 14.95 -12.08
N ARG D 312 22.45 15.89 -12.53
CA ARG D 312 22.24 17.31 -12.78
C ARG D 312 21.70 17.61 -14.18
N GLU D 313 21.23 18.85 -14.34
CA GLU D 313 20.75 19.33 -15.63
C GLU D 313 21.89 19.52 -16.65
N GLY D 314 23.09 19.89 -16.21
CA GLY D 314 24.19 20.04 -17.13
C GLY D 314 25.34 20.82 -16.52
N LEU D 315 26.15 21.42 -17.39
CA LEU D 315 27.29 22.24 -16.99
C LEU D 315 27.26 23.57 -17.73
N VAL D 316 27.86 24.57 -17.09
CA VAL D 316 28.08 25.86 -17.72
C VAL D 316 29.58 26.08 -17.77
N PHE D 317 30.05 26.68 -18.86
CA PHE D 317 31.46 26.94 -19.07
C PHE D 317 31.62 28.42 -19.30
N LYS D 318 32.49 29.05 -18.51
CA LYS D 318 32.80 30.45 -18.73
C LYS D 318 34.31 30.63 -18.77
N ARG D 319 34.79 31.33 -19.79
CA ARG D 319 36.22 31.47 -20.00
C ARG D 319 36.85 32.31 -18.90
N LEU D 320 38.10 32.01 -18.57
CA LEU D 320 38.73 32.65 -17.43
C LEU D 320 38.85 34.16 -17.62
N ASP D 321 38.94 34.63 -18.87
CA ASP D 321 38.88 36.07 -19.08
C ASP D 321 37.47 36.62 -18.87
N GLY D 322 36.47 35.76 -18.69
CA GLY D 322 35.10 36.21 -18.57
C GLY D 322 34.53 36.70 -19.87
N LYS D 323 35.01 36.19 -21.00
CA LYS D 323 34.70 36.88 -22.25
C LYS D 323 34.06 35.96 -23.31
N PHE D 324 33.58 34.79 -22.89
CA PHE D 324 32.87 33.82 -23.72
C PHE D 324 32.23 32.77 -22.80
N SER D 325 30.91 32.57 -22.87
CA SER D 325 30.26 31.59 -21.99
C SER D 325 29.27 30.77 -22.79
N PHE D 326 28.93 29.60 -22.25
CA PHE D 326 27.96 28.71 -22.85
C PHE D 326 27.62 27.60 -21.86
N LYS D 327 26.52 26.92 -22.13
CA LYS D 327 26.10 25.77 -21.35
C LYS D 327 26.13 24.50 -22.21
N ALA D 328 26.31 23.37 -21.55
CA ALA D 328 26.13 22.06 -22.17
C ALA D 328 25.13 21.30 -21.31
N ILE D 329 23.90 21.15 -21.82
CA ILE D 329 22.83 20.51 -21.07
C ILE D 329 22.91 19.00 -21.27
N SER D 330 22.75 18.27 -20.16
CA SER D 330 22.82 16.81 -20.20
C SER D 330 21.64 16.23 -20.99
N ASN D 331 21.94 15.44 -22.01
CA ASN D 331 20.88 14.80 -22.78
C ASN D 331 20.25 13.65 -22.00
N ALA D 332 21.00 13.04 -21.09
CA ALA D 332 20.39 12.09 -20.18
C ALA D 332 19.32 12.76 -19.33
N TYR D 333 19.60 13.96 -18.85
CA TYR D 333 18.63 14.68 -18.02
C TYR D 333 17.40 15.04 -18.84
N LEU D 334 17.62 15.46 -20.09
CA LEU D 334 16.52 15.82 -20.98
C LEU D 334 15.57 14.64 -21.21
N GLU D 335 16.12 13.44 -21.34
CA GLU D 335 15.27 12.28 -21.54
C GLU D 335 14.58 11.83 -20.26
N LYS D 336 15.20 11.98 -19.09
CA LYS D 336 14.50 11.47 -17.92
C LYS D 336 13.40 12.42 -17.47
N HIS D 337 13.62 13.73 -17.54
CA HIS D 337 12.63 14.71 -17.10
C HIS D 337 11.98 15.22 -18.37
N LYS D 338 10.82 14.66 -18.69
CA LYS D 338 10.33 14.72 -20.04
C LYS D 338 9.35 15.86 -20.34
N ASP D 339 8.96 16.65 -19.34
CA ASP D 339 8.21 17.90 -19.48
C ASP D 339 9.08 19.16 -19.36
N ARG D 340 10.34 19.09 -19.77
CA ARG D 340 11.36 20.04 -19.36
C ARG D 340 12.47 20.34 -20.38
#